data_2ENV
#
_entry.id   2ENV
#
loop_
_entity.id
_entity.type
_entity.pdbx_description
1 polymer 'Peroxisome proliferator-activated receptor delta'
2 non-polymer 'ZINC ION'
#
_entity_poly.entity_id   1
_entity_poly.type   'polypeptide(L)'
_entity_poly.pdbx_seq_one_letter_code
;GSSGSSGMECRVCGDKASGFHYGVHACEGCKGFFRRTIRMKLEYEKCERSCKIQKKNRNKCQYCRFQKCLALGMSHNAIR
FGSGPSSG
;
_entity_poly.pdbx_strand_id   A
#
# COMPACT_ATOMS: atom_id res chain seq x y z
N GLY A 1 25.09 8.86 2.49
CA GLY A 1 24.84 8.57 3.89
C GLY A 1 24.57 7.10 4.14
N SER A 2 23.51 6.59 3.51
CA SER A 2 23.14 5.18 3.68
C SER A 2 23.44 4.70 5.09
N SER A 3 23.13 5.53 6.07
CA SER A 3 23.38 5.19 7.47
C SER A 3 22.14 4.56 8.10
N GLY A 4 22.30 4.03 9.31
CA GLY A 4 21.19 3.40 10.00
C GLY A 4 19.96 4.29 10.03
N SER A 5 18.88 3.77 10.59
CA SER A 5 17.63 4.51 10.68
C SER A 5 16.90 4.21 11.99
N SER A 6 16.38 5.25 12.63
CA SER A 6 15.68 5.10 13.89
C SER A 6 14.27 5.69 13.80
N GLY A 7 13.33 4.89 13.34
CA GLY A 7 11.96 5.34 13.21
C GLY A 7 11.05 4.29 12.60
N MET A 8 10.01 4.74 11.90
CA MET A 8 9.06 3.83 11.27
C MET A 8 9.38 3.67 9.78
N GLU A 9 9.18 2.46 9.27
CA GLU A 9 9.44 2.17 7.86
C GLU A 9 8.24 1.48 7.22
N CYS A 10 7.99 1.82 5.95
CA CYS A 10 6.86 1.23 5.22
C CYS A 10 6.85 -0.28 5.37
N ARG A 11 5.65 -0.86 5.34
CA ARG A 11 5.50 -2.31 5.47
C ARG A 11 5.29 -2.96 4.12
N VAL A 12 4.80 -2.18 3.15
CA VAL A 12 4.57 -2.69 1.80
C VAL A 12 5.88 -2.85 1.04
N CYS A 13 6.61 -1.75 0.88
CA CYS A 13 7.88 -1.78 0.17
C CYS A 13 9.05 -1.77 1.15
N GLY A 14 8.97 -0.90 2.14
CA GLY A 14 10.03 -0.81 3.13
C GLY A 14 10.49 0.61 3.36
N ASP A 15 10.58 1.39 2.29
CA ASP A 15 11.02 2.77 2.38
C ASP A 15 10.32 3.49 3.53
N LYS A 16 11.01 4.47 4.11
CA LYS A 16 10.46 5.23 5.23
C LYS A 16 8.95 5.43 5.07
N ALA A 17 8.21 5.19 6.15
CA ALA A 17 6.76 5.34 6.13
C ALA A 17 6.35 6.74 6.57
N SER A 18 5.26 7.24 6.00
CA SER A 18 4.76 8.57 6.35
C SER A 18 4.03 8.55 7.69
N GLY A 19 3.42 7.41 8.01
CA GLY A 19 2.70 7.28 9.25
C GLY A 19 1.62 6.21 9.20
N PHE A 20 0.73 6.22 10.19
CA PHE A 20 -0.35 5.24 10.24
C PHE A 20 -1.33 5.44 9.10
N HIS A 21 -1.45 4.43 8.24
CA HIS A 21 -2.36 4.50 7.10
C HIS A 21 -3.07 3.17 6.89
N TYR A 22 -4.37 3.15 7.15
CA TYR A 22 -5.17 1.94 6.99
C TYR A 22 -4.71 0.85 7.96
N GLY A 23 -4.21 1.28 9.12
CA GLY A 23 -3.73 0.33 10.12
C GLY A 23 -2.27 -0.02 9.94
N VAL A 24 -1.85 -0.15 8.69
CA VAL A 24 -0.45 -0.47 8.38
C VAL A 24 0.34 0.77 8.03
N HIS A 25 1.55 0.88 8.58
CA HIS A 25 2.41 2.01 8.32
C HIS A 25 2.99 1.96 6.92
N ALA A 26 2.29 2.58 5.96
CA ALA A 26 2.75 2.59 4.58
C ALA A 26 3.31 3.96 4.20
N CYS A 27 4.05 4.01 3.10
CA CYS A 27 4.65 5.24 2.63
C CYS A 27 3.73 5.95 1.62
N GLU A 28 4.11 7.15 1.23
CA GLU A 28 3.33 7.93 0.27
C GLU A 28 3.11 7.14 -1.01
N GLY A 29 4.21 6.61 -1.57
CA GLY A 29 4.12 5.85 -2.80
C GLY A 29 3.11 4.72 -2.71
N CYS A 30 3.43 3.70 -1.92
CA CYS A 30 2.54 2.56 -1.76
C CYS A 30 1.10 3.01 -1.49
N LYS A 31 0.92 3.72 -0.38
CA LYS A 31 -0.40 4.23 -0.01
C LYS A 31 -1.18 4.67 -1.24
N GLY A 32 -0.60 5.60 -2.01
CA GLY A 32 -1.25 6.09 -3.20
C GLY A 32 -1.79 4.97 -4.08
N PHE A 33 -0.94 4.00 -4.37
CA PHE A 33 -1.34 2.86 -5.20
C PHE A 33 -2.57 2.18 -4.64
N PHE A 34 -2.49 1.76 -3.39
CA PHE A 34 -3.61 1.09 -2.72
C PHE A 34 -4.91 1.88 -2.92
N ARG A 35 -5.01 3.01 -2.24
CA ARG A 35 -6.20 3.86 -2.34
C ARG A 35 -6.70 3.93 -3.79
N ARG A 36 -5.78 4.20 -4.71
CA ARG A 36 -6.13 4.30 -6.12
C ARG A 36 -6.87 3.05 -6.59
N THR A 37 -6.28 1.88 -6.31
CA THR A 37 -6.88 0.61 -6.69
C THR A 37 -8.28 0.46 -6.11
N ILE A 38 -8.54 1.15 -5.01
CA ILE A 38 -9.84 1.09 -4.36
C ILE A 38 -10.82 2.09 -4.99
N ARG A 39 -10.51 3.37 -4.84
CA ARG A 39 -11.35 4.43 -5.39
C ARG A 39 -11.66 4.16 -6.86
N MET A 40 -10.69 3.59 -7.58
CA MET A 40 -10.85 3.28 -8.99
C MET A 40 -11.42 1.87 -9.18
N LYS A 41 -11.31 1.05 -8.13
CA LYS A 41 -11.81 -0.32 -8.18
C LYS A 41 -11.17 -1.09 -9.33
N LEU A 42 -9.87 -0.91 -9.51
CA LEU A 42 -9.14 -1.59 -10.57
C LEU A 42 -8.82 -3.03 -10.19
N GLU A 43 -8.88 -3.93 -11.16
CA GLU A 43 -8.60 -5.34 -10.92
C GLU A 43 -7.24 -5.73 -11.51
N TYR A 44 -6.76 -6.91 -11.13
CA TYR A 44 -5.47 -7.40 -11.62
C TYR A 44 -5.48 -8.92 -11.74
N GLU A 45 -4.64 -9.44 -12.62
CA GLU A 45 -4.55 -10.89 -12.84
C GLU A 45 -3.71 -11.55 -11.75
N LYS A 46 -4.16 -12.72 -11.29
CA LYS A 46 -3.45 -13.46 -10.26
C LYS A 46 -2.01 -13.76 -10.69
N CYS A 47 -1.05 -13.17 -9.98
CA CYS A 47 0.35 -13.38 -10.28
C CYS A 47 0.93 -14.51 -9.43
N GLU A 48 0.95 -15.71 -10.00
CA GLU A 48 1.48 -16.87 -9.29
C GLU A 48 2.91 -16.63 -8.82
N ARG A 49 3.73 -16.07 -9.71
CA ARG A 49 5.13 -15.78 -9.38
C ARG A 49 5.25 -15.28 -7.95
N SER A 50 4.21 -14.61 -7.47
CA SER A 50 4.21 -14.07 -6.11
C SER A 50 5.43 -13.18 -5.88
N CYS A 51 5.65 -12.24 -6.80
CA CYS A 51 6.78 -11.32 -6.69
C CYS A 51 6.90 -10.78 -5.28
N LYS A 52 8.01 -10.09 -5.01
CA LYS A 52 8.27 -9.52 -3.70
C LYS A 52 8.46 -8.01 -3.79
N ILE A 53 7.48 -7.26 -3.30
CA ILE A 53 7.54 -5.80 -3.33
C ILE A 53 8.70 -5.29 -2.50
N GLN A 54 9.70 -4.72 -3.17
CA GLN A 54 10.88 -4.19 -2.49
C GLN A 54 11.12 -2.73 -2.88
N LYS A 55 11.89 -2.02 -2.06
CA LYS A 55 12.20 -0.62 -2.32
C LYS A 55 12.91 -0.45 -3.66
N LYS A 56 14.02 -1.16 -3.82
CA LYS A 56 14.79 -1.10 -5.06
C LYS A 56 13.88 -1.26 -6.27
N ASN A 57 12.91 -2.16 -6.17
CA ASN A 57 11.97 -2.40 -7.26
C ASN A 57 10.53 -2.42 -6.75
N ARG A 58 9.93 -1.24 -6.65
CA ARG A 58 8.56 -1.12 -6.18
C ARG A 58 7.57 -1.22 -7.34
N ASN A 59 7.80 -0.42 -8.38
CA ASN A 59 6.94 -0.42 -9.55
C ASN A 59 7.26 -1.60 -10.47
N LYS A 60 7.35 -2.79 -9.88
CA LYS A 60 7.65 -3.99 -10.65
C LYS A 60 6.38 -4.73 -11.01
N CYS A 61 5.67 -5.23 -10.01
CA CYS A 61 4.42 -5.96 -10.22
C CYS A 61 3.24 -5.21 -9.62
N GLN A 62 2.10 -5.30 -10.30
CA GLN A 62 0.89 -4.62 -9.84
C GLN A 62 0.10 -5.51 -8.88
N TYR A 63 -0.39 -6.64 -9.39
CA TYR A 63 -1.17 -7.57 -8.58
C TYR A 63 -0.50 -7.78 -7.23
N CYS A 64 0.69 -8.37 -7.25
CA CYS A 64 1.44 -8.63 -6.02
C CYS A 64 1.39 -7.42 -5.08
N ARG A 65 1.64 -6.24 -5.64
CA ARG A 65 1.63 -5.01 -4.85
C ARG A 65 0.32 -4.87 -4.09
N PHE A 66 -0.79 -4.84 -4.82
CA PHE A 66 -2.10 -4.70 -4.20
C PHE A 66 -2.35 -5.82 -3.18
N GLN A 67 -1.90 -7.02 -3.52
CA GLN A 67 -2.08 -8.18 -2.64
C GLN A 67 -1.37 -7.95 -1.31
N LYS A 68 -0.08 -7.66 -1.38
CA LYS A 68 0.72 -7.41 -0.19
C LYS A 68 -0.02 -6.51 0.79
N CYS A 69 -0.64 -5.45 0.26
CA CYS A 69 -1.39 -4.52 1.08
C CYS A 69 -2.47 -5.23 1.87
N LEU A 70 -3.23 -6.07 1.19
CA LEU A 70 -4.32 -6.81 1.83
C LEU A 70 -3.77 -7.77 2.88
N ALA A 71 -2.72 -8.51 2.52
CA ALA A 71 -2.10 -9.46 3.43
C ALA A 71 -1.70 -8.79 4.74
N LEU A 72 -1.12 -7.60 4.64
CA LEU A 72 -0.68 -6.85 5.82
C LEU A 72 -1.87 -6.49 6.69
N GLY A 73 -3.04 -6.31 6.07
CA GLY A 73 -4.24 -5.96 6.81
C GLY A 73 -4.69 -4.54 6.55
N MET A 74 -4.61 -4.13 5.30
CA MET A 74 -5.02 -2.77 4.92
C MET A 74 -6.53 -2.64 4.90
N SER A 75 -7.06 -1.80 5.78
CA SER A 75 -8.51 -1.59 5.87
C SER A 75 -9.04 -0.93 4.60
N HIS A 76 -9.91 -1.64 3.89
CA HIS A 76 -10.49 -1.11 2.65
C HIS A 76 -11.76 -0.33 2.95
N ASN A 77 -12.43 -0.66 4.05
CA ASN A 77 -13.66 0.01 4.43
C ASN A 77 -13.35 1.28 5.24
N ALA A 78 -12.31 2.00 4.83
CA ALA A 78 -11.91 3.23 5.50
C ALA A 78 -11.79 4.38 4.52
N ILE A 79 -11.51 4.06 3.27
CA ILE A 79 -11.38 5.07 2.22
C ILE A 79 -12.49 6.10 2.32
N ARG A 80 -13.70 5.64 2.56
CA ARG A 80 -14.86 6.52 2.68
C ARG A 80 -14.86 7.25 4.02
N PHE A 81 -14.14 8.36 4.08
CA PHE A 81 -14.06 9.16 5.31
C PHE A 81 -13.65 10.59 5.00
N GLY A 82 -14.56 11.52 5.28
CA GLY A 82 -14.28 12.93 5.03
C GLY A 82 -13.76 13.17 3.62
N SER A 83 -14.66 13.24 2.66
CA SER A 83 -14.28 13.47 1.27
C SER A 83 -15.12 14.58 0.65
N GLY A 84 -14.58 15.22 -0.37
CA GLY A 84 -15.30 16.29 -1.04
C GLY A 84 -16.59 15.82 -1.67
N PRO A 85 -17.61 16.70 -1.68
CA PRO A 85 -18.93 16.39 -2.24
C PRO A 85 -18.89 16.28 -3.76
N SER A 86 -19.05 15.07 -4.27
CA SER A 86 -19.03 14.84 -5.71
C SER A 86 -20.38 14.32 -6.20
N SER A 87 -20.69 14.59 -7.46
CA SER A 87 -21.95 14.16 -8.04
C SER A 87 -22.30 12.75 -7.61
N GLY A 88 -23.30 12.63 -6.74
CA GLY A 88 -23.72 11.33 -6.26
C GLY A 88 -24.63 10.60 -7.24
N GLY A 1 22.23 5.50 4.06
CA GLY A 1 21.80 6.85 3.74
C GLY A 1 20.75 7.35 4.70
N SER A 2 21.13 7.52 5.97
CA SER A 2 20.21 8.00 6.99
C SER A 2 20.89 9.02 7.90
N SER A 3 20.09 9.89 8.50
CA SER A 3 20.63 10.92 9.39
C SER A 3 20.42 10.53 10.85
N GLY A 4 20.67 9.26 11.16
CA GLY A 4 20.51 8.77 12.52
C GLY A 4 20.00 7.34 12.57
N SER A 5 19.40 6.97 13.70
CA SER A 5 18.87 5.63 13.87
C SER A 5 17.69 5.39 12.94
N SER A 6 17.36 4.11 12.74
CA SER A 6 16.25 3.74 11.87
C SER A 6 14.94 3.69 12.64
N GLY A 7 13.85 4.11 12.00
CA GLY A 7 12.55 4.11 12.65
C GLY A 7 11.45 3.64 11.73
N MET A 8 10.31 4.31 11.79
CA MET A 8 9.16 3.96 10.95
C MET A 8 9.61 3.63 9.53
N GLU A 9 9.19 2.47 9.04
CA GLU A 9 9.55 2.04 7.69
C GLU A 9 8.39 1.29 7.04
N CYS A 10 8.01 1.74 5.84
CA CYS A 10 6.91 1.11 5.10
C CYS A 10 7.05 -0.41 5.13
N ARG A 11 5.91 -1.11 5.09
CA ARG A 11 5.90 -2.56 5.10
C ARG A 11 5.72 -3.12 3.70
N VAL A 12 5.03 -2.37 2.86
CA VAL A 12 4.78 -2.78 1.48
C VAL A 12 6.07 -2.78 0.66
N CYS A 13 6.80 -1.68 0.72
CA CYS A 13 8.05 -1.55 -0.01
C CYS A 13 9.25 -1.68 0.93
N GLY A 14 9.19 -0.98 2.05
CA GLY A 14 10.28 -1.04 3.02
C GLY A 14 10.86 0.33 3.32
N ASP A 15 10.86 1.20 2.31
CA ASP A 15 11.40 2.54 2.47
C ASP A 15 10.82 3.22 3.70
N LYS A 16 11.33 4.40 4.04
CA LYS A 16 10.86 5.15 5.19
C LYS A 16 9.43 5.63 4.98
N ALA A 17 8.51 5.06 5.76
CA ALA A 17 7.10 5.43 5.67
C ALA A 17 6.90 6.93 5.94
N SER A 18 5.67 7.39 5.80
CA SER A 18 5.35 8.79 6.04
C SER A 18 4.26 8.93 7.10
N GLY A 19 3.25 8.06 7.02
CA GLY A 19 2.16 8.11 7.98
C GLY A 19 1.55 6.74 8.23
N PHE A 20 0.68 6.65 9.23
CA PHE A 20 0.04 5.39 9.57
C PHE A 20 -1.37 5.33 8.99
N HIS A 21 -1.48 4.82 7.76
CA HIS A 21 -2.78 4.71 7.09
C HIS A 21 -3.24 3.26 7.06
N TYR A 22 -4.55 3.06 7.19
CA TYR A 22 -5.12 1.72 7.18
C TYR A 22 -4.55 0.87 8.31
N GLY A 23 -4.12 1.54 9.38
CA GLY A 23 -3.57 0.83 10.52
C GLY A 23 -2.29 0.08 10.18
N VAL A 24 -1.63 0.51 9.10
CA VAL A 24 -0.39 -0.12 8.66
C VAL A 24 0.64 0.91 8.22
N HIS A 25 1.82 0.85 8.81
CA HIS A 25 2.89 1.79 8.47
C HIS A 25 3.20 1.75 6.98
N ALA A 26 2.61 2.67 6.24
CA ALA A 26 2.82 2.75 4.79
C ALA A 26 3.37 4.11 4.39
N CYS A 27 4.04 4.14 3.23
CA CYS A 27 4.63 5.38 2.73
C CYS A 27 3.69 6.05 1.72
N GLU A 28 3.85 7.36 1.56
CA GLU A 28 3.02 8.12 0.62
C GLU A 28 2.84 7.34 -0.69
N GLY A 29 3.94 6.79 -1.19
CA GLY A 29 3.88 6.03 -2.43
C GLY A 29 2.86 4.90 -2.38
N CYS A 30 3.19 3.85 -1.63
CA CYS A 30 2.31 2.71 -1.50
C CYS A 30 0.91 3.14 -1.07
N LYS A 31 0.84 3.84 0.06
CA LYS A 31 -0.43 4.32 0.58
C LYS A 31 -1.38 4.71 -0.55
N GLY A 32 -0.88 5.55 -1.46
CA GLY A 32 -1.70 5.98 -2.58
C GLY A 32 -2.14 4.83 -3.46
N PHE A 33 -1.19 3.96 -3.82
CA PHE A 33 -1.48 2.81 -4.67
C PHE A 33 -2.76 2.12 -4.21
N PHE A 34 -2.70 1.53 -3.02
CA PHE A 34 -3.85 0.82 -2.46
C PHE A 34 -5.15 1.59 -2.73
N ARG A 35 -5.28 2.77 -2.14
CA ARG A 35 -6.47 3.59 -2.31
C ARG A 35 -6.84 3.68 -3.79
N ARG A 36 -5.93 4.20 -4.60
CA ARG A 36 -6.18 4.34 -6.03
C ARG A 36 -6.90 3.12 -6.59
N THR A 37 -6.37 1.94 -6.30
CA THR A 37 -6.96 0.69 -6.77
C THR A 37 -8.39 0.56 -6.30
N ILE A 38 -8.66 0.98 -5.07
CA ILE A 38 -10.00 0.92 -4.51
C ILE A 38 -10.92 1.94 -5.16
N ARG A 39 -10.55 3.21 -5.06
CA ARG A 39 -11.34 4.29 -5.64
C ARG A 39 -11.52 4.08 -7.15
N MET A 40 -10.55 3.44 -7.77
CA MET A 40 -10.61 3.17 -9.21
C MET A 40 -10.95 1.71 -9.47
N LYS A 41 -11.15 0.94 -8.40
CA LYS A 41 -11.49 -0.47 -8.51
C LYS A 41 -10.66 -1.13 -9.61
N LEU A 42 -9.42 -0.70 -9.75
CA LEU A 42 -8.51 -1.25 -10.76
C LEU A 42 -8.35 -2.76 -10.57
N GLU A 43 -8.60 -3.51 -11.64
CA GLU A 43 -8.47 -4.96 -11.58
C GLU A 43 -7.13 -5.41 -12.16
N TYR A 44 -6.47 -6.33 -11.46
CA TYR A 44 -5.18 -6.84 -11.90
C TYR A 44 -5.27 -8.33 -12.23
N GLU A 45 -4.23 -8.86 -12.85
CA GLU A 45 -4.18 -10.27 -13.21
C GLU A 45 -3.57 -11.11 -12.08
N LYS A 46 -4.26 -12.19 -11.72
CA LYS A 46 -3.79 -13.07 -10.65
C LYS A 46 -2.33 -13.44 -10.87
N CYS A 47 -1.49 -13.16 -9.86
CA CYS A 47 -0.08 -13.48 -9.94
C CYS A 47 0.32 -14.48 -8.87
N GLU A 48 0.41 -15.76 -9.26
CA GLU A 48 0.77 -16.81 -8.33
C GLU A 48 2.21 -16.62 -7.83
N ARG A 49 3.10 -16.26 -8.74
CA ARG A 49 4.51 -16.05 -8.39
C ARG A 49 4.64 -15.47 -6.99
N SER A 50 3.79 -14.50 -6.68
CA SER A 50 3.81 -13.85 -5.37
C SER A 50 5.02 -12.93 -5.24
N CYS A 51 5.33 -12.22 -6.32
CA CYS A 51 6.46 -11.30 -6.33
C CYS A 51 6.60 -10.60 -4.98
N LYS A 52 7.83 -10.27 -4.62
CA LYS A 52 8.11 -9.59 -3.36
C LYS A 52 8.39 -8.11 -3.59
N ILE A 53 7.47 -7.26 -3.15
CA ILE A 53 7.61 -5.81 -3.30
C ILE A 53 8.81 -5.31 -2.52
N GLN A 54 9.87 -4.94 -3.23
CA GLN A 54 11.08 -4.43 -2.60
C GLN A 54 11.27 -2.94 -2.90
N LYS A 55 12.17 -2.30 -2.16
CA LYS A 55 12.43 -0.88 -2.34
C LYS A 55 12.96 -0.60 -3.75
N LYS A 56 13.96 -1.37 -4.16
CA LYS A 56 14.55 -1.22 -5.49
C LYS A 56 13.49 -1.42 -6.57
N ASN A 57 12.75 -2.51 -6.49
CA ASN A 57 11.71 -2.82 -7.46
C ASN A 57 10.33 -2.84 -6.80
N ARG A 58 9.76 -1.67 -6.57
CA ARG A 58 8.45 -1.57 -5.94
C ARG A 58 7.34 -1.62 -6.99
N ASN A 59 7.55 -0.93 -8.11
CA ASN A 59 6.58 -0.91 -9.19
C ASN A 59 6.80 -2.07 -10.17
N LYS A 60 7.13 -3.23 -9.62
CA LYS A 60 7.37 -4.41 -10.43
C LYS A 60 6.06 -5.09 -10.81
N CYS A 61 5.36 -5.62 -9.80
CA CYS A 61 4.09 -6.30 -10.02
C CYS A 61 2.94 -5.51 -9.40
N GLN A 62 1.88 -5.32 -10.18
CA GLN A 62 0.71 -4.59 -9.71
C GLN A 62 -0.15 -5.44 -8.79
N TYR A 63 -0.55 -6.61 -9.29
CA TYR A 63 -1.38 -7.53 -8.52
C TYR A 63 -0.78 -7.77 -7.14
N CYS A 64 0.39 -8.40 -7.11
CA CYS A 64 1.06 -8.69 -5.85
C CYS A 64 1.08 -7.47 -4.94
N ARG A 65 1.47 -6.33 -5.49
CA ARG A 65 1.53 -5.09 -4.74
C ARG A 65 0.25 -4.89 -3.91
N PHE A 66 -0.89 -5.15 -4.53
CA PHE A 66 -2.17 -5.01 -3.87
C PHE A 66 -2.38 -6.11 -2.84
N GLN A 67 -2.21 -7.35 -3.26
CA GLN A 67 -2.38 -8.50 -2.38
C GLN A 67 -1.66 -8.27 -1.05
N LYS A 68 -0.38 -7.91 -1.14
CA LYS A 68 0.42 -7.66 0.06
C LYS A 68 -0.35 -6.82 1.07
N CYS A 69 -0.90 -5.70 0.59
CA CYS A 69 -1.66 -4.80 1.45
C CYS A 69 -2.69 -5.58 2.27
N LEU A 70 -3.53 -6.35 1.59
CA LEU A 70 -4.57 -7.13 2.25
C LEU A 70 -3.97 -7.94 3.41
N ALA A 71 -2.92 -8.69 3.12
CA ALA A 71 -2.26 -9.50 4.13
C ALA A 71 -1.79 -8.64 5.30
N LEU A 72 -1.23 -7.48 4.98
CA LEU A 72 -0.74 -6.56 6.01
C LEU A 72 -1.86 -6.16 6.97
N GLY A 73 -3.09 -6.18 6.47
CA GLY A 73 -4.22 -5.83 7.31
C GLY A 73 -4.81 -4.47 6.93
N MET A 74 -4.68 -4.10 5.66
CA MET A 74 -5.20 -2.82 5.18
C MET A 74 -6.71 -2.89 5.03
N SER A 75 -7.41 -2.06 5.82
CA SER A 75 -8.87 -2.02 5.77
C SER A 75 -9.35 -1.32 4.51
N HIS A 76 -9.86 -2.09 3.57
CA HIS A 76 -10.36 -1.55 2.31
C HIS A 76 -11.67 -0.79 2.53
N ASN A 77 -12.54 -1.35 3.36
CA ASN A 77 -13.82 -0.72 3.66
C ASN A 77 -13.66 0.40 4.67
N ALA A 78 -12.65 1.23 4.48
CA ALA A 78 -12.38 2.35 5.38
C ALA A 78 -12.34 3.66 4.62
N ILE A 79 -11.86 3.61 3.38
CA ILE A 79 -11.77 4.81 2.55
C ILE A 79 -13.13 5.48 2.40
N ARG A 80 -13.24 6.70 2.91
CA ARG A 80 -14.49 7.45 2.83
C ARG A 80 -14.82 7.79 1.39
N PHE A 81 -16.10 7.67 1.03
CA PHE A 81 -16.55 7.97 -0.32
C PHE A 81 -16.42 9.46 -0.62
N GLY A 82 -15.72 9.78 -1.71
CA GLY A 82 -15.54 11.17 -2.09
C GLY A 82 -16.58 11.64 -3.08
N SER A 83 -17.83 11.65 -2.65
CA SER A 83 -18.94 12.08 -3.50
C SER A 83 -18.88 13.58 -3.73
N GLY A 84 -18.73 13.98 -4.99
CA GLY A 84 -18.66 15.39 -5.32
C GLY A 84 -19.84 16.16 -4.78
N PRO A 85 -19.74 17.50 -4.78
CA PRO A 85 -20.79 18.39 -4.30
C PRO A 85 -22.01 18.40 -5.20
N SER A 86 -22.94 17.47 -4.95
CA SER A 86 -24.15 17.38 -5.76
C SER A 86 -23.81 17.12 -7.23
N SER A 87 -22.83 16.25 -7.45
CA SER A 87 -22.41 15.92 -8.82
C SER A 87 -23.01 14.59 -9.27
N GLY A 88 -23.13 14.42 -10.58
CA GLY A 88 -23.70 13.21 -11.12
C GLY A 88 -22.66 12.34 -11.80
N GLY A 1 26.18 2.34 3.66
CA GLY A 1 26.15 3.11 4.89
C GLY A 1 24.87 2.89 5.68
N SER A 2 24.73 3.61 6.78
CA SER A 2 23.56 3.49 7.64
C SER A 2 22.40 4.31 7.09
N SER A 3 21.29 3.65 6.78
CA SER A 3 20.12 4.32 6.25
C SER A 3 19.91 5.67 6.92
N GLY A 4 19.98 5.68 8.25
CA GLY A 4 19.79 6.91 9.00
C GLY A 4 18.70 6.80 10.04
N SER A 5 17.45 6.94 9.61
CA SER A 5 16.31 6.85 10.52
C SER A 5 15.83 5.41 10.66
N SER A 6 16.20 4.77 11.76
CA SER A 6 15.80 3.39 12.01
C SER A 6 14.41 3.31 12.62
N GLY A 7 13.41 3.05 11.79
CA GLY A 7 12.04 2.97 12.26
C GLY A 7 11.05 3.60 11.30
N MET A 8 9.79 3.20 11.42
CA MET A 8 8.74 3.74 10.55
C MET A 8 9.04 3.44 9.08
N GLU A 9 9.31 2.17 8.79
CA GLU A 9 9.61 1.75 7.43
C GLU A 9 8.40 1.06 6.80
N CYS A 10 7.93 1.62 5.69
CA CYS A 10 6.78 1.07 4.99
C CYS A 10 6.82 -0.45 5.00
N ARG A 11 5.65 -1.08 5.07
CA ARG A 11 5.54 -2.54 5.08
C ARG A 11 5.27 -3.07 3.69
N VAL A 12 4.88 -2.19 2.78
CA VAL A 12 4.58 -2.57 1.40
C VAL A 12 5.84 -2.58 0.55
N CYS A 13 6.53 -1.44 0.51
CA CYS A 13 7.75 -1.34 -0.28
C CYS A 13 8.98 -1.53 0.61
N GLY A 14 8.96 -0.93 1.79
CA GLY A 14 10.08 -1.06 2.70
C GLY A 14 10.71 0.28 3.05
N ASP A 15 10.65 1.21 2.10
CA ASP A 15 11.21 2.54 2.31
C ASP A 15 10.73 3.15 3.62
N LYS A 16 11.27 4.32 3.96
CA LYS A 16 10.88 5.00 5.19
C LYS A 16 9.45 5.52 5.10
N ALA A 17 8.56 4.92 5.87
CA ALA A 17 7.15 5.33 5.88
C ALA A 17 7.02 6.82 6.18
N SER A 18 5.78 7.31 6.19
CA SER A 18 5.51 8.71 6.45
C SER A 18 4.63 8.87 7.69
N GLY A 19 3.73 7.91 7.89
CA GLY A 19 2.84 7.96 9.04
C GLY A 19 2.14 6.64 9.29
N PHE A 20 0.94 6.71 9.86
CA PHE A 20 0.16 5.51 10.14
C PHE A 20 -1.20 5.57 9.46
N HIS A 21 -1.46 4.61 8.58
CA HIS A 21 -2.73 4.55 7.87
C HIS A 21 -3.15 3.10 7.62
N TYR A 22 -4.45 2.87 7.56
CA TYR A 22 -4.99 1.53 7.34
C TYR A 22 -4.43 0.55 8.36
N GLY A 23 -4.23 1.03 9.59
CA GLY A 23 -3.71 0.18 10.65
C GLY A 23 -2.37 -0.42 10.28
N VAL A 24 -1.74 0.10 9.23
CA VAL A 24 -0.44 -0.39 8.79
C VAL A 24 0.47 0.76 8.40
N HIS A 25 1.71 0.72 8.90
CA HIS A 25 2.68 1.77 8.60
C HIS A 25 3.04 1.78 7.12
N ALA A 26 2.38 2.65 6.37
CA ALA A 26 2.63 2.75 4.93
C ALA A 26 3.20 4.11 4.57
N CYS A 27 3.88 4.20 3.43
CA CYS A 27 4.48 5.44 2.97
C CYS A 27 3.54 6.18 2.02
N GLU A 28 3.79 7.47 1.84
CA GLU A 28 2.97 8.28 0.95
C GLU A 28 2.75 7.58 -0.39
N GLY A 29 3.85 7.25 -1.07
CA GLY A 29 3.76 6.58 -2.35
C GLY A 29 2.75 5.44 -2.33
N CYS A 30 3.12 4.35 -1.67
CA CYS A 30 2.25 3.18 -1.59
C CYS A 30 0.82 3.59 -1.26
N LYS A 31 0.66 4.38 -0.21
CA LYS A 31 -0.67 4.85 0.21
C LYS A 31 -1.54 5.15 -1.00
N GLY A 32 -1.06 6.04 -1.86
CA GLY A 32 -1.81 6.40 -3.05
C GLY A 32 -2.19 5.19 -3.89
N PHE A 33 -1.22 4.32 -4.12
CA PHE A 33 -1.45 3.11 -4.91
C PHE A 33 -2.66 2.35 -4.40
N PHE A 34 -2.54 1.79 -3.20
CA PHE A 34 -3.63 1.02 -2.59
C PHE A 34 -4.97 1.73 -2.79
N ARG A 35 -5.10 2.90 -2.16
CA ARG A 35 -6.33 3.67 -2.26
C ARG A 35 -6.83 3.73 -3.70
N ARG A 36 -6.01 4.30 -4.58
CA ARG A 36 -6.36 4.42 -5.99
C ARG A 36 -6.91 3.10 -6.53
N THR A 37 -6.19 2.02 -6.26
CA THR A 37 -6.60 0.70 -6.71
C THR A 37 -8.01 0.37 -6.23
N ILE A 38 -8.40 0.94 -5.10
CA ILE A 38 -9.72 0.71 -4.53
C ILE A 38 -10.76 1.60 -5.19
N ARG A 39 -10.59 2.91 -5.06
CA ARG A 39 -11.52 3.86 -5.66
C ARG A 39 -11.65 3.64 -7.15
N MET A 40 -10.64 3.02 -7.76
CA MET A 40 -10.65 2.75 -9.18
C MET A 40 -11.09 1.31 -9.46
N LYS A 41 -11.28 0.54 -8.39
CA LYS A 41 -11.70 -0.85 -8.52
C LYS A 41 -10.98 -1.53 -9.68
N LEU A 42 -9.71 -1.20 -9.85
CA LEU A 42 -8.90 -1.79 -10.93
C LEU A 42 -8.67 -3.28 -10.68
N GLU A 43 -8.85 -4.07 -11.73
CA GLU A 43 -8.65 -5.52 -11.62
C GLU A 43 -7.25 -5.91 -12.07
N TYR A 44 -6.71 -6.95 -11.45
CA TYR A 44 -5.37 -7.43 -11.77
C TYR A 44 -5.38 -8.92 -12.08
N GLU A 45 -4.26 -9.42 -12.61
CA GLU A 45 -4.15 -10.83 -12.94
C GLU A 45 -3.45 -11.60 -11.83
N LYS A 46 -3.98 -12.79 -11.52
CA LYS A 46 -3.41 -13.63 -10.46
C LYS A 46 -1.93 -13.91 -10.74
N CYS A 47 -1.09 -13.56 -9.78
CA CYS A 47 0.35 -13.79 -9.91
C CYS A 47 0.84 -14.80 -8.87
N GLU A 48 1.01 -16.05 -9.29
CA GLU A 48 1.48 -17.09 -8.40
C GLU A 48 2.91 -16.83 -7.94
N ARG A 49 3.73 -16.31 -8.86
CA ARG A 49 5.12 -16.01 -8.55
C ARG A 49 5.24 -15.31 -7.21
N SER A 50 4.16 -14.66 -6.79
CA SER A 50 4.15 -13.94 -5.52
C SER A 50 5.38 -13.05 -5.37
N CYS A 51 5.71 -12.33 -6.45
CA CYS A 51 6.86 -11.43 -6.45
C CYS A 51 7.02 -10.75 -5.10
N LYS A 52 8.25 -10.36 -4.78
CA LYS A 52 8.54 -9.69 -3.52
C LYS A 52 8.67 -8.19 -3.72
N ILE A 53 7.74 -7.44 -3.14
CA ILE A 53 7.75 -5.98 -3.25
C ILE A 53 8.89 -5.39 -2.44
N GLN A 54 10.01 -5.12 -3.10
CA GLN A 54 11.17 -4.56 -2.44
C GLN A 54 11.22 -3.03 -2.65
N LYS A 55 11.99 -2.35 -1.81
CA LYS A 55 12.12 -0.91 -1.92
C LYS A 55 12.76 -0.51 -3.24
N LYS A 56 13.66 -1.35 -3.73
CA LYS A 56 14.34 -1.10 -5.00
C LYS A 56 13.56 -1.70 -6.16
N ASN A 57 12.80 -2.75 -5.89
CA ASN A 57 12.01 -3.42 -6.91
C ASN A 57 10.52 -3.37 -6.57
N ARG A 58 10.03 -2.16 -6.32
CA ARG A 58 8.62 -1.96 -5.99
C ARG A 58 7.77 -1.85 -7.26
N ASN A 59 8.26 -1.10 -8.24
CA ASN A 59 7.56 -0.91 -9.50
C ASN A 59 7.83 -2.07 -10.45
N LYS A 60 7.61 -3.29 -9.98
CA LYS A 60 7.83 -4.48 -10.79
C LYS A 60 6.50 -5.18 -11.10
N CYS A 61 5.85 -5.68 -10.06
CA CYS A 61 4.58 -6.38 -10.22
C CYS A 61 3.44 -5.57 -9.59
N GLN A 62 2.32 -5.50 -10.31
CA GLN A 62 1.16 -4.76 -9.83
C GLN A 62 0.34 -5.60 -8.87
N TYR A 63 -0.14 -6.75 -9.36
CA TYR A 63 -0.95 -7.65 -8.54
C TYR A 63 -0.33 -7.82 -7.16
N CYS A 64 0.80 -8.52 -7.11
CA CYS A 64 1.49 -8.77 -5.85
C CYS A 64 1.49 -7.53 -4.98
N ARG A 65 1.66 -6.37 -5.61
CA ARG A 65 1.68 -5.10 -4.88
C ARG A 65 0.41 -4.92 -4.06
N PHE A 66 -0.74 -5.02 -4.73
CA PHE A 66 -2.03 -4.87 -4.06
C PHE A 66 -2.23 -5.97 -3.02
N GLN A 67 -2.03 -7.21 -3.44
CA GLN A 67 -2.19 -8.35 -2.54
C GLN A 67 -1.49 -8.11 -1.22
N LYS A 68 -0.21 -7.75 -1.28
CA LYS A 68 0.57 -7.49 -0.09
C LYS A 68 -0.19 -6.58 0.89
N CYS A 69 -0.80 -5.53 0.35
CA CYS A 69 -1.56 -4.59 1.16
C CYS A 69 -2.65 -5.32 1.94
N LEU A 70 -3.48 -6.07 1.24
CA LEU A 70 -4.57 -6.82 1.87
C LEU A 70 -4.03 -7.75 2.96
N ALA A 71 -2.96 -8.45 2.64
CA ALA A 71 -2.34 -9.38 3.58
C ALA A 71 -1.90 -8.65 4.85
N LEU A 72 -1.31 -7.48 4.68
CA LEU A 72 -0.84 -6.68 5.81
C LEU A 72 -1.99 -6.36 6.76
N GLY A 73 -3.20 -6.26 6.21
CA GLY A 73 -4.37 -5.96 7.02
C GLY A 73 -4.97 -4.62 6.68
N MET A 74 -4.78 -4.18 5.45
CA MET A 74 -5.31 -2.89 5.00
C MET A 74 -6.84 -2.93 4.91
N SER A 75 -7.50 -2.00 5.57
CA SER A 75 -8.95 -1.93 5.56
C SER A 75 -9.45 -1.01 4.46
N HIS A 76 -10.29 -1.54 3.58
CA HIS A 76 -10.85 -0.77 2.48
C HIS A 76 -12.09 0.02 2.93
N ASN A 77 -12.00 0.61 4.12
CA ASN A 77 -13.11 1.38 4.65
C ASN A 77 -12.68 2.81 4.97
N ALA A 78 -11.57 2.95 5.68
CA ALA A 78 -11.04 4.26 6.04
C ALA A 78 -11.21 5.25 4.90
N ILE A 79 -11.01 4.77 3.67
CA ILE A 79 -11.14 5.62 2.49
C ILE A 79 -12.50 6.29 2.45
N ARG A 80 -13.56 5.48 2.40
CA ARG A 80 -14.92 6.00 2.36
C ARG A 80 -15.54 6.03 3.75
N PHE A 81 -15.07 6.94 4.58
CA PHE A 81 -15.59 7.07 5.94
C PHE A 81 -15.41 8.50 6.45
N GLY A 82 -16.36 8.94 7.27
CA GLY A 82 -16.29 10.28 7.82
C GLY A 82 -17.48 11.14 7.41
N SER A 83 -18.61 10.95 8.10
CA SER A 83 -19.82 11.70 7.81
C SER A 83 -20.45 12.25 9.08
N GLY A 84 -20.59 11.38 10.08
CA GLY A 84 -21.17 11.79 11.34
C GLY A 84 -22.20 10.80 11.86
N PRO A 85 -23.16 11.30 12.65
CA PRO A 85 -24.22 10.46 13.24
C PRO A 85 -25.21 9.97 12.18
N SER A 86 -24.95 10.32 10.93
CA SER A 86 -25.82 9.91 9.83
C SER A 86 -25.09 8.98 8.87
N SER A 87 -25.85 8.33 7.99
CA SER A 87 -25.26 7.41 7.01
C SER A 87 -25.70 7.78 5.59
N GLY A 88 -27.00 8.01 5.43
CA GLY A 88 -27.52 8.37 4.12
C GLY A 88 -27.24 7.31 3.08
N GLY A 1 21.16 6.26 1.72
CA GLY A 1 20.41 6.00 2.94
C GLY A 1 20.43 4.53 3.34
N SER A 2 21.55 4.10 3.91
CA SER A 2 21.70 2.70 4.33
C SER A 2 20.98 2.46 5.65
N SER A 3 20.52 1.22 5.84
CA SER A 3 19.81 0.86 7.06
C SER A 3 20.60 1.26 8.30
N GLY A 4 20.08 2.25 9.02
CA GLY A 4 20.75 2.72 10.23
C GLY A 4 19.77 3.15 11.30
N SER A 5 19.88 4.41 11.72
CA SER A 5 19.00 4.94 12.76
C SER A 5 17.66 5.40 12.16
N SER A 6 17.11 4.58 11.28
CA SER A 6 15.84 4.90 10.63
C SER A 6 14.66 4.47 11.50
N GLY A 7 13.73 5.38 11.72
CA GLY A 7 12.56 5.08 12.53
C GLY A 7 11.61 4.11 11.84
N MET A 8 10.37 4.52 11.68
CA MET A 8 9.36 3.69 11.04
C MET A 8 9.69 3.49 9.56
N GLU A 9 9.32 2.33 9.04
CA GLU A 9 9.58 2.02 7.63
C GLU A 9 8.37 1.34 6.99
N CYS A 10 8.02 1.78 5.79
CA CYS A 10 6.88 1.22 5.07
C CYS A 10 6.90 -0.31 5.13
N ARG A 11 5.72 -0.90 5.11
CA ARG A 11 5.59 -2.36 5.16
C ARG A 11 5.40 -2.94 3.77
N VAL A 12 4.79 -2.15 2.89
CA VAL A 12 4.54 -2.59 1.51
C VAL A 12 5.85 -2.66 0.73
N CYS A 13 6.49 -1.50 0.55
CA CYS A 13 7.74 -1.44 -0.19
C CYS A 13 8.94 -1.55 0.75
N GLY A 14 8.88 -0.80 1.85
CA GLY A 14 9.96 -0.82 2.82
C GLY A 14 10.51 0.55 3.11
N ASP A 15 10.64 1.38 2.08
CA ASP A 15 11.15 2.73 2.22
C ASP A 15 10.57 3.39 3.48
N LYS A 16 11.30 4.36 4.02
CA LYS A 16 10.85 5.08 5.21
C LYS A 16 9.34 5.22 5.22
N ALA A 17 8.75 5.13 6.41
CA ALA A 17 7.30 5.26 6.56
C ALA A 17 6.91 6.70 6.88
N SER A 18 5.79 7.13 6.32
CA SER A 18 5.30 8.49 6.55
C SER A 18 4.46 8.57 7.82
N GLY A 19 3.42 7.76 7.88
CA GLY A 19 2.55 7.74 9.04
C GLY A 19 1.91 6.39 9.28
N PHE A 20 0.71 6.40 9.85
CA PHE A 20 -0.01 5.16 10.13
C PHE A 20 -1.38 5.16 9.46
N HIS A 21 -1.44 4.60 8.25
CA HIS A 21 -2.69 4.54 7.50
C HIS A 21 -3.14 3.08 7.32
N TYR A 22 -4.45 2.87 7.35
CA TYR A 22 -5.00 1.53 7.19
C TYR A 22 -4.45 0.58 8.25
N GLY A 23 -4.11 1.14 9.42
CA GLY A 23 -3.57 0.32 10.49
C GLY A 23 -2.25 -0.32 10.13
N VAL A 24 -1.61 0.20 9.08
CA VAL A 24 -0.34 -0.33 8.62
C VAL A 24 0.62 0.79 8.23
N HIS A 25 1.88 0.67 8.65
CA HIS A 25 2.88 1.67 8.34
C HIS A 25 3.21 1.67 6.86
N ALA A 26 2.59 2.58 6.11
CA ALA A 26 2.82 2.67 4.67
C ALA A 26 3.39 4.04 4.30
N CYS A 27 4.04 4.11 3.14
CA CYS A 27 4.62 5.36 2.67
C CYS A 27 3.68 6.08 1.73
N GLU A 28 4.08 7.28 1.29
CA GLU A 28 3.26 8.08 0.39
C GLU A 28 2.94 7.31 -0.88
N GLY A 29 3.97 6.74 -1.51
CA GLY A 29 3.78 5.98 -2.72
C GLY A 29 2.74 4.89 -2.57
N CYS A 30 3.07 3.85 -1.81
CA CYS A 30 2.16 2.74 -1.58
C CYS A 30 0.82 3.23 -1.05
N LYS A 31 0.87 4.17 -0.11
CA LYS A 31 -0.34 4.73 0.47
C LYS A 31 -1.37 5.05 -0.60
N GLY A 32 -0.92 5.72 -1.67
CA GLY A 32 -1.82 6.08 -2.75
C GLY A 32 -2.20 4.89 -3.60
N PHE A 33 -1.21 4.09 -3.99
CA PHE A 33 -1.45 2.91 -4.81
C PHE A 33 -2.68 2.15 -4.32
N PHE A 34 -2.65 1.74 -3.06
CA PHE A 34 -3.76 1.00 -2.47
C PHE A 34 -5.08 1.74 -2.68
N ARG A 35 -5.16 2.94 -2.12
CA ARG A 35 -6.37 3.75 -2.24
C ARG A 35 -6.85 3.80 -3.70
N ARG A 36 -6.02 4.34 -4.58
CA ARG A 36 -6.36 4.44 -5.99
C ARG A 36 -6.98 3.14 -6.50
N THR A 37 -6.28 2.03 -6.25
CA THR A 37 -6.77 0.72 -6.69
C THR A 37 -8.18 0.47 -6.20
N ILE A 38 -8.52 1.03 -5.03
CA ILE A 38 -9.85 0.87 -4.46
C ILE A 38 -10.86 1.81 -5.11
N ARG A 39 -10.64 3.11 -4.92
CA ARG A 39 -11.52 4.12 -5.50
C ARG A 39 -11.70 3.90 -7.00
N MET A 40 -10.72 3.26 -7.62
CA MET A 40 -10.77 2.99 -9.05
C MET A 40 -11.34 1.60 -9.32
N LYS A 41 -11.22 0.72 -8.33
CA LYS A 41 -11.71 -0.65 -8.45
C LYS A 41 -10.99 -1.39 -9.58
N LEU A 42 -9.70 -1.14 -9.70
CA LEU A 42 -8.90 -1.78 -10.74
C LEU A 42 -8.53 -3.22 -10.34
N GLU A 43 -8.57 -4.12 -11.30
CA GLU A 43 -8.25 -5.51 -11.05
C GLU A 43 -7.13 -6.00 -11.98
N TYR A 44 -6.35 -6.96 -11.51
CA TYR A 44 -5.25 -7.50 -12.29
C TYR A 44 -5.34 -9.02 -12.39
N GLU A 45 -4.39 -9.62 -13.11
CA GLU A 45 -4.37 -11.06 -13.29
C GLU A 45 -3.57 -11.74 -12.18
N LYS A 46 -3.99 -12.95 -11.82
CA LYS A 46 -3.29 -13.70 -10.77
C LYS A 46 -1.83 -13.91 -11.12
N CYS A 47 -0.94 -13.45 -10.26
CA CYS A 47 0.49 -13.59 -10.47
C CYS A 47 1.07 -14.70 -9.61
N GLU A 48 1.35 -15.84 -10.23
CA GLU A 48 1.91 -16.98 -9.52
C GLU A 48 3.32 -16.69 -9.02
N ARG A 49 4.12 -16.06 -9.88
CA ARG A 49 5.49 -15.71 -9.53
C ARG A 49 5.57 -15.16 -8.11
N SER A 50 4.48 -14.54 -7.66
CA SER A 50 4.42 -13.96 -6.32
C SER A 50 5.60 -13.01 -6.09
N CYS A 51 5.84 -12.14 -7.06
CA CYS A 51 6.93 -11.17 -6.95
C CYS A 51 7.05 -10.62 -5.54
N LYS A 52 8.28 -10.34 -5.11
CA LYS A 52 8.53 -9.81 -3.78
C LYS A 52 8.67 -8.29 -3.83
N ILE A 53 7.68 -7.59 -3.29
CA ILE A 53 7.70 -6.14 -3.27
C ILE A 53 8.84 -5.61 -2.40
N GLN A 54 10.00 -5.41 -3.02
CA GLN A 54 11.16 -4.91 -2.29
C GLN A 54 11.41 -3.44 -2.60
N LYS A 55 11.95 -2.72 -1.63
CA LYS A 55 12.23 -1.30 -1.79
C LYS A 55 12.94 -1.03 -3.10
N LYS A 56 13.96 -1.83 -3.40
CA LYS A 56 14.72 -1.69 -4.64
C LYS A 56 13.80 -1.68 -5.85
N ASN A 57 12.90 -2.66 -5.92
CA ASN A 57 11.96 -2.77 -7.02
C ASN A 57 10.53 -2.92 -6.51
N ARG A 58 9.93 -1.82 -6.11
CA ARG A 58 8.57 -1.82 -5.59
C ARG A 58 7.56 -1.66 -6.73
N ASN A 59 7.96 -0.93 -7.77
CA ASN A 59 7.09 -0.70 -8.91
C ASN A 59 7.37 -1.71 -10.01
N LYS A 60 7.48 -2.98 -9.63
CA LYS A 60 7.74 -4.05 -10.59
C LYS A 60 6.44 -4.72 -11.02
N CYS A 61 5.73 -5.32 -10.07
CA CYS A 61 4.48 -6.00 -10.35
C CYS A 61 3.32 -5.29 -9.66
N GLN A 62 2.14 -5.35 -10.27
CA GLN A 62 0.95 -4.72 -9.71
C GLN A 62 0.22 -5.67 -8.77
N TYR A 63 -0.32 -6.75 -9.33
CA TYR A 63 -1.04 -7.74 -8.54
C TYR A 63 -0.36 -7.98 -7.20
N CYS A 64 0.89 -8.42 -7.26
CA CYS A 64 1.67 -8.69 -6.05
C CYS A 64 1.61 -7.51 -5.09
N ARG A 65 1.73 -6.30 -5.64
CA ARG A 65 1.68 -5.08 -4.83
C ARG A 65 0.40 -5.01 -4.02
N PHE A 66 -0.73 -4.94 -4.73
CA PHE A 66 -2.04 -4.85 -4.08
C PHE A 66 -2.20 -5.98 -3.06
N GLN A 67 -1.94 -7.20 -3.48
CA GLN A 67 -2.06 -8.36 -2.60
C GLN A 67 -1.41 -8.10 -1.26
N LYS A 68 -0.15 -7.68 -1.29
CA LYS A 68 0.58 -7.38 -0.06
C LYS A 68 -0.25 -6.54 0.89
N CYS A 69 -0.84 -5.47 0.37
CA CYS A 69 -1.68 -4.58 1.17
C CYS A 69 -2.74 -5.37 1.93
N LEU A 70 -3.50 -6.18 1.20
CA LEU A 70 -4.56 -6.99 1.80
C LEU A 70 -4.03 -7.76 3.00
N ALA A 71 -2.91 -8.47 2.81
CA ALA A 71 -2.30 -9.25 3.87
C ALA A 71 -1.85 -8.34 5.02
N LEU A 72 -1.35 -7.17 4.68
CA LEU A 72 -0.88 -6.21 5.68
C LEU A 72 -2.00 -5.83 6.64
N GLY A 73 -3.24 -5.92 6.16
CA GLY A 73 -4.38 -5.59 6.99
C GLY A 73 -5.02 -4.27 6.60
N MET A 74 -4.77 -3.83 5.37
CA MET A 74 -5.32 -2.58 4.87
C MET A 74 -6.83 -2.68 4.69
N SER A 75 -7.57 -1.98 5.55
CA SER A 75 -9.03 -2.00 5.49
C SER A 75 -9.54 -1.01 4.46
N HIS A 76 -10.48 -1.46 3.61
CA HIS A 76 -11.05 -0.61 2.58
C HIS A 76 -11.99 0.42 3.18
N ASN A 77 -12.94 -0.05 3.98
CA ASN A 77 -13.92 0.84 4.62
C ASN A 77 -13.24 2.11 5.12
N ALA A 78 -11.97 1.99 5.49
CA ALA A 78 -11.19 3.14 5.99
C ALA A 78 -11.27 4.30 5.02
N ILE A 79 -11.12 4.02 3.74
CA ILE A 79 -11.17 5.05 2.71
C ILE A 79 -12.16 6.15 3.08
N ARG A 80 -11.64 7.28 3.54
CA ARG A 80 -12.48 8.41 3.93
C ARG A 80 -11.75 9.73 3.70
N PHE A 81 -12.52 10.78 3.45
CA PHE A 81 -11.95 12.11 3.20
C PHE A 81 -12.32 13.07 4.32
N GLY A 82 -11.56 13.02 5.42
CA GLY A 82 -11.83 13.89 6.55
C GLY A 82 -13.25 13.77 7.05
N SER A 83 -13.59 14.59 8.05
CA SER A 83 -14.93 14.57 8.62
C SER A 83 -15.89 15.44 7.80
N GLY A 84 -15.51 16.69 7.59
CA GLY A 84 -16.35 17.60 6.83
C GLY A 84 -15.98 19.06 7.05
N PRO A 85 -15.21 19.62 6.10
CA PRO A 85 -14.77 21.02 6.18
C PRO A 85 -15.92 22.00 5.97
N SER A 86 -17.12 21.46 5.76
CA SER A 86 -18.30 22.29 5.54
C SER A 86 -18.97 22.64 6.87
N SER A 87 -19.14 21.64 7.72
CA SER A 87 -19.76 21.83 9.03
C SER A 87 -18.84 22.61 9.96
N GLY A 88 -17.66 22.07 10.21
CA GLY A 88 -16.71 22.73 11.09
C GLY A 88 -15.50 21.87 11.37
N GLY A 1 16.12 19.76 5.31
CA GLY A 1 17.10 18.76 5.73
C GLY A 1 16.97 18.41 7.20
N SER A 2 16.39 17.25 7.47
CA SER A 2 16.20 16.79 8.84
C SER A 2 17.29 15.80 9.23
N SER A 3 18.17 16.21 10.14
CA SER A 3 19.26 15.36 10.60
C SER A 3 18.88 14.65 11.90
N GLY A 4 18.66 13.34 11.80
CA GLY A 4 18.29 12.57 12.98
C GLY A 4 18.32 11.08 12.71
N SER A 5 17.27 10.38 13.17
CA SER A 5 17.18 8.94 12.99
C SER A 5 15.76 8.44 13.31
N SER A 6 15.44 7.25 12.81
CA SER A 6 14.12 6.67 13.03
C SER A 6 14.13 5.17 12.73
N GLY A 7 13.18 4.45 13.30
CA GLY A 7 13.08 3.02 13.07
C GLY A 7 11.76 2.60 12.46
N MET A 8 11.34 3.32 11.42
CA MET A 8 10.09 3.03 10.74
C MET A 8 10.30 2.89 9.23
N GLU A 9 9.91 1.75 8.69
CA GLU A 9 10.06 1.49 7.25
C GLU A 9 8.77 0.93 6.67
N CYS A 10 8.33 1.50 5.55
CA CYS A 10 7.11 1.06 4.89
C CYS A 10 7.09 -0.47 4.75
N ARG A 11 6.01 -1.09 5.22
CA ARG A 11 5.87 -2.54 5.15
C ARG A 11 5.30 -2.97 3.81
N VAL A 12 5.51 -2.14 2.78
CA VAL A 12 5.01 -2.43 1.44
C VAL A 12 6.13 -2.34 0.41
N CYS A 13 6.95 -1.30 0.52
CA CYS A 13 8.06 -1.09 -0.40
C CYS A 13 9.39 -1.08 0.33
N GLY A 14 9.44 -0.34 1.45
CA GLY A 14 10.66 -0.26 2.23
C GLY A 14 11.00 1.15 2.64
N ASP A 15 10.73 2.11 1.75
CA ASP A 15 11.01 3.51 2.02
C ASP A 15 10.40 3.93 3.36
N LYS A 16 10.95 4.99 3.94
CA LYS A 16 10.47 5.50 5.22
C LYS A 16 8.94 5.44 5.29
N ALA A 17 8.42 4.93 6.40
CA ALA A 17 6.98 4.82 6.59
C ALA A 17 6.41 6.10 7.19
N SER A 18 5.79 6.92 6.35
CA SER A 18 5.21 8.19 6.81
C SER A 18 4.64 8.04 8.22
N GLY A 19 3.76 7.05 8.40
CA GLY A 19 3.17 6.83 9.70
C GLY A 19 2.08 5.77 9.66
N PHE A 20 1.06 5.95 10.49
CA PHE A 20 -0.05 5.00 10.55
C PHE A 20 -1.10 5.32 9.49
N HIS A 21 -1.38 4.33 8.64
CA HIS A 21 -2.37 4.51 7.58
C HIS A 21 -3.01 3.17 7.20
N TYR A 22 -4.32 3.16 7.12
CA TYR A 22 -5.06 1.94 6.78
C TYR A 22 -4.68 0.79 7.71
N GLY A 23 -4.22 1.13 8.91
CA GLY A 23 -3.83 0.12 9.87
C GLY A 23 -2.40 -0.35 9.66
N VAL A 24 -1.90 -0.18 8.44
CA VAL A 24 -0.54 -0.59 8.10
C VAL A 24 0.38 0.61 7.94
N HIS A 25 1.56 0.54 8.55
CA HIS A 25 2.53 1.62 8.46
C HIS A 25 3.15 1.69 7.07
N ALA A 26 2.48 2.38 6.16
CA ALA A 26 2.97 2.53 4.80
C ALA A 26 3.48 3.94 4.55
N CYS A 27 4.08 4.15 3.38
CA CYS A 27 4.62 5.45 3.01
C CYS A 27 3.65 6.20 2.11
N GLU A 28 3.75 7.53 2.10
CA GLU A 28 2.90 8.37 1.29
C GLU A 28 2.85 7.86 -0.15
N GLY A 29 3.92 7.21 -0.57
CA GLY A 29 3.99 6.69 -1.93
C GLY A 29 3.09 5.48 -2.13
N CYS A 30 2.99 4.64 -1.10
CA CYS A 30 2.16 3.45 -1.18
C CYS A 30 0.71 3.76 -0.80
N LYS A 31 0.54 4.68 0.15
CA LYS A 31 -0.79 5.08 0.59
C LYS A 31 -1.68 5.41 -0.61
N GLY A 32 -1.15 6.19 -1.54
CA GLY A 32 -1.91 6.57 -2.71
C GLY A 32 -2.31 5.38 -3.56
N PHE A 33 -1.33 4.56 -3.91
CA PHE A 33 -1.58 3.37 -4.72
C PHE A 33 -2.85 2.66 -4.28
N PHE A 34 -2.80 2.09 -3.07
CA PHE A 34 -3.95 1.39 -2.52
C PHE A 34 -5.25 2.09 -2.87
N ARG A 35 -5.46 3.26 -2.29
CA ARG A 35 -6.66 4.03 -2.54
C ARG A 35 -7.04 3.99 -4.02
N ARG A 36 -6.18 4.56 -4.86
CA ARG A 36 -6.43 4.60 -6.30
C ARG A 36 -7.01 3.28 -6.77
N THR A 37 -6.35 2.17 -6.44
CA THR A 37 -6.80 0.85 -6.83
C THR A 37 -8.27 0.64 -6.46
N ILE A 38 -8.63 1.03 -5.24
CA ILE A 38 -10.00 0.88 -4.77
C ILE A 38 -10.94 1.80 -5.54
N ARG A 39 -10.76 3.10 -5.39
CA ARG A 39 -11.59 4.08 -6.08
C ARG A 39 -11.70 3.77 -7.56
N MET A 40 -10.66 3.13 -8.10
CA MET A 40 -10.64 2.76 -9.51
C MET A 40 -11.08 1.33 -9.71
N LYS A 41 -11.10 0.57 -8.62
CA LYS A 41 -11.50 -0.84 -8.67
C LYS A 41 -10.75 -1.58 -9.77
N LEU A 42 -9.46 -1.32 -9.88
CA LEU A 42 -8.63 -1.97 -10.89
C LEU A 42 -8.42 -3.45 -10.57
N GLU A 43 -8.89 -4.32 -11.45
CA GLU A 43 -8.76 -5.75 -11.26
C GLU A 43 -7.49 -6.27 -11.92
N TYR A 44 -6.75 -7.10 -11.19
CA TYR A 44 -5.51 -7.67 -11.70
C TYR A 44 -5.59 -9.19 -11.76
N GLU A 45 -4.58 -9.81 -12.36
CA GLU A 45 -4.53 -11.26 -12.48
C GLU A 45 -3.71 -11.87 -11.35
N LYS A 46 -4.11 -13.07 -10.91
CA LYS A 46 -3.41 -13.77 -9.84
C LYS A 46 -1.96 -14.01 -10.21
N CYS A 47 -1.05 -13.57 -9.34
CA CYS A 47 0.38 -13.75 -9.58
C CYS A 47 0.98 -14.72 -8.56
N GLU A 48 1.18 -15.97 -8.98
CA GLU A 48 1.75 -16.98 -8.11
C GLU A 48 3.21 -16.67 -7.78
N ARG A 49 3.89 -16.02 -8.72
CA ARG A 49 5.29 -15.67 -8.54
C ARG A 49 5.50 -14.94 -7.22
N SER A 50 4.43 -14.39 -6.67
CA SER A 50 4.49 -13.67 -5.40
C SER A 50 5.67 -12.70 -5.39
N CYS A 51 5.81 -11.94 -6.47
CA CYS A 51 6.90 -10.97 -6.58
C CYS A 51 7.19 -10.32 -5.23
N LYS A 52 8.43 -9.88 -5.05
CA LYS A 52 8.83 -9.23 -3.81
C LYS A 52 8.85 -7.71 -3.97
N ILE A 53 7.81 -7.06 -3.45
CA ILE A 53 7.70 -5.62 -3.53
C ILE A 53 8.80 -4.93 -2.72
N GLN A 54 9.73 -4.32 -3.41
CA GLN A 54 10.84 -3.62 -2.74
C GLN A 54 10.85 -2.14 -3.11
N LYS A 55 11.62 -1.36 -2.36
CA LYS A 55 11.72 0.07 -2.60
C LYS A 55 12.45 0.36 -3.90
N LYS A 56 13.23 -0.61 -4.36
CA LYS A 56 13.99 -0.47 -5.60
C LYS A 56 13.08 -0.65 -6.82
N ASN A 57 12.21 -1.65 -6.75
CA ASN A 57 11.28 -1.94 -7.85
C ASN A 57 9.87 -2.17 -7.31
N ARG A 58 9.28 -1.12 -6.77
CA ARG A 58 7.92 -1.21 -6.23
C ARG A 58 6.89 -1.22 -7.35
N ASN A 59 7.27 -0.68 -8.50
CA ASN A 59 6.38 -0.64 -9.66
C ASN A 59 6.69 -1.75 -10.64
N LYS A 60 6.82 -2.97 -10.12
CA LYS A 60 7.11 -4.13 -10.95
C LYS A 60 5.85 -4.94 -11.22
N CYS A 61 5.20 -5.38 -10.15
CA CYS A 61 3.97 -6.17 -10.27
C CYS A 61 2.79 -5.43 -9.65
N GLN A 62 1.61 -5.57 -10.26
CA GLN A 62 0.41 -4.91 -9.78
C GLN A 62 -0.28 -5.78 -8.72
N TYR A 63 -0.68 -6.97 -9.12
CA TYR A 63 -1.36 -7.89 -8.21
C TYR A 63 -0.65 -7.95 -6.86
N CYS A 64 0.53 -8.57 -6.85
CA CYS A 64 1.32 -8.69 -5.63
C CYS A 64 1.25 -7.40 -4.80
N ARG A 65 1.53 -6.28 -5.45
CA ARG A 65 1.50 -4.98 -4.77
C ARG A 65 0.21 -4.83 -3.96
N PHE A 66 -0.92 -5.10 -4.60
CA PHE A 66 -2.22 -4.99 -3.93
C PHE A 66 -2.38 -6.08 -2.87
N GLN A 67 -1.96 -7.29 -3.21
CA GLN A 67 -2.07 -8.42 -2.29
C GLN A 67 -1.36 -8.11 -0.98
N LYS A 68 -0.07 -7.84 -1.05
CA LYS A 68 0.72 -7.52 0.13
C LYS A 68 -0.06 -6.64 1.09
N CYS A 69 -0.63 -5.55 0.55
CA CYS A 69 -1.41 -4.63 1.36
C CYS A 69 -2.49 -5.36 2.14
N LEU A 70 -3.29 -6.16 1.45
CA LEU A 70 -4.36 -6.92 2.08
C LEU A 70 -3.83 -7.74 3.24
N ALA A 71 -2.85 -8.59 2.96
CA ALA A 71 -2.25 -9.44 3.98
C ALA A 71 -1.87 -8.62 5.21
N LEU A 72 -1.40 -7.40 5.00
CA LEU A 72 -1.00 -6.52 6.08
C LEU A 72 -2.22 -6.08 6.90
N GLY A 73 -3.38 -6.09 6.27
CA GLY A 73 -4.60 -5.69 6.95
C GLY A 73 -5.29 -4.52 6.27
N MET A 74 -4.59 -3.88 5.35
CA MET A 74 -5.14 -2.73 4.63
C MET A 74 -6.63 -2.90 4.39
N SER A 75 -7.41 -1.90 4.80
CA SER A 75 -8.85 -1.95 4.64
C SER A 75 -9.33 -0.87 3.67
N HIS A 76 -10.13 -1.28 2.70
CA HIS A 76 -10.66 -0.36 1.70
C HIS A 76 -12.03 0.17 2.11
N ASN A 77 -12.31 0.11 3.41
CA ASN A 77 -13.59 0.57 3.93
C ASN A 77 -13.48 1.99 4.48
N ALA A 78 -12.29 2.32 5.00
CA ALA A 78 -12.05 3.64 5.55
C ALA A 78 -12.24 4.72 4.50
N ILE A 79 -12.06 4.35 3.23
CA ILE A 79 -12.21 5.29 2.13
C ILE A 79 -13.50 6.10 2.27
N ARG A 80 -14.62 5.41 2.33
CA ARG A 80 -15.92 6.06 2.47
C ARG A 80 -16.99 5.06 2.91
N PHE A 81 -17.72 5.41 3.96
CA PHE A 81 -18.78 4.54 4.48
C PHE A 81 -20.12 5.27 4.48
N GLY A 82 -21.14 4.60 3.94
CA GLY A 82 -22.47 5.20 3.88
C GLY A 82 -23.56 4.18 3.65
N SER A 83 -24.70 4.37 4.29
CA SER A 83 -25.82 3.45 4.16
C SER A 83 -27.04 4.16 3.58
N GLY A 84 -27.63 3.57 2.55
CA GLY A 84 -28.80 4.17 1.93
C GLY A 84 -30.04 3.32 2.09
N PRO A 85 -31.20 3.87 1.72
CA PRO A 85 -32.49 3.17 1.82
C PRO A 85 -32.60 2.01 0.83
N SER A 86 -31.93 2.16 -0.31
CA SER A 86 -31.96 1.12 -1.35
C SER A 86 -31.16 -0.10 -0.92
N SER A 87 -31.80 -0.97 -0.14
CA SER A 87 -31.15 -2.19 0.34
C SER A 87 -30.59 -3.00 -0.83
N GLY A 88 -29.64 -3.87 -0.51
CA GLY A 88 -29.03 -4.71 -1.55
C GLY A 88 -27.90 -5.56 -1.01
N GLY A 1 25.15 1.21 5.31
CA GLY A 1 26.09 2.10 5.98
C GLY A 1 25.89 2.15 7.48
N SER A 2 25.26 3.22 7.95
CA SER A 2 25.01 3.39 9.38
C SER A 2 24.37 2.13 9.97
N SER A 3 25.04 1.55 10.96
CA SER A 3 24.55 0.34 11.61
C SER A 3 23.54 0.68 12.69
N GLY A 4 22.64 1.61 12.37
CA GLY A 4 21.62 2.02 13.33
C GLY A 4 20.64 0.90 13.64
N SER A 5 19.36 1.25 13.74
CA SER A 5 18.33 0.27 14.03
C SER A 5 17.12 0.46 13.13
N SER A 6 16.30 -0.57 13.00
CA SER A 6 15.11 -0.52 12.16
C SER A 6 14.07 0.44 12.74
N GLY A 7 13.92 1.60 12.12
CA GLY A 7 12.97 2.58 12.59
C GLY A 7 11.61 2.44 11.91
N MET A 8 11.17 3.51 11.27
CA MET A 8 9.88 3.51 10.58
C MET A 8 10.05 3.19 9.09
N GLU A 9 9.66 1.99 8.69
CA GLU A 9 9.77 1.56 7.31
C GLU A 9 8.44 1.01 6.79
N CYS A 10 8.11 1.35 5.55
CA CYS A 10 6.87 0.89 4.95
C CYS A 10 6.88 -0.63 4.77
N ARG A 11 5.96 -1.30 5.46
CA ARG A 11 5.86 -2.75 5.38
C ARG A 11 5.64 -3.21 3.95
N VAL A 12 5.03 -2.34 3.14
CA VAL A 12 4.76 -2.66 1.74
C VAL A 12 6.05 -2.72 0.93
N CYS A 13 6.66 -1.55 0.70
CA CYS A 13 7.90 -1.48 -0.06
C CYS A 13 9.11 -1.44 0.88
N GLY A 14 9.04 -0.58 1.88
CA GLY A 14 10.14 -0.46 2.84
C GLY A 14 10.53 0.98 3.08
N ASP A 15 10.48 1.80 2.03
CA ASP A 15 10.83 3.21 2.14
C ASP A 15 10.33 3.80 3.45
N LYS A 16 10.93 4.90 3.87
CA LYS A 16 10.55 5.57 5.11
C LYS A 16 9.03 5.63 5.24
N ALA A 17 8.52 5.13 6.37
CA ALA A 17 7.09 5.13 6.61
C ALA A 17 6.59 6.51 7.03
N SER A 18 5.81 7.15 6.16
CA SER A 18 5.28 8.47 6.44
C SER A 18 4.54 8.50 7.77
N GLY A 19 3.56 7.62 7.91
CA GLY A 19 2.78 7.55 9.14
C GLY A 19 2.09 6.21 9.32
N PHE A 20 0.85 6.24 9.78
CA PHE A 20 0.09 5.03 10.00
C PHE A 20 -1.24 5.07 9.25
N HIS A 21 -1.23 4.55 8.03
CA HIS A 21 -2.43 4.52 7.20
C HIS A 21 -3.00 3.11 7.12
N TYR A 22 -4.32 3.01 7.14
CA TYR A 22 -4.99 1.72 7.07
C TYR A 22 -4.49 0.78 8.17
N GLY A 23 -4.32 1.32 9.36
CA GLY A 23 -3.84 0.52 10.48
C GLY A 23 -2.53 -0.19 10.17
N VAL A 24 -1.80 0.33 9.18
CA VAL A 24 -0.53 -0.26 8.79
C VAL A 24 0.50 0.82 8.46
N HIS A 25 1.72 0.62 8.95
CA HIS A 25 2.80 1.58 8.70
C HIS A 25 3.24 1.54 7.25
N ALA A 26 2.58 2.33 6.40
CA ALA A 26 2.91 2.38 4.98
C ALA A 26 3.39 3.77 4.59
N CYS A 27 3.89 3.89 3.37
CA CYS A 27 4.38 5.17 2.86
C CYS A 27 3.39 5.80 1.89
N GLU A 28 3.67 7.04 1.49
CA GLU A 28 2.79 7.76 0.58
C GLU A 28 2.70 7.03 -0.76
N GLY A 29 3.85 6.70 -1.34
CA GLY A 29 3.87 6.01 -2.61
C GLY A 29 2.92 4.84 -2.65
N CYS A 30 2.94 4.01 -1.61
CA CYS A 30 2.07 2.85 -1.54
C CYS A 30 0.64 3.26 -1.21
N LYS A 31 0.49 4.08 -0.17
CA LYS A 31 -0.82 4.56 0.25
C LYS A 31 -1.68 4.95 -0.95
N GLY A 32 -1.19 5.93 -1.72
CA GLY A 32 -1.91 6.37 -2.90
C GLY A 32 -2.26 5.23 -3.84
N PHE A 33 -1.31 4.32 -4.02
CA PHE A 33 -1.53 3.18 -4.91
C PHE A 33 -2.71 2.33 -4.44
N PHE A 34 -2.66 1.90 -3.18
CA PHE A 34 -3.73 1.08 -2.62
C PHE A 34 -5.08 1.74 -2.83
N ARG A 35 -5.21 2.99 -2.39
CA ARG A 35 -6.45 3.73 -2.53
C ARG A 35 -6.88 3.81 -3.98
N ARG A 36 -6.01 4.38 -4.82
CA ARG A 36 -6.30 4.51 -6.24
C ARG A 36 -6.93 3.24 -6.79
N THR A 37 -6.32 2.10 -6.48
CA THR A 37 -6.82 0.81 -6.95
C THR A 37 -8.26 0.59 -6.51
N ILE A 38 -8.56 0.93 -5.26
CA ILE A 38 -9.90 0.77 -4.72
C ILE A 38 -10.88 1.70 -5.40
N ARG A 39 -10.67 3.01 -5.25
CA ARG A 39 -11.54 4.01 -5.85
C ARG A 39 -11.73 3.73 -7.34
N MET A 40 -10.64 3.34 -8.01
CA MET A 40 -10.68 3.04 -9.43
C MET A 40 -11.14 1.61 -9.68
N LYS A 41 -11.10 0.80 -8.63
CA LYS A 41 -11.51 -0.60 -8.73
C LYS A 41 -10.76 -1.31 -9.86
N LEU A 42 -9.45 -1.11 -9.91
CA LEU A 42 -8.62 -1.74 -10.94
C LEU A 42 -8.38 -3.21 -10.63
N GLU A 43 -8.74 -4.07 -11.57
CA GLU A 43 -8.55 -5.51 -11.40
C GLU A 43 -7.23 -5.97 -12.01
N TYR A 44 -6.52 -6.82 -11.28
CA TYR A 44 -5.23 -7.33 -11.74
C TYR A 44 -5.29 -8.85 -11.94
N GLU A 45 -4.37 -9.36 -12.75
CA GLU A 45 -4.31 -10.80 -13.02
C GLU A 45 -3.51 -11.52 -11.94
N LYS A 46 -4.16 -12.45 -11.24
CA LYS A 46 -3.51 -13.21 -10.19
C LYS A 46 -2.09 -13.59 -10.59
N CYS A 47 -1.11 -13.11 -9.83
CA CYS A 47 0.29 -13.40 -10.11
C CYS A 47 0.82 -14.48 -9.16
N GLU A 48 0.76 -15.73 -9.59
CA GLU A 48 1.24 -16.84 -8.77
C GLU A 48 2.67 -16.61 -8.32
N ARG A 49 3.53 -16.20 -9.26
CA ARG A 49 4.92 -15.94 -8.94
C ARG A 49 5.07 -15.36 -7.54
N SER A 50 4.17 -14.47 -7.17
CA SER A 50 4.20 -13.84 -5.86
C SER A 50 5.44 -12.95 -5.72
N CYS A 51 5.71 -12.15 -6.75
CA CYS A 51 6.86 -11.25 -6.74
C CYS A 51 7.06 -10.65 -5.35
N LYS A 52 8.33 -10.42 -5.00
CA LYS A 52 8.67 -9.84 -3.70
C LYS A 52 8.73 -8.32 -3.79
N ILE A 53 7.76 -7.65 -3.19
CA ILE A 53 7.71 -6.19 -3.18
C ILE A 53 8.87 -5.61 -2.39
N GLN A 54 9.82 -5.00 -3.09
CA GLN A 54 10.98 -4.40 -2.45
C GLN A 54 11.04 -2.90 -2.72
N LYS A 55 11.80 -2.18 -1.90
CA LYS A 55 11.95 -0.74 -2.06
C LYS A 55 12.69 -0.40 -3.35
N LYS A 56 13.75 -1.15 -3.63
CA LYS A 56 14.55 -0.93 -4.82
C LYS A 56 13.68 -0.97 -6.07
N ASN A 57 12.85 -2.00 -6.17
CA ASN A 57 11.96 -2.16 -7.32
C ASN A 57 10.53 -2.45 -6.87
N ARG A 58 9.81 -1.39 -6.51
CA ARG A 58 8.44 -1.54 -6.06
C ARG A 58 7.47 -1.51 -7.23
N ASN A 59 7.84 -0.76 -8.28
CA ASN A 59 7.01 -0.64 -9.47
C ASN A 59 7.26 -1.80 -10.44
N LYS A 60 7.28 -3.02 -9.90
CA LYS A 60 7.52 -4.21 -10.70
C LYS A 60 6.20 -4.92 -11.03
N CYS A 61 5.51 -5.37 -10.00
CA CYS A 61 4.24 -6.06 -10.17
C CYS A 61 3.10 -5.28 -9.51
N GLN A 62 1.94 -5.29 -10.15
CA GLN A 62 0.77 -4.60 -9.63
C GLN A 62 -0.03 -5.48 -8.68
N TYR A 63 -0.41 -6.65 -9.17
CA TYR A 63 -1.18 -7.60 -8.35
C TYR A 63 -0.48 -7.86 -7.02
N CYS A 64 0.75 -8.34 -7.08
CA CYS A 64 1.52 -8.63 -5.88
C CYS A 64 1.53 -7.44 -4.93
N ARG A 65 1.81 -6.26 -5.47
CA ARG A 65 1.85 -5.05 -4.67
C ARG A 65 0.55 -4.87 -3.90
N PHE A 66 -0.57 -4.88 -4.62
CA PHE A 66 -1.88 -4.72 -4.00
C PHE A 66 -2.16 -5.85 -3.00
N GLN A 67 -2.12 -7.09 -3.49
CA GLN A 67 -2.36 -8.24 -2.64
C GLN A 67 -1.68 -8.09 -1.28
N LYS A 68 -0.41 -7.69 -1.32
CA LYS A 68 0.36 -7.50 -0.09
C LYS A 68 -0.40 -6.63 0.90
N CYS A 69 -0.80 -5.45 0.46
CA CYS A 69 -1.54 -4.52 1.31
C CYS A 69 -2.64 -5.25 2.08
N LEU A 70 -3.44 -6.05 1.35
CA LEU A 70 -4.52 -6.80 1.96
C LEU A 70 -4.01 -7.64 3.13
N ALA A 71 -2.94 -8.39 2.88
CA ALA A 71 -2.36 -9.25 3.91
C ALA A 71 -1.84 -8.42 5.08
N LEU A 72 -1.30 -7.24 4.77
CA LEU A 72 -0.77 -6.35 5.81
C LEU A 72 -1.86 -5.92 6.78
N GLY A 73 -3.11 -5.93 6.31
CA GLY A 73 -4.22 -5.55 7.15
C GLY A 73 -4.79 -4.19 6.79
N MET A 74 -4.68 -3.83 5.51
CA MET A 74 -5.19 -2.55 5.03
C MET A 74 -6.72 -2.58 4.93
N SER A 75 -7.37 -1.91 5.87
CA SER A 75 -8.83 -1.86 5.88
C SER A 75 -9.36 -1.03 4.72
N HIS A 76 -10.10 -1.69 3.82
CA HIS A 76 -10.66 -1.01 2.65
C HIS A 76 -11.79 -0.08 3.06
N ASN A 77 -12.69 -0.58 3.91
CA ASN A 77 -13.82 0.21 4.38
C ASN A 77 -13.39 1.65 4.69
N ALA A 78 -12.29 1.78 5.42
CA ALA A 78 -11.78 3.09 5.79
C ALA A 78 -12.00 4.11 4.67
N ILE A 79 -11.75 3.67 3.43
CA ILE A 79 -11.92 4.54 2.28
C ILE A 79 -13.39 4.81 2.01
N ARG A 80 -14.13 3.75 1.69
CA ARG A 80 -15.56 3.87 1.41
C ARG A 80 -16.24 4.79 2.43
N PHE A 81 -16.81 5.88 1.93
CA PHE A 81 -17.49 6.84 2.79
C PHE A 81 -18.88 7.17 2.24
N GLY A 82 -19.80 7.50 3.15
CA GLY A 82 -21.15 7.84 2.74
C GLY A 82 -21.79 8.88 3.63
N SER A 83 -22.63 8.43 4.56
CA SER A 83 -23.32 9.35 5.47
C SER A 83 -22.39 9.74 6.62
N GLY A 84 -21.76 8.74 7.24
CA GLY A 84 -20.86 9.01 8.34
C GLY A 84 -21.07 8.05 9.50
N PRO A 85 -19.99 7.80 10.25
CA PRO A 85 -20.03 6.89 11.41
C PRO A 85 -20.84 7.46 12.57
N SER A 86 -21.17 8.75 12.48
CA SER A 86 -21.93 9.42 13.52
C SER A 86 -23.43 9.32 13.25
N SER A 87 -24.23 9.71 14.24
CA SER A 87 -25.68 9.66 14.11
C SER A 87 -26.14 10.43 12.87
N GLY A 88 -27.21 9.93 12.24
CA GLY A 88 -27.73 10.59 11.05
C GLY A 88 -26.64 11.21 10.21
N GLY A 1 26.60 9.57 2.27
CA GLY A 1 27.20 10.63 3.05
C GLY A 1 27.02 10.43 4.53
N SER A 2 25.79 10.58 5.00
CA SER A 2 25.48 10.42 6.42
C SER A 2 24.47 9.30 6.64
N SER A 3 24.66 8.54 7.71
CA SER A 3 23.78 7.43 8.03
C SER A 3 22.35 7.91 8.22
N GLY A 4 21.42 7.34 7.45
CA GLY A 4 20.03 7.72 7.56
C GLY A 4 19.44 7.44 8.92
N SER A 5 18.17 7.05 8.95
CA SER A 5 17.49 6.75 10.21
C SER A 5 16.92 5.33 10.19
N SER A 6 16.71 4.76 11.38
CA SER A 6 16.18 3.42 11.50
C SER A 6 15.13 3.34 12.61
N GLY A 7 13.95 2.84 12.26
CA GLY A 7 12.88 2.73 13.23
C GLY A 7 11.52 2.50 12.59
N MET A 8 11.25 3.25 11.53
CA MET A 8 9.98 3.12 10.82
C MET A 8 10.21 2.85 9.34
N GLU A 9 9.50 1.87 8.79
CA GLU A 9 9.63 1.52 7.38
C GLU A 9 8.31 0.99 6.83
N CYS A 10 7.99 1.37 5.60
CA CYS A 10 6.76 0.94 4.96
C CYS A 10 6.76 -0.57 4.74
N ARG A 11 5.92 -1.27 5.49
CA ARG A 11 5.82 -2.73 5.38
C ARG A 11 5.65 -3.15 3.91
N VAL A 12 4.95 -2.32 3.14
CA VAL A 12 4.72 -2.61 1.73
C VAL A 12 6.03 -2.66 0.95
N CYS A 13 6.64 -1.50 0.77
CA CYS A 13 7.90 -1.40 0.04
C CYS A 13 9.09 -1.36 1.00
N GLY A 14 8.96 -0.54 2.04
CA GLY A 14 10.03 -0.41 3.02
C GLY A 14 10.44 1.01 3.26
N ASP A 15 10.42 1.82 2.21
CA ASP A 15 10.79 3.23 2.31
C ASP A 15 10.20 3.85 3.58
N LYS A 16 10.81 4.95 4.02
CA LYS A 16 10.35 5.64 5.22
C LYS A 16 8.83 5.59 5.33
N ALA A 17 8.33 5.24 6.51
CA ALA A 17 6.89 5.16 6.75
C ALA A 17 6.33 6.52 7.14
N SER A 18 5.76 7.21 6.16
CA SER A 18 5.18 8.53 6.40
C SER A 18 4.39 8.55 7.72
N GLY A 19 3.50 7.58 7.87
CA GLY A 19 2.70 7.50 9.08
C GLY A 19 1.97 6.17 9.22
N PHE A 20 0.87 6.17 9.94
CA PHE A 20 0.08 4.96 10.15
C PHE A 20 -1.24 5.03 9.39
N HIS A 21 -1.23 4.54 8.15
CA HIS A 21 -2.44 4.56 7.33
C HIS A 21 -3.01 3.15 7.19
N TYR A 22 -4.33 3.04 7.25
CA TYR A 22 -5.01 1.76 7.14
C TYR A 22 -4.52 0.79 8.21
N GLY A 23 -4.27 1.32 9.41
CA GLY A 23 -3.80 0.49 10.50
C GLY A 23 -2.50 -0.21 10.19
N VAL A 24 -1.76 0.32 9.21
CA VAL A 24 -0.49 -0.26 8.81
C VAL A 24 0.53 0.83 8.49
N HIS A 25 1.77 0.63 8.94
CA HIS A 25 2.84 1.59 8.69
C HIS A 25 3.25 1.59 7.23
N ALA A 26 2.61 2.44 6.42
CA ALA A 26 2.91 2.52 5.01
C ALA A 26 3.46 3.91 4.65
N CYS A 27 3.94 4.04 3.42
CA CYS A 27 4.49 5.31 2.95
C CYS A 27 3.50 6.04 2.06
N GLU A 28 3.81 7.29 1.74
CA GLU A 28 2.94 8.10 0.89
C GLU A 28 2.73 7.44 -0.47
N GLY A 29 3.84 7.03 -1.10
CA GLY A 29 3.76 6.39 -2.39
C GLY A 29 2.75 5.26 -2.42
N CYS A 30 3.08 4.15 -1.78
CA CYS A 30 2.21 2.99 -1.73
C CYS A 30 0.75 3.42 -1.51
N LYS A 31 0.52 4.18 -0.45
CA LYS A 31 -0.83 4.65 -0.13
C LYS A 31 -1.59 5.01 -1.40
N GLY A 32 -0.97 5.81 -2.26
CA GLY A 32 -1.61 6.20 -3.50
C GLY A 32 -2.04 5.01 -4.34
N PHE A 33 -1.13 4.04 -4.50
CA PHE A 33 -1.42 2.85 -5.28
C PHE A 33 -2.60 2.09 -4.69
N PHE A 34 -2.49 1.73 -3.42
CA PHE A 34 -3.55 0.99 -2.73
C PHE A 34 -4.89 1.69 -2.91
N ARG A 35 -4.98 2.93 -2.41
CA ARG A 35 -6.22 3.70 -2.51
C ARG A 35 -6.72 3.75 -3.95
N ARG A 36 -5.84 4.17 -4.86
CA ARG A 36 -6.19 4.26 -6.27
C ARG A 36 -6.91 3.00 -6.74
N THR A 37 -6.35 1.85 -6.40
CA THR A 37 -6.94 0.57 -6.79
C THR A 37 -8.33 0.41 -6.19
N ILE A 38 -8.52 0.89 -4.97
CA ILE A 38 -9.80 0.79 -4.29
C ILE A 38 -10.81 1.76 -4.91
N ARG A 39 -10.52 3.06 -4.80
CA ARG A 39 -11.41 4.08 -5.34
C ARG A 39 -11.74 3.79 -6.81
N MET A 40 -10.75 3.31 -7.55
CA MET A 40 -10.94 2.99 -8.97
C MET A 40 -11.44 1.56 -9.14
N LYS A 41 -11.41 0.80 -8.05
CA LYS A 41 -11.86 -0.59 -8.08
C LYS A 41 -11.23 -1.35 -9.25
N LEU A 42 -9.92 -1.23 -9.38
CA LEU A 42 -9.19 -1.90 -10.46
C LEU A 42 -8.85 -3.33 -10.08
N GLU A 43 -8.40 -4.11 -11.04
CA GLU A 43 -8.03 -5.50 -10.81
C GLU A 43 -6.84 -5.91 -11.67
N TYR A 44 -6.16 -6.97 -11.25
CA TYR A 44 -4.99 -7.46 -11.99
C TYR A 44 -4.98 -8.99 -12.02
N GLU A 45 -4.07 -9.55 -12.83
CA GLU A 45 -3.95 -10.99 -12.95
C GLU A 45 -3.21 -11.59 -11.75
N LYS A 46 -3.74 -12.69 -11.23
CA LYS A 46 -3.14 -13.35 -10.08
C LYS A 46 -1.68 -13.69 -10.36
N CYS A 47 -0.82 -13.47 -9.36
CA CYS A 47 0.60 -13.74 -9.49
C CYS A 47 1.08 -14.68 -8.38
N GLU A 48 1.44 -15.90 -8.75
CA GLU A 48 1.92 -16.89 -7.78
C GLU A 48 3.34 -16.57 -7.35
N ARG A 49 4.16 -16.10 -8.29
CA ARG A 49 5.55 -15.77 -8.00
C ARG A 49 5.66 -14.99 -6.69
N SER A 50 4.58 -14.33 -6.30
CA SER A 50 4.57 -13.55 -5.06
C SER A 50 5.75 -12.60 -5.01
N CYS A 51 6.00 -11.90 -6.11
CA CYS A 51 7.10 -10.96 -6.18
C CYS A 51 7.26 -10.20 -4.87
N LYS A 52 8.48 -9.76 -4.60
CA LYS A 52 8.78 -9.03 -3.37
C LYS A 52 8.78 -7.53 -3.62
N ILE A 53 7.75 -6.85 -3.11
CA ILE A 53 7.63 -5.40 -3.29
C ILE A 53 8.68 -4.67 -2.46
N GLN A 54 9.65 -4.07 -3.15
CA GLN A 54 10.72 -3.33 -2.48
C GLN A 54 10.79 -1.90 -3.00
N LYS A 55 11.43 -1.03 -2.23
CA LYS A 55 11.57 0.37 -2.61
C LYS A 55 11.83 0.51 -4.11
N LYS A 56 12.80 -0.23 -4.61
CA LYS A 56 13.14 -0.20 -6.02
C LYS A 56 12.18 -1.06 -6.84
N ASN A 57 11.96 -2.29 -6.37
CA ASN A 57 11.06 -3.21 -7.05
C ASN A 57 9.61 -2.95 -6.66
N ARG A 58 9.23 -1.67 -6.65
CA ARG A 58 7.87 -1.29 -6.29
C ARG A 58 6.94 -1.40 -7.50
N ASN A 59 7.35 -0.81 -8.61
CA ASN A 59 6.56 -0.84 -9.84
C ASN A 59 6.93 -2.03 -10.70
N LYS A 60 7.18 -3.17 -10.05
CA LYS A 60 7.56 -4.39 -10.76
C LYS A 60 6.33 -5.22 -11.10
N CYS A 61 5.55 -5.57 -10.07
CA CYS A 61 4.34 -6.36 -10.26
C CYS A 61 3.10 -5.58 -9.83
N GLN A 62 2.00 -5.80 -10.53
CA GLN A 62 0.75 -5.10 -10.23
C GLN A 62 -0.05 -5.87 -9.17
N TYR A 63 -0.27 -7.16 -9.42
CA TYR A 63 -1.02 -7.99 -8.50
C TYR A 63 -0.36 -8.01 -7.12
N CYS A 64 0.84 -8.58 -7.04
CA CYS A 64 1.57 -8.65 -5.79
C CYS A 64 1.44 -7.35 -5.01
N ARG A 65 1.56 -6.22 -5.71
CA ARG A 65 1.45 -4.91 -5.07
C ARG A 65 0.13 -4.78 -4.32
N PHE A 66 -0.96 -5.15 -4.97
CA PHE A 66 -2.28 -5.07 -4.37
C PHE A 66 -2.45 -6.14 -3.28
N GLN A 67 -2.03 -7.35 -3.60
CA GLN A 67 -2.14 -8.47 -2.67
C GLN A 67 -1.46 -8.13 -1.34
N LYS A 68 -0.21 -7.70 -1.42
CA LYS A 68 0.56 -7.36 -0.22
C LYS A 68 -0.27 -6.46 0.71
N CYS A 69 -0.67 -5.30 0.19
CA CYS A 69 -1.46 -4.35 0.97
C CYS A 69 -2.54 -5.08 1.77
N LEU A 70 -3.38 -5.83 1.06
CA LEU A 70 -4.46 -6.58 1.69
C LEU A 70 -3.92 -7.51 2.76
N ALA A 71 -2.91 -8.30 2.40
CA ALA A 71 -2.30 -9.24 3.33
C ALA A 71 -1.90 -8.55 4.62
N LEU A 72 -1.43 -7.31 4.51
CA LEU A 72 -1.00 -6.53 5.66
C LEU A 72 -2.19 -6.18 6.56
N GLY A 73 -3.37 -6.16 5.95
CA GLY A 73 -4.58 -5.83 6.70
C GLY A 73 -5.08 -4.44 6.42
N MET A 74 -4.81 -3.95 5.21
CA MET A 74 -5.25 -2.61 4.82
C MET A 74 -6.76 -2.57 4.64
N SER A 75 -7.45 -1.91 5.58
CA SER A 75 -8.90 -1.79 5.53
C SER A 75 -9.32 -0.76 4.51
N HIS A 76 -10.30 -1.11 3.67
CA HIS A 76 -10.80 -0.21 2.64
C HIS A 76 -11.80 0.77 3.23
N ASN A 77 -12.69 0.26 4.07
CA ASN A 77 -13.72 1.10 4.70
C ASN A 77 -13.17 2.49 4.98
N ALA A 78 -11.93 2.56 5.45
CA ALA A 78 -11.30 3.83 5.77
C ALA A 78 -11.49 4.84 4.63
N ILE A 79 -10.93 4.52 3.48
CA ILE A 79 -11.05 5.40 2.32
C ILE A 79 -12.43 6.03 2.24
N ARG A 80 -12.48 7.36 2.31
CA ARG A 80 -13.74 8.09 2.25
C ARG A 80 -14.25 8.16 0.82
N PHE A 81 -15.55 8.44 0.67
CA PHE A 81 -16.17 8.53 -0.65
C PHE A 81 -15.33 9.40 -1.58
N GLY A 82 -15.12 10.66 -1.19
CA GLY A 82 -14.35 11.57 -2.00
C GLY A 82 -14.68 13.03 -1.72
N SER A 83 -13.66 13.80 -1.35
CA SER A 83 -13.85 15.22 -1.04
C SER A 83 -13.28 16.10 -2.15
N GLY A 84 -14.16 16.65 -2.98
CA GLY A 84 -13.72 17.50 -4.07
C GLY A 84 -14.53 17.28 -5.33
N PRO A 85 -13.84 16.89 -6.42
CA PRO A 85 -14.47 16.64 -7.71
C PRO A 85 -15.35 15.40 -7.70
N SER A 86 -16.64 15.58 -7.99
CA SER A 86 -17.58 14.47 -8.00
C SER A 86 -18.06 14.17 -9.42
N SER A 87 -18.60 15.20 -10.08
CA SER A 87 -19.09 15.05 -11.44
C SER A 87 -17.94 15.05 -12.44
N GLY A 88 -17.74 13.91 -13.10
CA GLY A 88 -16.67 13.80 -14.07
C GLY A 88 -16.92 14.63 -15.31
N GLY A 1 15.96 -11.55 14.19
CA GLY A 1 15.88 -10.35 15.02
C GLY A 1 15.84 -9.08 14.19
N SER A 2 16.99 -8.46 14.00
CA SER A 2 17.08 -7.22 13.22
C SER A 2 18.40 -7.14 12.47
N SER A 3 18.35 -6.62 11.25
CA SER A 3 19.55 -6.49 10.42
C SER A 3 20.13 -5.09 10.52
N GLY A 4 19.26 -4.09 10.37
CA GLY A 4 19.72 -2.71 10.44
C GLY A 4 18.85 -1.87 11.37
N SER A 5 19.00 -0.55 11.28
CA SER A 5 18.24 0.36 12.12
C SER A 5 16.81 -0.16 12.33
N SER A 6 16.40 -0.23 13.59
CA SER A 6 15.06 -0.71 13.93
C SER A 6 14.19 0.44 14.46
N GLY A 7 13.34 0.96 13.58
CA GLY A 7 12.46 2.06 13.98
C GLY A 7 11.14 2.02 13.23
N MET A 8 10.97 2.96 12.31
CA MET A 8 9.74 3.04 11.53
C MET A 8 10.04 3.04 10.04
N GLU A 9 9.40 2.13 9.30
CA GLU A 9 9.60 2.03 7.85
C GLU A 9 8.42 1.33 7.19
N CYS A 10 8.07 1.79 5.99
CA CYS A 10 6.96 1.21 5.25
C CYS A 10 7.05 -0.32 5.25
N ARG A 11 5.92 -0.97 5.46
CA ARG A 11 5.87 -2.44 5.47
C ARG A 11 5.53 -2.98 4.09
N VAL A 12 5.01 -2.11 3.22
CA VAL A 12 4.64 -2.52 1.87
C VAL A 12 5.87 -2.57 0.97
N CYS A 13 6.58 -1.47 0.87
CA CYS A 13 7.78 -1.40 0.04
C CYS A 13 9.04 -1.39 0.90
N GLY A 14 9.02 -0.60 1.97
CA GLY A 14 10.17 -0.53 2.86
C GLY A 14 10.56 0.90 3.19
N ASP A 15 10.59 1.76 2.16
CA ASP A 15 10.95 3.15 2.35
C ASP A 15 10.30 3.71 3.61
N LYS A 16 10.97 4.68 4.23
CA LYS A 16 10.47 5.30 5.45
C LYS A 16 8.95 5.41 5.41
N ALA A 17 8.31 5.05 6.53
CA ALA A 17 6.87 5.10 6.64
C ALA A 17 6.39 6.48 7.10
N SER A 18 5.87 7.27 6.16
CA SER A 18 5.39 8.61 6.46
C SER A 18 4.60 8.62 7.77
N GLY A 19 3.68 7.67 7.90
CA GLY A 19 2.86 7.59 9.10
C GLY A 19 2.13 6.27 9.20
N PHE A 20 1.08 6.24 10.03
CA PHE A 20 0.29 5.03 10.23
C PHE A 20 -1.06 5.15 9.53
N HIS A 21 -1.13 4.65 8.30
CA HIS A 21 -2.37 4.69 7.53
C HIS A 21 -2.97 3.30 7.35
N TYR A 22 -4.29 3.22 7.35
CA TYR A 22 -4.98 1.95 7.20
C TYR A 22 -4.53 0.95 8.27
N GLY A 23 -4.16 1.47 9.44
CA GLY A 23 -3.71 0.63 10.52
C GLY A 23 -2.46 -0.15 10.16
N VAL A 24 -1.77 0.28 9.12
CA VAL A 24 -0.55 -0.38 8.67
C VAL A 24 0.52 0.64 8.29
N HIS A 25 1.72 0.43 8.82
CA HIS A 25 2.84 1.34 8.54
C HIS A 25 3.14 1.39 7.05
N ALA A 26 2.62 2.41 6.37
CA ALA A 26 2.83 2.57 4.94
C ALA A 26 3.34 3.96 4.62
N CYS A 27 4.01 4.09 3.48
CA CYS A 27 4.56 5.38 3.05
C CYS A 27 3.58 6.11 2.14
N GLU A 28 3.91 7.35 1.79
CA GLU A 28 3.05 8.15 0.92
C GLU A 28 2.88 7.48 -0.43
N GLY A 29 3.99 7.13 -1.06
CA GLY A 29 3.94 6.49 -2.37
C GLY A 29 2.95 5.35 -2.41
N CYS A 30 3.25 4.27 -1.69
CA CYS A 30 2.39 3.10 -1.66
C CYS A 30 0.93 3.51 -1.48
N LYS A 31 0.69 4.37 -0.50
CA LYS A 31 -0.66 4.85 -0.22
C LYS A 31 -1.43 5.10 -1.51
N GLY A 32 -0.99 6.09 -2.28
CA GLY A 32 -1.65 6.41 -3.54
C GLY A 32 -2.08 5.17 -4.29
N PHE A 33 -1.14 4.25 -4.51
CA PHE A 33 -1.44 3.02 -5.23
C PHE A 33 -2.66 2.32 -4.63
N PHE A 34 -2.52 1.85 -3.40
CA PHE A 34 -3.62 1.17 -2.72
C PHE A 34 -4.94 1.87 -2.98
N ARG A 35 -5.10 3.06 -2.40
CA ARG A 35 -6.33 3.83 -2.58
C ARG A 35 -6.75 3.86 -4.04
N ARG A 36 -5.88 4.41 -4.88
CA ARG A 36 -6.16 4.51 -6.32
C ARG A 36 -6.80 3.23 -6.83
N THR A 37 -6.24 2.09 -6.44
CA THR A 37 -6.75 0.79 -6.86
C THR A 37 -8.18 0.57 -6.36
N ILE A 38 -8.47 1.10 -5.18
CA ILE A 38 -9.80 0.97 -4.59
C ILE A 38 -10.80 1.92 -5.25
N ARG A 39 -10.48 3.21 -5.23
CA ARG A 39 -11.34 4.22 -5.82
C ARG A 39 -11.60 3.91 -7.29
N MET A 40 -10.63 3.27 -7.93
CA MET A 40 -10.75 2.92 -9.34
C MET A 40 -11.21 1.47 -9.51
N LYS A 41 -11.28 0.75 -8.39
CA LYS A 41 -11.70 -0.65 -8.42
C LYS A 41 -10.99 -1.42 -9.52
N LEU A 42 -9.67 -1.24 -9.62
CA LEU A 42 -8.88 -1.92 -10.64
C LEU A 42 -8.52 -3.33 -10.19
N GLU A 43 -8.77 -4.31 -11.06
CA GLU A 43 -8.46 -5.69 -10.75
C GLU A 43 -7.38 -6.23 -11.69
N TYR A 44 -6.78 -7.35 -11.30
CA TYR A 44 -5.73 -7.96 -12.10
C TYR A 44 -5.75 -9.48 -11.96
N GLU A 45 -5.00 -10.16 -12.82
CA GLU A 45 -4.93 -11.62 -12.79
C GLU A 45 -3.98 -12.09 -11.68
N LYS A 46 -4.32 -13.21 -11.06
CA LYS A 46 -3.51 -13.77 -9.98
C LYS A 46 -2.08 -14.00 -10.45
N CYS A 47 -1.15 -13.20 -9.94
CA CYS A 47 0.26 -13.31 -10.30
C CYS A 47 0.98 -14.30 -9.38
N GLU A 48 0.92 -15.58 -9.74
CA GLU A 48 1.57 -16.62 -8.94
C GLU A 48 3.01 -16.24 -8.63
N ARG A 49 3.71 -15.70 -9.62
CA ARG A 49 5.10 -15.29 -9.44
C ARG A 49 5.32 -14.67 -8.07
N SER A 50 4.26 -14.05 -7.54
CA SER A 50 4.34 -13.40 -6.23
C SER A 50 5.53 -12.45 -6.16
N CYS A 51 5.69 -11.65 -7.21
CA CYS A 51 6.79 -10.69 -7.27
C CYS A 51 7.08 -10.09 -5.89
N LYS A 52 8.36 -10.03 -5.55
CA LYS A 52 8.77 -9.48 -4.26
C LYS A 52 8.87 -7.96 -4.31
N ILE A 53 7.88 -7.29 -3.74
CA ILE A 53 7.85 -5.83 -3.72
C ILE A 53 9.04 -5.27 -2.94
N GLN A 54 10.11 -4.93 -3.66
CA GLN A 54 11.31 -4.39 -3.04
C GLN A 54 11.39 -2.88 -3.26
N LYS A 55 11.86 -2.17 -2.24
CA LYS A 55 12.00 -0.72 -2.32
C LYS A 55 12.58 -0.30 -3.65
N LYS A 56 13.69 -0.93 -4.04
CA LYS A 56 14.35 -0.61 -5.30
C LYS A 56 13.35 -0.65 -6.46
N ASN A 57 12.57 -1.71 -6.52
CA ASN A 57 11.57 -1.85 -7.58
C ASN A 57 10.21 -2.22 -7.00
N ARG A 58 9.49 -1.22 -6.52
CA ARG A 58 8.17 -1.44 -5.94
C ARG A 58 7.08 -1.39 -7.01
N ASN A 59 7.30 -0.56 -8.03
CA ASN A 59 6.34 -0.42 -9.12
C ASN A 59 6.61 -1.44 -10.23
N LYS A 60 6.87 -2.68 -9.83
CA LYS A 60 7.15 -3.75 -10.78
C LYS A 60 5.86 -4.47 -11.18
N CYS A 61 5.21 -5.08 -10.21
CA CYS A 61 3.96 -5.80 -10.46
C CYS A 61 2.78 -5.07 -9.82
N GLN A 62 1.61 -5.17 -10.47
CA GLN A 62 0.41 -4.53 -9.98
C GLN A 62 -0.31 -5.41 -8.96
N TYR A 63 -0.78 -6.56 -9.42
CA TYR A 63 -1.49 -7.51 -8.55
C TYR A 63 -0.75 -7.69 -7.23
N CYS A 64 0.42 -8.30 -7.30
CA CYS A 64 1.23 -8.55 -6.11
C CYS A 64 1.23 -7.32 -5.20
N ARG A 65 1.50 -6.16 -5.77
CA ARG A 65 1.54 -4.92 -5.01
C ARG A 65 0.26 -4.76 -4.17
N PHE A 66 -0.89 -4.93 -4.82
CA PHE A 66 -2.17 -4.81 -4.14
C PHE A 66 -2.35 -5.92 -3.11
N GLN A 67 -2.18 -7.16 -3.55
CA GLN A 67 -2.32 -8.32 -2.67
C GLN A 67 -1.55 -8.10 -1.36
N LYS A 68 -0.28 -7.72 -1.50
CA LYS A 68 0.57 -7.48 -0.33
C LYS A 68 -0.13 -6.58 0.68
N CYS A 69 -0.60 -5.43 0.21
CA CYS A 69 -1.29 -4.48 1.07
C CYS A 69 -2.41 -5.16 1.85
N LEU A 70 -3.25 -5.89 1.14
CA LEU A 70 -4.37 -6.59 1.76
C LEU A 70 -3.89 -7.53 2.86
N ALA A 71 -2.86 -8.32 2.54
CA ALA A 71 -2.29 -9.25 3.51
C ALA A 71 -1.78 -8.53 4.74
N LEU A 72 -1.28 -7.31 4.54
CA LEU A 72 -0.74 -6.51 5.63
C LEU A 72 -1.85 -6.12 6.61
N GLY A 73 -3.07 -6.01 6.10
CA GLY A 73 -4.19 -5.65 6.95
C GLY A 73 -4.78 -4.31 6.58
N MET A 74 -4.58 -3.89 5.33
CA MET A 74 -5.09 -2.61 4.86
C MET A 74 -6.61 -2.65 4.74
N SER A 75 -7.28 -1.86 5.58
CA SER A 75 -8.74 -1.80 5.58
C SER A 75 -9.25 -1.02 4.36
N HIS A 76 -9.92 -1.74 3.45
CA HIS A 76 -10.46 -1.11 2.25
C HIS A 76 -11.84 -0.53 2.52
N ASN A 77 -12.42 -0.89 3.66
CA ASN A 77 -13.74 -0.40 4.04
C ASN A 77 -13.63 0.90 4.83
N ALA A 78 -12.41 1.41 4.95
CA ALA A 78 -12.19 2.65 5.68
C ALA A 78 -11.88 3.80 4.73
N ILE A 79 -12.47 3.76 3.55
CA ILE A 79 -12.27 4.80 2.55
C ILE A 79 -13.36 5.86 2.62
N ARG A 80 -13.14 6.87 3.47
CA ARG A 80 -14.11 7.95 3.63
C ARG A 80 -13.45 9.18 4.26
N PHE A 81 -13.54 10.30 3.56
CA PHE A 81 -12.95 11.55 4.04
C PHE A 81 -13.75 12.10 5.21
N GLY A 82 -15.07 12.08 5.08
CA GLY A 82 -15.93 12.59 6.14
C GLY A 82 -17.38 12.19 5.96
N SER A 83 -18.11 12.05 7.06
CA SER A 83 -19.52 11.67 7.01
C SER A 83 -20.30 12.61 6.09
N GLY A 84 -20.81 12.06 4.99
CA GLY A 84 -21.57 12.86 4.04
C GLY A 84 -21.15 12.62 2.61
N PRO A 85 -21.96 11.82 1.89
CA PRO A 85 -21.67 11.49 0.48
C PRO A 85 -21.86 12.68 -0.45
N SER A 86 -20.82 13.48 -0.59
CA SER A 86 -20.86 14.66 -1.44
C SER A 86 -19.76 14.61 -2.49
N SER A 87 -20.10 14.13 -3.68
CA SER A 87 -19.14 14.03 -4.78
C SER A 87 -18.18 15.22 -4.77
N GLY A 88 -16.98 15.01 -5.28
CA GLY A 88 -15.99 16.06 -5.32
C GLY A 88 -14.92 15.81 -6.36
N GLY A 1 20.47 14.14 5.41
CA GLY A 1 20.68 14.27 6.84
C GLY A 1 21.04 12.95 7.50
N SER A 2 20.09 12.02 7.52
CA SER A 2 20.32 10.71 8.12
C SER A 2 19.36 9.67 7.56
N SER A 3 19.78 8.41 7.58
CA SER A 3 18.96 7.32 7.07
C SER A 3 17.87 6.93 8.08
N GLY A 4 16.69 6.61 7.57
CA GLY A 4 15.60 6.22 8.43
C GLY A 4 15.60 4.74 8.76
N SER A 5 16.60 4.30 9.51
CA SER A 5 16.72 2.89 9.89
C SER A 5 16.09 2.64 11.25
N SER A 6 16.49 3.44 12.23
CA SER A 6 15.98 3.30 13.59
C SER A 6 14.48 3.59 13.64
N GLY A 7 14.08 4.70 13.03
CA GLY A 7 12.68 5.07 13.01
C GLY A 7 11.80 4.04 12.31
N MET A 8 10.54 4.37 12.12
CA MET A 8 9.60 3.46 11.45
C MET A 8 9.94 3.32 9.97
N GLU A 9 9.31 2.35 9.32
CA GLU A 9 9.54 2.11 7.90
C GLU A 9 8.34 1.43 7.25
N CYS A 10 8.00 1.88 6.05
CA CYS A 10 6.86 1.32 5.32
C CYS A 10 6.86 -0.20 5.41
N ARG A 11 5.67 -0.79 5.35
CA ARG A 11 5.52 -2.24 5.42
C ARG A 11 5.29 -2.84 4.04
N VAL A 12 4.76 -2.03 3.14
CA VAL A 12 4.49 -2.47 1.77
C VAL A 12 5.79 -2.55 0.95
N CYS A 13 6.48 -1.43 0.84
CA CYS A 13 7.73 -1.37 0.09
C CYS A 13 8.93 -1.44 1.03
N GLY A 14 8.83 -0.75 2.17
CA GLY A 14 9.92 -0.75 3.13
C GLY A 14 10.47 0.64 3.38
N ASP A 15 10.59 1.43 2.31
CA ASP A 15 11.11 2.79 2.41
C ASP A 15 10.55 3.50 3.65
N LYS A 16 11.31 4.44 4.19
CA LYS A 16 10.89 5.19 5.36
C LYS A 16 9.38 5.43 5.34
N ALA A 17 8.74 5.25 6.48
CA ALA A 17 7.29 5.46 6.59
C ALA A 17 6.97 6.92 6.91
N SER A 18 5.90 7.42 6.31
CA SER A 18 5.47 8.80 6.53
C SER A 18 4.48 8.89 7.68
N GLY A 19 3.57 7.92 7.75
CA GLY A 19 2.57 7.91 8.80
C GLY A 19 1.96 6.54 9.00
N PHE A 20 0.77 6.50 9.60
CA PHE A 20 0.07 5.25 9.84
C PHE A 20 -1.30 5.24 9.19
N HIS A 21 -1.36 4.80 7.94
CA HIS A 21 -2.61 4.75 7.20
C HIS A 21 -3.10 3.31 7.06
N TYR A 22 -4.40 3.12 7.19
CA TYR A 22 -5.00 1.79 7.07
C TYR A 22 -4.51 0.87 8.19
N GLY A 23 -4.18 1.48 9.33
CA GLY A 23 -3.69 0.70 10.46
C GLY A 23 -2.40 -0.02 10.16
N VAL A 24 -1.69 0.43 9.13
CA VAL A 24 -0.43 -0.18 8.75
C VAL A 24 0.61 0.87 8.39
N HIS A 25 1.85 0.65 8.81
CA HIS A 25 2.93 1.59 8.53
C HIS A 25 3.26 1.61 7.04
N ALA A 26 2.60 2.51 6.31
CA ALA A 26 2.81 2.64 4.88
C ALA A 26 3.34 4.03 4.52
N CYS A 27 4.00 4.13 3.37
CA CYS A 27 4.55 5.40 2.92
C CYS A 27 3.59 6.10 1.96
N GLU A 28 3.93 7.34 1.60
CA GLU A 28 3.09 8.11 0.69
C GLU A 28 2.87 7.36 -0.62
N GLY A 29 3.96 6.87 -1.21
CA GLY A 29 3.86 6.14 -2.46
C GLY A 29 2.85 5.00 -2.39
N CYS A 30 3.18 3.96 -1.64
CA CYS A 30 2.31 2.81 -1.50
C CYS A 30 0.91 3.24 -1.08
N LYS A 31 0.84 4.11 -0.07
CA LYS A 31 -0.44 4.60 0.43
C LYS A 31 -1.38 4.93 -0.72
N GLY A 32 -0.88 5.69 -1.69
CA GLY A 32 -1.69 6.06 -2.83
C GLY A 32 -2.12 4.87 -3.66
N PHE A 33 -1.15 4.13 -4.19
CA PHE A 33 -1.43 2.96 -5.01
C PHE A 33 -2.61 2.18 -4.44
N PHE A 34 -2.46 1.68 -3.23
CA PHE A 34 -3.51 0.92 -2.57
C PHE A 34 -4.86 1.61 -2.72
N ARG A 35 -4.92 2.87 -2.29
CA ARG A 35 -6.15 3.65 -2.39
C ARG A 35 -6.68 3.69 -3.81
N ARG A 36 -5.91 4.33 -4.69
CA ARG A 36 -6.31 4.45 -6.09
C ARG A 36 -6.93 3.15 -6.59
N THR A 37 -6.25 2.03 -6.33
CA THR A 37 -6.74 0.72 -6.74
C THR A 37 -8.14 0.46 -6.20
N ILE A 38 -8.38 0.89 -4.96
CA ILE A 38 -9.68 0.70 -4.33
C ILE A 38 -10.70 1.69 -4.86
N ARG A 39 -10.47 2.97 -4.58
CA ARG A 39 -11.39 4.02 -5.03
C ARG A 39 -11.80 3.80 -6.48
N MET A 40 -10.92 3.15 -7.25
CA MET A 40 -11.21 2.88 -8.65
C MET A 40 -11.69 1.45 -8.84
N LYS A 41 -11.36 0.59 -7.87
CA LYS A 41 -11.77 -0.81 -7.93
C LYS A 41 -11.13 -1.52 -9.12
N LEU A 42 -9.83 -1.32 -9.31
CA LEU A 42 -9.11 -1.93 -10.42
C LEU A 42 -8.74 -3.37 -10.08
N GLU A 43 -8.73 -4.22 -11.11
CA GLU A 43 -8.38 -5.63 -10.93
C GLU A 43 -7.11 -5.98 -11.69
N TYR A 44 -6.47 -7.07 -11.29
CA TYR A 44 -5.25 -7.52 -11.92
C TYR A 44 -5.22 -9.04 -12.05
N GLU A 45 -4.59 -9.53 -13.13
CA GLU A 45 -4.50 -10.96 -13.37
C GLU A 45 -3.85 -11.67 -12.19
N LYS A 46 -4.04 -12.99 -12.12
CA LYS A 46 -3.48 -13.79 -11.04
C LYS A 46 -1.99 -14.03 -11.26
N CYS A 47 -1.16 -13.52 -10.36
CA CYS A 47 0.28 -13.69 -10.46
C CYS A 47 0.78 -14.71 -9.44
N GLU A 48 1.30 -15.82 -9.94
CA GLU A 48 1.81 -16.88 -9.07
C GLU A 48 3.26 -16.61 -8.68
N ARG A 49 3.99 -15.92 -9.55
CA ARG A 49 5.39 -15.59 -9.30
C ARG A 49 5.54 -14.94 -7.92
N SER A 50 4.46 -14.36 -7.42
CA SER A 50 4.49 -13.70 -6.12
C SER A 50 5.63 -12.70 -6.04
N CYS A 51 5.82 -11.94 -7.10
CA CYS A 51 6.89 -10.94 -7.15
C CYS A 51 7.08 -10.29 -5.78
N LYS A 52 8.35 -10.10 -5.40
CA LYS A 52 8.67 -9.49 -4.11
C LYS A 52 8.78 -7.98 -4.25
N ILE A 53 7.80 -7.27 -3.68
CA ILE A 53 7.80 -5.81 -3.74
C ILE A 53 8.97 -5.22 -2.96
N GLN A 54 9.96 -4.73 -3.69
CA GLN A 54 11.15 -4.14 -3.07
C GLN A 54 11.09 -2.61 -3.13
N LYS A 55 11.92 -1.96 -2.32
CA LYS A 55 11.96 -0.50 -2.28
C LYS A 55 12.40 0.07 -3.62
N LYS A 56 13.42 -0.55 -4.22
CA LYS A 56 13.94 -0.11 -5.50
C LYS A 56 12.88 -0.24 -6.59
N ASN A 57 12.29 -1.43 -6.70
CA ASN A 57 11.25 -1.69 -7.69
C ASN A 57 9.88 -1.75 -7.05
N ARG A 58 9.20 -0.61 -7.01
CA ARG A 58 7.87 -0.53 -6.42
C ARG A 58 6.79 -0.88 -7.45
N ASN A 59 6.81 -0.17 -8.57
CA ASN A 59 5.84 -0.39 -9.63
C ASN A 59 6.25 -1.58 -10.51
N LYS A 60 6.69 -2.66 -9.86
CA LYS A 60 7.12 -3.86 -10.57
C LYS A 60 5.91 -4.68 -11.02
N CYS A 61 5.14 -5.17 -10.05
CA CYS A 61 3.97 -5.98 -10.35
C CYS A 61 2.71 -5.30 -9.82
N GLN A 62 1.64 -5.32 -10.62
CA GLN A 62 0.38 -4.71 -10.23
C GLN A 62 -0.39 -5.62 -9.27
N TYR A 63 -0.47 -6.90 -9.62
CA TYR A 63 -1.17 -7.87 -8.80
C TYR A 63 -0.51 -8.02 -7.44
N CYS A 64 0.66 -8.65 -7.42
CA CYS A 64 1.41 -8.87 -6.19
C CYS A 64 1.36 -7.63 -5.30
N ARG A 65 1.77 -6.49 -5.86
CA ARG A 65 1.78 -5.24 -5.12
C ARG A 65 0.47 -5.05 -4.35
N PHE A 66 -0.64 -5.33 -5.01
CA PHE A 66 -1.95 -5.20 -4.39
C PHE A 66 -2.16 -6.26 -3.32
N GLN A 67 -2.10 -7.52 -3.72
CA GLN A 67 -2.28 -8.64 -2.80
C GLN A 67 -1.55 -8.37 -1.48
N LYS A 68 -0.31 -7.90 -1.59
CA LYS A 68 0.50 -7.61 -0.41
C LYS A 68 -0.25 -6.70 0.55
N CYS A 69 -0.71 -5.56 0.04
CA CYS A 69 -1.45 -4.60 0.86
C CYS A 69 -2.57 -5.28 1.63
N LEU A 70 -3.23 -6.24 0.98
CA LEU A 70 -4.33 -6.97 1.60
C LEU A 70 -3.83 -7.80 2.78
N ALA A 71 -2.75 -8.54 2.56
CA ALA A 71 -2.17 -9.38 3.60
C ALA A 71 -1.80 -8.54 4.82
N LEU A 72 -1.29 -7.34 4.58
CA LEU A 72 -0.89 -6.44 5.66
C LEU A 72 -2.09 -6.10 6.56
N GLY A 73 -3.28 -6.12 5.96
CA GLY A 73 -4.48 -5.81 6.73
C GLY A 73 -5.08 -4.48 6.33
N MET A 74 -4.53 -3.87 5.29
CA MET A 74 -5.03 -2.58 4.81
C MET A 74 -6.54 -2.62 4.59
N SER A 75 -7.27 -1.82 5.36
CA SER A 75 -8.72 -1.77 5.26
C SER A 75 -9.14 -0.99 4.02
N HIS A 76 -10.36 -1.25 3.55
CA HIS A 76 -10.90 -0.57 2.37
C HIS A 76 -11.95 0.47 2.78
N ASN A 77 -12.86 0.07 3.65
CA ASN A 77 -13.92 0.97 4.12
C ASN A 77 -13.39 2.39 4.27
N ALA A 78 -12.23 2.53 4.91
CA ALA A 78 -11.61 3.84 5.12
C ALA A 78 -11.77 4.72 3.89
N ILE A 79 -11.16 4.30 2.78
CA ILE A 79 -11.22 5.05 1.53
C ILE A 79 -12.59 5.70 1.35
N ARG A 80 -13.63 4.89 1.47
CA ARG A 80 -15.00 5.38 1.32
C ARG A 80 -15.55 5.89 2.66
N PHE A 81 -15.72 7.20 2.76
CA PHE A 81 -16.23 7.81 3.97
C PHE A 81 -17.64 7.31 4.29
N GLY A 82 -17.99 7.33 5.57
CA GLY A 82 -19.31 6.88 5.99
C GLY A 82 -19.37 5.38 6.18
N SER A 83 -20.49 4.90 6.71
CA SER A 83 -20.66 3.47 6.95
C SER A 83 -21.16 2.76 5.69
N GLY A 84 -20.92 1.45 5.62
CA GLY A 84 -21.35 0.68 4.46
C GLY A 84 -20.44 -0.49 4.18
N PRO A 85 -21.02 -1.60 3.69
CA PRO A 85 -20.27 -2.81 3.37
C PRO A 85 -19.36 -2.63 2.16
N SER A 86 -19.53 -1.51 1.46
CA SER A 86 -18.72 -1.23 0.28
C SER A 86 -18.93 -2.29 -0.79
N SER A 87 -20.15 -2.79 -0.89
CA SER A 87 -20.48 -3.83 -1.86
C SER A 87 -21.85 -3.57 -2.49
N GLY A 88 -22.01 -4.00 -3.74
CA GLY A 88 -23.27 -3.81 -4.43
C GLY A 88 -23.90 -5.12 -4.86
N GLY A 1 23.81 8.21 6.11
CA GLY A 1 24.83 7.25 6.47
C GLY A 1 25.37 7.46 7.87
N SER A 2 26.00 6.44 8.43
CA SER A 2 26.55 6.52 9.79
C SER A 2 25.45 6.79 10.80
N SER A 3 24.32 6.11 10.65
CA SER A 3 23.19 6.28 11.54
C SER A 3 22.82 4.96 12.22
N GLY A 4 22.75 3.90 11.42
CA GLY A 4 22.41 2.59 11.96
C GLY A 4 21.02 2.15 11.57
N SER A 5 20.08 2.23 12.51
CA SER A 5 18.71 1.82 12.26
C SER A 5 17.80 3.05 12.14
N SER A 6 17.32 3.30 10.92
CA SER A 6 16.45 4.44 10.66
C SER A 6 15.29 4.46 11.65
N GLY A 7 14.58 3.33 11.75
CA GLY A 7 13.46 3.25 12.65
C GLY A 7 12.18 2.81 11.96
N MET A 8 11.25 3.74 11.80
CA MET A 8 9.98 3.44 11.14
C MET A 8 10.18 3.23 9.64
N GLU A 9 9.48 2.25 9.08
CA GLU A 9 9.57 1.95 7.66
C GLU A 9 8.25 1.39 7.13
N CYS A 10 8.03 1.57 5.83
CA CYS A 10 6.81 1.08 5.19
C CYS A 10 6.76 -0.44 5.21
N ARG A 11 5.55 -0.98 5.31
CA ARG A 11 5.36 -2.42 5.34
C ARG A 11 5.17 -2.98 3.93
N VAL A 12 4.69 -2.13 3.03
CA VAL A 12 4.46 -2.53 1.65
C VAL A 12 5.77 -2.65 0.88
N CYS A 13 6.40 -1.50 0.61
CA CYS A 13 7.66 -1.47 -0.11
C CYS A 13 8.84 -1.62 0.84
N GLY A 14 8.82 -0.85 1.93
CA GLY A 14 9.89 -0.91 2.90
C GLY A 14 10.49 0.45 3.21
N ASP A 15 10.54 1.30 2.20
CA ASP A 15 11.10 2.64 2.35
C ASP A 15 10.50 3.33 3.57
N LYS A 16 11.28 4.22 4.18
CA LYS A 16 10.84 4.95 5.37
C LYS A 16 9.34 5.23 5.30
N ALA A 17 8.66 5.05 6.42
CA ALA A 17 7.22 5.29 6.49
C ALA A 17 6.92 6.75 6.76
N SER A 18 5.83 7.24 6.18
CA SER A 18 5.43 8.64 6.36
C SER A 18 4.44 8.78 7.51
N GLY A 19 3.43 7.92 7.53
CA GLY A 19 2.43 7.96 8.59
C GLY A 19 1.77 6.62 8.81
N PHE A 20 0.78 6.60 9.71
CA PHE A 20 0.07 5.37 10.02
C PHE A 20 -1.30 5.35 9.36
N HIS A 21 -1.36 4.84 8.13
CA HIS A 21 -2.61 4.76 7.39
C HIS A 21 -3.07 3.31 7.24
N TYR A 22 -4.38 3.12 7.22
CA TYR A 22 -4.95 1.79 7.08
C TYR A 22 -4.47 0.87 8.21
N GLY A 23 -4.20 1.46 9.37
CA GLY A 23 -3.73 0.69 10.51
C GLY A 23 -2.43 -0.02 10.23
N VAL A 24 -1.76 0.36 9.14
CA VAL A 24 -0.49 -0.23 8.76
C VAL A 24 0.53 0.83 8.38
N HIS A 25 1.73 0.71 8.94
CA HIS A 25 2.80 1.67 8.65
C HIS A 25 3.16 1.65 7.17
N ALA A 26 2.51 2.51 6.39
CA ALA A 26 2.75 2.60 4.96
C ALA A 26 3.32 3.97 4.58
N CYS A 27 3.89 4.06 3.39
CA CYS A 27 4.46 5.32 2.91
C CYS A 27 3.52 5.99 1.91
N GLU A 28 3.71 7.30 1.73
CA GLU A 28 2.88 8.06 0.81
C GLU A 28 2.74 7.34 -0.53
N GLY A 29 3.87 6.88 -1.06
CA GLY A 29 3.85 6.17 -2.33
C GLY A 29 2.83 5.06 -2.36
N CYS A 30 3.08 4.01 -1.58
CA CYS A 30 2.18 2.87 -1.52
C CYS A 30 0.77 3.31 -1.16
N LYS A 31 0.66 4.12 -0.12
CA LYS A 31 -0.64 4.63 0.34
C LYS A 31 -1.54 4.94 -0.85
N GLY A 32 -1.15 5.93 -1.64
CA GLY A 32 -1.94 6.30 -2.80
C GLY A 32 -2.34 5.11 -3.64
N PHE A 33 -1.35 4.39 -4.16
CA PHE A 33 -1.60 3.22 -4.99
C PHE A 33 -2.81 2.43 -4.46
N PHE A 34 -2.70 1.96 -3.23
CA PHE A 34 -3.78 1.19 -2.62
C PHE A 34 -5.13 1.85 -2.86
N ARG A 35 -5.33 3.02 -2.25
CA ARG A 35 -6.58 3.75 -2.40
C ARG A 35 -6.99 3.81 -3.86
N ARG A 36 -6.13 4.37 -4.70
CA ARG A 36 -6.41 4.49 -6.12
C ARG A 36 -7.06 3.22 -6.66
N THR A 37 -6.36 2.10 -6.51
CA THR A 37 -6.86 0.82 -6.98
C THR A 37 -8.26 0.54 -6.44
N ILE A 38 -8.54 1.06 -5.25
CA ILE A 38 -9.85 0.87 -4.63
C ILE A 38 -10.90 1.77 -5.27
N ARG A 39 -10.72 3.08 -5.13
CA ARG A 39 -11.63 4.05 -5.68
C ARG A 39 -11.85 3.80 -7.18
N MET A 40 -10.86 3.18 -7.81
CA MET A 40 -10.94 2.88 -9.24
C MET A 40 -11.44 1.46 -9.47
N LYS A 41 -11.43 0.65 -8.41
CA LYS A 41 -11.88 -0.73 -8.50
C LYS A 41 -11.19 -1.46 -9.65
N LEU A 42 -9.92 -1.13 -9.86
CA LEU A 42 -9.15 -1.75 -10.93
C LEU A 42 -8.76 -3.19 -10.56
N GLU A 43 -8.69 -4.05 -11.57
CA GLU A 43 -8.33 -5.45 -11.35
C GLU A 43 -7.00 -5.78 -12.03
N TYR A 44 -6.47 -6.96 -11.72
CA TYR A 44 -5.20 -7.39 -12.30
C TYR A 44 -5.16 -8.91 -12.44
N GLU A 45 -4.21 -9.40 -13.23
CA GLU A 45 -4.07 -10.84 -13.45
C GLU A 45 -3.49 -11.52 -12.21
N LYS A 46 -4.02 -12.70 -11.89
CA LYS A 46 -3.56 -13.46 -10.73
C LYS A 46 -2.10 -13.88 -10.91
N CYS A 47 -1.28 -13.59 -9.91
CA CYS A 47 0.13 -13.95 -9.95
C CYS A 47 0.50 -14.88 -8.79
N GLU A 48 0.73 -16.15 -9.12
CA GLU A 48 1.08 -17.14 -8.10
C GLU A 48 2.52 -16.94 -7.63
N ARG A 49 3.38 -16.48 -8.54
CA ARG A 49 4.78 -16.26 -8.21
C ARG A 49 4.92 -15.47 -6.90
N SER A 50 3.85 -14.77 -6.53
CA SER A 50 3.85 -13.99 -5.30
C SER A 50 5.11 -13.12 -5.21
N CYS A 51 5.43 -12.46 -6.30
CA CYS A 51 6.61 -11.60 -6.36
C CYS A 51 6.81 -10.87 -5.02
N LYS A 52 8.06 -10.54 -4.71
CA LYS A 52 8.39 -9.85 -3.47
C LYS A 52 8.67 -8.38 -3.73
N ILE A 53 7.76 -7.51 -3.29
CA ILE A 53 7.91 -6.08 -3.47
C ILE A 53 9.15 -5.56 -2.74
N GLN A 54 10.17 -5.20 -3.50
CA GLN A 54 11.40 -4.68 -2.93
C GLN A 54 11.66 -3.25 -3.37
N LYS A 55 12.16 -2.43 -2.45
CA LYS A 55 12.44 -1.03 -2.75
C LYS A 55 13.21 -0.90 -4.07
N LYS A 56 14.30 -1.64 -4.18
CA LYS A 56 15.12 -1.61 -5.39
C LYS A 56 14.25 -1.68 -6.64
N ASN A 57 13.41 -2.71 -6.71
CA ASN A 57 12.53 -2.90 -7.86
C ASN A 57 11.09 -3.15 -7.40
N ARG A 58 10.39 -2.07 -7.06
CA ARG A 58 9.00 -2.18 -6.61
C ARG A 58 8.04 -2.23 -7.79
N ASN A 59 8.39 -1.50 -8.86
CA ASN A 59 7.55 -1.45 -10.05
C ASN A 59 7.78 -2.68 -10.92
N LYS A 60 7.53 -3.86 -10.34
CA LYS A 60 7.70 -5.11 -11.07
C LYS A 60 6.37 -5.80 -11.32
N CYS A 61 5.71 -6.21 -10.24
CA CYS A 61 4.41 -6.87 -10.34
C CYS A 61 3.30 -6.00 -9.74
N GLN A 62 2.18 -5.95 -10.43
CA GLN A 62 1.05 -5.15 -9.98
C GLN A 62 0.15 -5.96 -9.03
N TYR A 63 -0.30 -7.11 -9.51
CA TYR A 63 -1.16 -7.98 -8.70
C TYR A 63 -0.59 -8.15 -7.29
N CYS A 64 0.65 -8.62 -7.21
CA CYS A 64 1.30 -8.83 -5.93
C CYS A 64 1.25 -7.57 -5.07
N ARG A 65 1.74 -6.47 -5.62
CA ARG A 65 1.75 -5.19 -4.91
C ARG A 65 0.45 -5.00 -4.13
N PHE A 66 -0.67 -5.13 -4.83
CA PHE A 66 -1.98 -4.96 -4.22
C PHE A 66 -2.21 -6.02 -3.14
N GLN A 67 -1.88 -7.26 -3.46
CA GLN A 67 -2.05 -8.37 -2.53
C GLN A 67 -1.41 -8.04 -1.18
N LYS A 68 -0.13 -7.71 -1.20
CA LYS A 68 0.60 -7.39 0.01
C LYS A 68 -0.24 -6.49 0.93
N CYS A 69 -0.65 -5.34 0.41
CA CYS A 69 -1.45 -4.40 1.17
C CYS A 69 -2.53 -5.13 1.96
N LEU A 70 -3.22 -6.05 1.30
CA LEU A 70 -4.28 -6.82 1.95
C LEU A 70 -3.73 -7.68 3.07
N ALA A 71 -2.77 -8.54 2.73
CA ALA A 71 -2.14 -9.42 3.71
C ALA A 71 -1.66 -8.63 4.93
N LEU A 72 -1.21 -7.41 4.69
CA LEU A 72 -0.71 -6.54 5.77
C LEU A 72 -1.84 -6.21 6.74
N GLY A 73 -3.07 -6.23 6.25
CA GLY A 73 -4.21 -5.92 7.10
C GLY A 73 -4.84 -4.58 6.76
N MET A 74 -4.47 -4.03 5.61
CA MET A 74 -5.01 -2.74 5.17
C MET A 74 -6.53 -2.79 5.07
N SER A 75 -7.19 -1.91 5.82
CA SER A 75 -8.64 -1.85 5.82
C SER A 75 -9.15 -0.92 4.72
N HIS A 76 -9.93 -1.48 3.79
CA HIS A 76 -10.48 -0.70 2.69
C HIS A 76 -11.53 0.30 3.19
N ASN A 77 -12.48 -0.21 3.98
CA ASN A 77 -13.54 0.62 4.52
C ASN A 77 -13.01 1.99 4.93
N ALA A 78 -11.88 2.00 5.63
CA ALA A 78 -11.27 3.25 6.07
C ALA A 78 -11.47 4.36 5.03
N ILE A 79 -11.11 4.07 3.79
CA ILE A 79 -11.26 5.04 2.71
C ILE A 79 -12.59 5.78 2.82
N ARG A 80 -12.51 7.08 3.13
CA ARG A 80 -13.71 7.90 3.25
C ARG A 80 -14.17 8.41 1.89
N PHE A 81 -15.48 8.54 1.72
CA PHE A 81 -16.05 9.02 0.47
C PHE A 81 -16.34 10.52 0.54
N GLY A 82 -16.34 11.17 -0.62
CA GLY A 82 -16.60 12.60 -0.67
C GLY A 82 -15.53 13.36 -1.43
N SER A 83 -15.35 14.63 -1.09
CA SER A 83 -14.36 15.46 -1.76
C SER A 83 -12.97 15.22 -1.17
N GLY A 84 -12.07 14.70 -2.01
CA GLY A 84 -10.71 14.43 -1.57
C GLY A 84 -9.81 15.64 -1.68
N PRO A 85 -8.50 15.43 -1.43
CA PRO A 85 -7.51 16.50 -1.51
C PRO A 85 -7.26 16.97 -2.94
N SER A 86 -7.82 16.25 -3.90
CA SER A 86 -7.67 16.59 -5.31
C SER A 86 -7.64 18.10 -5.50
N SER A 87 -6.44 18.66 -5.55
CA SER A 87 -6.28 20.10 -5.72
C SER A 87 -7.13 20.61 -6.89
N GLY A 88 -7.00 19.95 -8.03
CA GLY A 88 -7.77 20.34 -9.20
C GLY A 88 -7.27 21.64 -9.80
N GLY A 1 20.84 4.65 10.29
CA GLY A 1 19.99 5.82 10.46
C GLY A 1 18.68 5.49 11.14
N SER A 2 18.37 6.21 12.21
CA SER A 2 17.14 5.98 12.96
C SER A 2 16.92 4.49 13.20
N SER A 3 17.99 3.79 13.55
CA SER A 3 17.92 2.35 13.80
C SER A 3 18.29 2.04 15.24
N GLY A 4 17.35 1.46 15.98
CA GLY A 4 17.60 1.12 17.37
C GLY A 4 16.39 0.52 18.05
N SER A 5 15.46 1.38 18.47
CA SER A 5 14.25 0.95 19.15
C SER A 5 13.02 1.31 18.33
N SER A 6 12.86 2.59 18.02
CA SER A 6 11.72 3.07 17.25
C SER A 6 12.06 3.13 15.77
N GLY A 7 11.83 2.03 15.06
CA GLY A 7 12.11 1.98 13.64
C GLY A 7 10.88 2.24 12.79
N MET A 8 11.02 3.15 11.83
CA MET A 8 9.91 3.49 10.94
C MET A 8 10.24 3.11 9.50
N GLU A 9 9.47 2.19 8.94
CA GLU A 9 9.67 1.74 7.57
C GLU A 9 8.37 1.20 6.97
N CYS A 10 8.18 1.44 5.68
CA CYS A 10 6.99 0.98 4.99
C CYS A 10 6.96 -0.54 4.89
N ARG A 11 5.82 -1.13 5.24
CA ARG A 11 5.66 -2.58 5.19
C ARG A 11 5.19 -3.03 3.81
N VAL A 12 5.49 -2.23 2.79
CA VAL A 12 5.10 -2.55 1.42
C VAL A 12 6.29 -2.44 0.48
N CYS A 13 7.12 -1.43 0.69
CA CYS A 13 8.30 -1.22 -0.15
C CYS A 13 9.57 -1.27 0.68
N GLY A 14 9.57 -0.58 1.81
CA GLY A 14 10.73 -0.55 2.68
C GLY A 14 11.11 0.85 3.11
N ASP A 15 11.03 1.80 2.18
CA ASP A 15 11.37 3.18 2.47
C ASP A 15 10.60 3.68 3.70
N LYS A 16 11.15 4.69 4.37
CA LYS A 16 10.52 5.26 5.55
C LYS A 16 9.00 5.27 5.41
N ALA A 17 8.32 5.23 6.56
CA ALA A 17 6.86 5.24 6.56
C ALA A 17 6.31 6.53 7.16
N SER A 18 5.43 7.19 6.42
CA SER A 18 4.84 8.45 6.88
C SER A 18 4.17 8.27 8.24
N GLY A 19 3.29 7.28 8.34
CA GLY A 19 2.60 7.03 9.58
C GLY A 19 1.51 5.99 9.44
N PHE A 20 0.53 6.03 10.34
CA PHE A 20 -0.57 5.07 10.32
C PHE A 20 -1.47 5.32 9.09
N HIS A 21 -1.75 4.25 8.35
CA HIS A 21 -2.60 4.35 7.17
C HIS A 21 -3.29 3.02 6.89
N TYR A 22 -4.62 3.03 6.94
CA TYR A 22 -5.40 1.83 6.69
C TYR A 22 -5.04 0.72 7.68
N GLY A 23 -4.59 1.13 8.86
CA GLY A 23 -4.20 0.16 9.89
C GLY A 23 -2.75 -0.26 9.77
N VAL A 24 -2.21 -0.19 8.56
CA VAL A 24 -0.82 -0.56 8.32
C VAL A 24 0.04 0.66 8.05
N HIS A 25 1.24 0.68 8.63
CA HIS A 25 2.16 1.79 8.45
C HIS A 25 2.80 1.76 7.07
N ALA A 26 2.25 2.53 6.15
CA ALA A 26 2.77 2.58 4.79
C ALA A 26 3.32 3.97 4.47
N CYS A 27 3.97 4.09 3.31
CA CYS A 27 4.54 5.36 2.88
C CYS A 27 3.65 6.04 1.85
N GLU A 28 3.95 7.30 1.55
CA GLU A 28 3.18 8.06 0.57
C GLU A 28 3.04 7.29 -0.73
N GLY A 29 4.16 6.87 -1.29
CA GLY A 29 4.15 6.12 -2.53
C GLY A 29 3.09 5.03 -2.53
N CYS A 30 3.34 3.97 -1.76
CA CYS A 30 2.42 2.85 -1.68
C CYS A 30 1.01 3.33 -1.32
N LYS A 31 0.93 4.22 -0.34
CA LYS A 31 -0.36 4.76 0.10
C LYS A 31 -1.24 5.08 -1.11
N GLY A 32 -0.77 5.95 -1.99
CA GLY A 32 -1.53 6.32 -3.16
C GLY A 32 -1.89 5.12 -4.02
N PHE A 33 -0.90 4.30 -4.32
CA PHE A 33 -1.13 3.11 -5.15
C PHE A 33 -2.34 2.32 -4.64
N PHE A 34 -2.20 1.72 -3.46
CA PHE A 34 -3.28 0.94 -2.87
C PHE A 34 -4.62 1.66 -3.03
N ARG A 35 -4.78 2.78 -2.34
CA ARG A 35 -6.01 3.55 -2.39
C ARG A 35 -6.57 3.56 -3.82
N ARG A 36 -5.81 4.13 -4.74
CA ARG A 36 -6.25 4.21 -6.14
C ARG A 36 -6.94 2.92 -6.57
N THR A 37 -6.34 1.78 -6.22
CA THR A 37 -6.89 0.49 -6.57
C THR A 37 -8.28 0.31 -5.96
N ILE A 38 -8.44 0.77 -4.73
CA ILE A 38 -9.72 0.65 -4.04
C ILE A 38 -10.75 1.61 -4.63
N ARG A 39 -10.49 2.90 -4.52
CA ARG A 39 -11.39 3.92 -5.04
C ARG A 39 -11.78 3.61 -6.49
N MET A 40 -10.83 3.05 -7.24
CA MET A 40 -11.07 2.70 -8.63
C MET A 40 -11.58 1.27 -8.76
N LYS A 41 -11.50 0.51 -7.67
CA LYS A 41 -11.96 -0.86 -7.66
C LYS A 41 -11.36 -1.65 -8.82
N LEU A 42 -10.05 -1.50 -9.01
CA LEU A 42 -9.35 -2.19 -10.09
C LEU A 42 -9.04 -3.64 -9.69
N GLU A 43 -8.68 -4.45 -10.67
CA GLU A 43 -8.35 -5.85 -10.42
C GLU A 43 -7.18 -6.30 -11.29
N TYR A 44 -6.27 -7.06 -10.69
CA TYR A 44 -5.09 -7.55 -11.41
C TYR A 44 -5.15 -9.07 -11.55
N GLU A 45 -4.46 -9.59 -12.57
CA GLU A 45 -4.42 -11.02 -12.82
C GLU A 45 -3.56 -11.74 -11.77
N LYS A 46 -4.03 -12.88 -11.30
CA LYS A 46 -3.32 -13.65 -10.30
C LYS A 46 -1.86 -13.85 -10.71
N CYS A 47 -0.95 -13.31 -9.91
CA CYS A 47 0.48 -13.43 -10.18
C CYS A 47 1.13 -14.46 -9.26
N GLU A 48 1.22 -15.70 -9.74
CA GLU A 48 1.82 -16.77 -8.96
C GLU A 48 3.29 -16.46 -8.65
N ARG A 49 3.97 -15.83 -9.60
CA ARG A 49 5.37 -15.48 -9.44
C ARG A 49 5.62 -14.86 -8.07
N SER A 50 4.56 -14.34 -7.45
CA SER A 50 4.67 -13.71 -6.15
C SER A 50 5.86 -12.77 -6.09
N CYS A 51 5.96 -11.89 -7.09
CA CYS A 51 7.05 -10.92 -7.16
C CYS A 51 7.32 -10.31 -5.79
N LYS A 52 8.49 -9.70 -5.64
CA LYS A 52 8.87 -9.07 -4.39
C LYS A 52 8.93 -7.55 -4.53
N ILE A 53 8.03 -6.85 -3.85
CA ILE A 53 7.98 -5.40 -3.90
C ILE A 53 9.17 -4.79 -3.17
N GLN A 54 10.15 -4.32 -3.93
CA GLN A 54 11.34 -3.71 -3.35
C GLN A 54 11.22 -2.19 -3.34
N LYS A 55 12.23 -1.52 -2.80
CA LYS A 55 12.25 -0.07 -2.74
C LYS A 55 12.76 0.53 -4.04
N LYS A 56 13.43 -0.30 -4.85
CA LYS A 56 13.98 0.15 -6.11
C LYS A 56 12.93 0.07 -7.22
N ASN A 57 12.18 -1.03 -7.24
CA ASN A 57 11.14 -1.22 -8.25
C ASN A 57 9.77 -1.26 -7.59
N ARG A 58 9.44 -0.22 -6.84
CA ARG A 58 8.15 -0.13 -6.16
C ARG A 58 7.00 -0.39 -7.13
N ASN A 59 7.27 -0.16 -8.42
CA ASN A 59 6.25 -0.36 -9.45
C ASN A 59 6.65 -1.50 -10.38
N LYS A 60 6.94 -2.67 -9.80
CA LYS A 60 7.33 -3.83 -10.58
C LYS A 60 6.10 -4.62 -11.02
N CYS A 61 5.31 -5.08 -10.05
CA CYS A 61 4.11 -5.86 -10.34
C CYS A 61 2.86 -5.10 -9.89
N GLN A 62 1.78 -5.23 -10.67
CA GLN A 62 0.53 -4.56 -10.34
C GLN A 62 -0.29 -5.39 -9.36
N TYR A 63 -0.31 -6.70 -9.57
CA TYR A 63 -1.05 -7.60 -8.71
C TYR A 63 -0.38 -7.75 -7.35
N CYS A 64 0.76 -8.42 -7.32
CA CYS A 64 1.51 -8.63 -6.09
C CYS A 64 1.42 -7.40 -5.19
N ARG A 65 1.78 -6.24 -5.74
CA ARG A 65 1.74 -4.99 -4.99
C ARG A 65 0.43 -4.86 -4.23
N PHE A 66 -0.69 -4.93 -4.95
CA PHE A 66 -2.00 -4.81 -4.34
C PHE A 66 -2.22 -5.90 -3.29
N GLN A 67 -1.87 -7.14 -3.66
CA GLN A 67 -2.03 -8.26 -2.75
C GLN A 67 -1.33 -7.99 -1.42
N LYS A 68 -0.03 -7.74 -1.48
CA LYS A 68 0.75 -7.46 -0.27
C LYS A 68 -0.04 -6.59 0.69
N CYS A 69 -0.57 -5.49 0.19
CA CYS A 69 -1.35 -4.56 1.01
C CYS A 69 -2.46 -5.30 1.75
N LEU A 70 -3.29 -6.02 0.99
CA LEU A 70 -4.40 -6.77 1.57
C LEU A 70 -3.92 -7.62 2.74
N ALA A 71 -2.81 -8.32 2.55
CA ALA A 71 -2.25 -9.17 3.59
C ALA A 71 -1.90 -8.35 4.84
N LEU A 72 -1.34 -7.17 4.63
CA LEU A 72 -0.97 -6.30 5.73
C LEU A 72 -2.18 -5.94 6.58
N GLY A 73 -3.35 -5.89 5.94
CA GLY A 73 -4.57 -5.56 6.65
C GLY A 73 -5.09 -4.18 6.29
N MET A 74 -4.84 -3.77 5.06
CA MET A 74 -5.29 -2.46 4.59
C MET A 74 -6.81 -2.43 4.41
N SER A 75 -7.46 -1.52 5.11
CA SER A 75 -8.91 -1.40 5.02
C SER A 75 -9.32 -0.52 3.84
N HIS A 76 -10.58 -0.64 3.43
CA HIS A 76 -11.10 0.15 2.31
C HIS A 76 -12.19 1.11 2.77
N ASN A 77 -12.88 0.74 3.84
CA ASN A 77 -13.96 1.56 4.38
C ASN A 77 -13.39 2.66 5.28
N ALA A 78 -12.17 2.46 5.77
CA ALA A 78 -11.52 3.43 6.64
C ALA A 78 -10.56 4.31 5.85
N ILE A 79 -10.91 4.59 4.60
CA ILE A 79 -10.08 5.43 3.74
C ILE A 79 -10.46 6.89 3.86
N ARG A 80 -11.77 7.15 4.00
CA ARG A 80 -12.26 8.50 4.12
C ARG A 80 -13.20 8.64 5.32
N PHE A 81 -13.30 9.84 5.86
CA PHE A 81 -14.16 10.10 7.02
C PHE A 81 -15.27 11.09 6.67
N GLY A 82 -16.50 10.72 6.98
CA GLY A 82 -17.63 11.59 6.68
C GLY A 82 -18.93 10.84 6.56
N SER A 83 -19.45 10.36 7.70
CA SER A 83 -20.69 9.61 7.72
C SER A 83 -21.88 10.54 7.53
N GLY A 84 -22.80 10.15 6.64
CA GLY A 84 -23.97 10.96 6.38
C GLY A 84 -24.88 10.34 5.34
N PRO A 85 -25.78 11.16 4.78
CA PRO A 85 -26.73 10.69 3.75
C PRO A 85 -26.05 10.37 2.43
N SER A 86 -25.74 9.10 2.22
CA SER A 86 -25.09 8.65 1.00
C SER A 86 -25.75 9.27 -0.23
N SER A 87 -24.99 9.37 -1.31
CA SER A 87 -25.51 9.94 -2.56
C SER A 87 -26.83 9.28 -2.96
N GLY A 88 -26.78 7.97 -3.16
CA GLY A 88 -27.98 7.24 -3.55
C GLY A 88 -28.33 7.42 -5.01
N GLY A 1 24.16 -1.28 4.11
CA GLY A 1 24.31 -0.11 3.25
C GLY A 1 23.51 1.08 3.74
N SER A 2 22.22 1.07 3.45
CA SER A 2 21.33 2.16 3.85
C SER A 2 20.64 1.85 5.17
N SER A 3 21.19 2.38 6.25
CA SER A 3 20.63 2.16 7.59
C SER A 3 20.74 3.41 8.45
N GLY A 4 19.73 3.64 9.28
CA GLY A 4 19.74 4.81 10.14
C GLY A 4 18.67 4.74 11.21
N SER A 5 18.58 5.78 12.03
CA SER A 5 17.58 5.84 13.10
C SER A 5 16.24 6.32 12.57
N SER A 6 15.83 5.77 11.44
CA SER A 6 14.56 6.14 10.83
C SER A 6 13.40 5.95 11.80
N GLY A 7 13.38 4.80 12.46
CA GLY A 7 12.32 4.51 13.42
C GLY A 7 11.23 3.64 12.83
N MET A 8 10.72 4.03 11.67
CA MET A 8 9.67 3.27 11.00
C MET A 8 9.89 3.24 9.50
N GLU A 9 9.59 2.09 8.88
CA GLU A 9 9.76 1.94 7.44
C GLU A 9 8.55 1.23 6.83
N CYS A 10 8.11 1.75 5.68
CA CYS A 10 6.96 1.17 4.99
C CYS A 10 7.02 -0.36 4.99
N ARG A 11 5.89 -1.00 5.21
CA ARG A 11 5.82 -2.46 5.25
C ARG A 11 5.33 -3.00 3.91
N VAL A 12 5.51 -2.22 2.85
CA VAL A 12 5.09 -2.62 1.51
C VAL A 12 6.25 -2.53 0.52
N CYS A 13 7.02 -1.45 0.63
CA CYS A 13 8.16 -1.25 -0.26
C CYS A 13 9.48 -1.27 0.52
N GLY A 14 9.50 -0.55 1.64
CA GLY A 14 10.70 -0.51 2.47
C GLY A 14 11.09 0.91 2.83
N ASP A 15 10.79 1.85 1.94
CA ASP A 15 11.12 3.26 2.19
C ASP A 15 10.49 3.75 3.48
N LYS A 16 11.14 4.71 4.13
CA LYS A 16 10.65 5.27 5.38
C LYS A 16 9.13 5.37 5.37
N ALA A 17 8.50 4.96 6.47
CA ALA A 17 7.04 5.01 6.59
C ALA A 17 6.57 6.41 6.99
N SER A 18 5.59 6.92 6.27
CA SER A 18 5.05 8.25 6.54
C SER A 18 4.25 8.24 7.84
N GLY A 19 3.33 7.30 7.96
CA GLY A 19 2.51 7.19 9.15
C GLY A 19 1.69 5.92 9.20
N PHE A 20 0.90 5.76 10.25
CA PHE A 20 0.07 4.57 10.42
C PHE A 20 -1.25 4.73 9.67
N HIS A 21 -1.30 4.26 8.43
CA HIS A 21 -2.50 4.34 7.63
C HIS A 21 -3.05 2.96 7.30
N TYR A 22 -4.37 2.81 7.38
CA TYR A 22 -5.02 1.54 7.10
C TYR A 22 -4.57 0.47 8.09
N GLY A 23 -4.15 0.92 9.28
CA GLY A 23 -3.71 0.00 10.31
C GLY A 23 -2.36 -0.62 9.98
N VAL A 24 -1.68 -0.08 8.97
CA VAL A 24 -0.38 -0.59 8.56
C VAL A 24 0.59 0.55 8.28
N HIS A 25 1.87 0.33 8.58
CA HIS A 25 2.89 1.33 8.37
C HIS A 25 3.28 1.41 6.89
N ALA A 26 2.62 2.29 6.15
CA ALA A 26 2.89 2.47 4.73
C ALA A 26 3.40 3.87 4.43
N CYS A 27 3.95 4.06 3.24
CA CYS A 27 4.48 5.35 2.83
C CYS A 27 3.49 6.08 1.94
N GLU A 28 3.80 7.34 1.63
CA GLU A 28 2.93 8.16 0.78
C GLU A 28 2.77 7.52 -0.60
N GLY A 29 3.72 6.66 -0.96
CA GLY A 29 3.65 6.00 -2.25
C GLY A 29 2.67 4.85 -2.26
N CYS A 30 3.04 3.75 -1.61
CA CYS A 30 2.18 2.57 -1.56
C CYS A 30 0.74 2.96 -1.17
N LYS A 31 0.61 4.13 -0.56
CA LYS A 31 -0.71 4.62 -0.14
C LYS A 31 -1.56 5.01 -1.34
N GLY A 32 -1.04 5.96 -2.13
CA GLY A 32 -1.77 6.41 -3.31
C GLY A 32 -2.19 5.26 -4.20
N PHE A 33 -1.32 4.26 -4.32
CA PHE A 33 -1.61 3.10 -5.15
C PHE A 33 -2.86 2.37 -4.67
N PHE A 34 -2.81 1.87 -3.44
CA PHE A 34 -3.93 1.15 -2.85
C PHE A 34 -5.23 1.93 -3.02
N ARG A 35 -5.33 3.06 -2.32
CA ARG A 35 -6.52 3.90 -2.39
C ARG A 35 -7.04 3.99 -3.82
N ARG A 36 -6.14 4.27 -4.76
CA ARG A 36 -6.50 4.38 -6.17
C ARG A 36 -7.14 3.09 -6.67
N THR A 37 -6.40 1.99 -6.55
CA THR A 37 -6.89 0.69 -7.00
C THR A 37 -8.28 0.41 -6.43
N ILE A 38 -8.62 1.10 -5.35
CA ILE A 38 -9.92 0.93 -4.70
C ILE A 38 -10.98 1.82 -5.35
N ARG A 39 -10.78 3.12 -5.25
CA ARG A 39 -11.71 4.09 -5.82
C ARG A 39 -11.82 3.91 -7.33
N MET A 40 -10.81 3.29 -7.92
CA MET A 40 -10.78 3.06 -9.35
C MET A 40 -11.29 1.65 -9.69
N LYS A 41 -11.46 0.83 -8.66
CA LYS A 41 -11.94 -0.54 -8.85
C LYS A 41 -11.11 -1.26 -9.90
N LEU A 42 -9.80 -1.07 -9.86
CA LEU A 42 -8.90 -1.71 -10.81
C LEU A 42 -8.63 -3.17 -10.43
N GLU A 43 -8.44 -4.01 -11.42
CA GLU A 43 -8.17 -5.43 -11.18
C GLU A 43 -6.95 -5.90 -11.98
N TYR A 44 -6.40 -7.04 -11.59
CA TYR A 44 -5.24 -7.59 -12.25
C TYR A 44 -5.23 -9.12 -12.18
N GLU A 45 -4.21 -9.73 -12.78
CA GLU A 45 -4.10 -11.18 -12.79
C GLU A 45 -3.40 -11.68 -11.52
N LYS A 46 -3.91 -12.77 -10.97
CA LYS A 46 -3.33 -13.35 -9.76
C LYS A 46 -1.85 -13.69 -9.97
N CYS A 47 -1.06 -13.50 -8.91
CA CYS A 47 0.37 -13.78 -8.98
C CYS A 47 0.82 -14.61 -7.77
N GLU A 48 1.12 -15.88 -8.02
CA GLU A 48 1.56 -16.78 -6.96
C GLU A 48 3.04 -16.57 -6.64
N ARG A 49 3.82 -16.29 -7.68
CA ARG A 49 5.26 -16.06 -7.51
C ARG A 49 5.53 -15.26 -6.25
N SER A 50 4.58 -14.43 -5.85
CA SER A 50 4.72 -13.61 -4.65
C SER A 50 5.90 -12.64 -4.80
N CYS A 51 6.00 -12.02 -5.97
CA CYS A 51 7.08 -11.08 -6.24
C CYS A 51 7.46 -10.31 -4.98
N LYS A 52 8.76 -10.23 -4.70
CA LYS A 52 9.24 -9.51 -3.53
C LYS A 52 9.40 -8.02 -3.83
N ILE A 53 8.32 -7.27 -3.61
CA ILE A 53 8.34 -5.84 -3.85
C ILE A 53 9.27 -5.12 -2.87
N GLN A 54 10.38 -4.61 -3.38
CA GLN A 54 11.34 -3.90 -2.53
C GLN A 54 11.50 -2.45 -2.99
N LYS A 55 12.14 -1.64 -2.16
CA LYS A 55 12.36 -0.24 -2.47
C LYS A 55 13.06 -0.08 -3.82
N LYS A 56 14.01 -0.97 -4.09
CA LYS A 56 14.75 -0.93 -5.34
C LYS A 56 13.81 -1.09 -6.54
N ASN A 57 12.99 -2.14 -6.51
CA ASN A 57 12.05 -2.40 -7.59
C ASN A 57 10.63 -2.49 -7.05
N ARG A 58 9.96 -1.34 -6.94
CA ARG A 58 8.59 -1.30 -6.44
C ARG A 58 7.59 -1.50 -7.57
N ASN A 59 7.90 -0.93 -8.73
CA ASN A 59 7.03 -1.04 -9.89
C ASN A 59 7.34 -2.31 -10.69
N LYS A 60 7.44 -3.43 -10.00
CA LYS A 60 7.73 -4.71 -10.63
C LYS A 60 6.45 -5.47 -10.94
N CYS A 61 5.71 -5.81 -9.89
CA CYS A 61 4.46 -6.54 -10.05
C CYS A 61 3.27 -5.71 -9.54
N GLN A 62 2.14 -5.84 -10.21
CA GLN A 62 0.93 -5.10 -9.83
C GLN A 62 0.14 -5.87 -8.77
N TYR A 63 -0.31 -7.06 -9.14
CA TYR A 63 -1.08 -7.89 -8.22
C TYR A 63 -0.41 -7.98 -6.86
N CYS A 64 0.79 -8.55 -6.83
CA CYS A 64 1.54 -8.71 -5.59
C CYS A 64 1.47 -7.42 -4.76
N ARG A 65 1.69 -6.29 -5.40
CA ARG A 65 1.66 -5.00 -4.73
C ARG A 65 0.36 -4.83 -3.95
N PHE A 66 -0.76 -4.79 -4.67
CA PHE A 66 -2.06 -4.64 -4.03
C PHE A 66 -2.29 -5.71 -2.98
N GLN A 67 -1.99 -6.96 -3.33
CA GLN A 67 -2.16 -8.07 -2.41
C GLN A 67 -1.47 -7.79 -1.07
N LYS A 68 -0.19 -7.46 -1.14
CA LYS A 68 0.59 -7.17 0.06
C LYS A 68 -0.19 -6.27 1.00
N CYS A 69 -0.78 -5.20 0.45
CA CYS A 69 -1.56 -4.26 1.24
C CYS A 69 -2.66 -4.97 2.01
N LEU A 70 -3.51 -5.69 1.28
CA LEU A 70 -4.61 -6.42 1.89
C LEU A 70 -4.10 -7.41 2.95
N ALA A 71 -3.04 -8.14 2.59
CA ALA A 71 -2.45 -9.11 3.50
C ALA A 71 -2.02 -8.45 4.81
N LEU A 72 -1.44 -7.26 4.71
CA LEU A 72 -0.98 -6.52 5.88
C LEU A 72 -2.15 -6.17 6.78
N GLY A 73 -3.32 -5.97 6.19
CA GLY A 73 -4.51 -5.63 6.96
C GLY A 73 -5.11 -4.31 6.54
N MET A 74 -4.75 -3.85 5.33
CA MET A 74 -5.27 -2.59 4.81
C MET A 74 -6.78 -2.63 4.68
N SER A 75 -7.48 -1.95 5.59
CA SER A 75 -8.93 -1.92 5.57
C SER A 75 -9.44 -0.84 4.62
N HIS A 76 -10.28 -1.24 3.67
CA HIS A 76 -10.84 -0.30 2.69
C HIS A 76 -11.86 0.62 3.36
N ASN A 77 -12.57 0.09 4.34
CA ASN A 77 -13.58 0.87 5.05
C ASN A 77 -13.07 2.28 5.37
N ALA A 78 -11.82 2.35 5.85
CA ALA A 78 -11.21 3.62 6.20
C ALA A 78 -11.54 4.69 5.15
N ILE A 79 -10.97 4.53 3.95
CA ILE A 79 -11.20 5.48 2.88
C ILE A 79 -12.62 6.03 2.92
N ARG A 80 -13.59 5.12 2.98
CA ARG A 80 -15.00 5.52 3.03
C ARG A 80 -15.84 4.46 3.76
N PHE A 81 -16.46 4.88 4.85
CA PHE A 81 -17.29 3.97 5.64
C PHE A 81 -18.48 4.71 6.24
N GLY A 82 -19.69 4.25 5.91
CA GLY A 82 -20.89 4.88 6.42
C GLY A 82 -21.83 3.88 7.08
N SER A 83 -23.02 4.34 7.44
CA SER A 83 -24.01 3.49 8.09
C SER A 83 -24.03 2.11 7.46
N GLY A 84 -24.21 2.07 6.15
CA GLY A 84 -24.26 0.80 5.44
C GLY A 84 -25.61 0.14 5.53
N PRO A 85 -26.52 0.50 4.61
CA PRO A 85 -27.87 -0.06 4.58
C PRO A 85 -27.88 -1.52 4.15
N SER A 86 -26.72 -2.02 3.72
CA SER A 86 -26.60 -3.40 3.27
C SER A 86 -26.28 -4.32 4.45
N SER A 87 -25.34 -3.91 5.28
CA SER A 87 -24.94 -4.69 6.44
C SER A 87 -24.51 -6.10 6.02
N GLY A 88 -23.76 -6.18 4.93
CA GLY A 88 -23.29 -7.47 4.44
C GLY A 88 -22.46 -7.34 3.18
N GLY A 1 20.53 8.05 2.66
CA GLY A 1 20.41 8.82 3.88
C GLY A 1 19.53 8.14 4.91
N SER A 2 20.05 7.09 5.53
CA SER A 2 19.31 6.35 6.55
C SER A 2 18.96 7.25 7.72
N SER A 3 17.68 7.27 8.09
CA SER A 3 17.22 8.09 9.20
C SER A 3 16.45 7.24 10.21
N GLY A 4 17.13 6.86 11.29
CA GLY A 4 16.51 6.05 12.32
C GLY A 4 16.84 4.57 12.19
N SER A 5 17.44 4.02 13.23
CA SER A 5 17.82 2.61 13.23
C SER A 5 16.60 1.72 13.41
N SER A 6 16.20 1.02 12.36
CA SER A 6 15.05 0.14 12.41
C SER A 6 13.91 0.77 13.20
N GLY A 7 13.65 2.05 12.93
CA GLY A 7 12.59 2.75 13.63
C GLY A 7 11.23 2.50 13.01
N MET A 8 11.02 3.04 11.82
CA MET A 8 9.74 2.86 11.13
C MET A 8 9.95 2.77 9.62
N GLU A 9 9.33 1.79 9.00
CA GLU A 9 9.46 1.59 7.56
C GLU A 9 8.14 1.07 6.96
N CYS A 10 7.92 1.38 5.69
CA CYS A 10 6.71 0.93 5.00
C CYS A 10 6.62 -0.59 4.97
N ARG A 11 5.44 -1.12 5.25
CA ARG A 11 5.23 -2.56 5.26
C ARG A 11 4.71 -3.04 3.90
N VAL A 12 5.02 -2.28 2.86
CA VAL A 12 4.59 -2.61 1.50
C VAL A 12 5.76 -2.59 0.53
N CYS A 13 6.66 -1.63 0.72
CA CYS A 13 7.83 -1.49 -0.14
C CYS A 13 9.11 -1.57 0.68
N GLY A 14 9.16 -0.84 1.78
CA GLY A 14 10.33 -0.85 2.63
C GLY A 14 10.81 0.55 2.97
N ASP A 15 10.73 1.45 2.00
CA ASP A 15 11.15 2.83 2.19
C ASP A 15 10.63 3.37 3.52
N LYS A 16 11.10 4.56 3.89
CA LYS A 16 10.68 5.20 5.13
C LYS A 16 9.17 5.38 5.17
N ALA A 17 8.58 5.20 6.33
CA ALA A 17 7.14 5.35 6.50
C ALA A 17 6.76 6.79 6.80
N SER A 18 5.94 7.38 5.94
CA SER A 18 5.52 8.77 6.12
C SER A 18 4.56 8.89 7.30
N GLY A 19 3.52 8.07 7.30
CA GLY A 19 2.55 8.11 8.38
C GLY A 19 1.94 6.75 8.66
N PHE A 20 0.77 6.75 9.31
CA PHE A 20 0.08 5.51 9.64
C PHE A 20 -1.31 5.48 9.02
N HIS A 21 -1.40 5.01 7.79
CA HIS A 21 -2.66 4.93 7.08
C HIS A 21 -3.16 3.49 7.02
N TYR A 22 -4.48 3.32 7.09
CA TYR A 22 -5.09 1.99 7.05
C TYR A 22 -4.61 1.14 8.21
N GLY A 23 -4.24 1.80 9.30
CA GLY A 23 -3.77 1.08 10.48
C GLY A 23 -2.51 0.29 10.21
N VAL A 24 -1.80 0.65 9.14
CA VAL A 24 -0.57 -0.04 8.77
C VAL A 24 0.51 0.94 8.37
N HIS A 25 1.71 0.77 8.93
CA HIS A 25 2.83 1.65 8.62
C HIS A 25 3.13 1.63 7.13
N ALA A 26 2.53 2.55 6.40
CA ALA A 26 2.73 2.65 4.95
C ALA A 26 3.30 4.01 4.57
N CYS A 27 3.90 4.08 3.37
CA CYS A 27 4.49 5.32 2.89
C CYS A 27 3.54 6.03 1.91
N GLU A 28 3.87 7.27 1.59
CA GLU A 28 3.05 8.05 0.66
C GLU A 28 2.85 7.30 -0.65
N GLY A 29 3.96 6.86 -1.25
CA GLY A 29 3.88 6.14 -2.51
C GLY A 29 2.83 5.05 -2.49
N CYS A 30 3.08 4.00 -1.71
CA CYS A 30 2.15 2.88 -1.62
C CYS A 30 0.77 3.36 -1.18
N LYS A 31 0.73 4.11 -0.08
CA LYS A 31 -0.52 4.65 0.44
C LYS A 31 -1.47 5.03 -0.70
N GLY A 32 -1.04 5.95 -1.55
CA GLY A 32 -1.86 6.38 -2.66
C GLY A 32 -2.31 5.22 -3.53
N PHE A 33 -1.36 4.43 -4.00
CA PHE A 33 -1.67 3.28 -4.85
C PHE A 33 -2.89 2.54 -4.33
N PHE A 34 -2.87 2.19 -3.05
CA PHE A 34 -3.98 1.48 -2.44
C PHE A 34 -5.29 2.21 -2.66
N ARG A 35 -5.43 3.37 -2.02
CA ARG A 35 -6.64 4.18 -2.15
C ARG A 35 -7.16 4.16 -3.58
N ARG A 36 -6.27 4.44 -4.53
CA ARG A 36 -6.65 4.44 -5.94
C ARG A 36 -7.18 3.09 -6.37
N THR A 37 -6.35 2.06 -6.27
CA THR A 37 -6.73 0.71 -6.65
C THR A 37 -8.15 0.39 -6.17
N ILE A 38 -8.58 1.07 -5.11
CA ILE A 38 -9.90 0.86 -4.55
C ILE A 38 -10.94 1.72 -5.26
N ARG A 39 -10.81 3.04 -5.11
CA ARG A 39 -11.73 3.97 -5.74
C ARG A 39 -11.92 3.65 -7.21
N MET A 40 -10.82 3.35 -7.90
CA MET A 40 -10.87 3.02 -9.32
C MET A 40 -11.18 1.55 -9.52
N LYS A 41 -11.21 0.80 -8.42
CA LYS A 41 -11.50 -0.63 -8.48
C LYS A 41 -10.69 -1.30 -9.58
N LEU A 42 -9.43 -0.91 -9.72
CA LEU A 42 -8.55 -1.47 -10.73
C LEU A 42 -8.17 -2.91 -10.39
N GLU A 43 -8.42 -3.81 -11.33
CA GLU A 43 -8.10 -5.22 -11.13
C GLU A 43 -6.87 -5.63 -11.92
N TYR A 44 -6.29 -6.77 -11.58
CA TYR A 44 -5.10 -7.27 -12.26
C TYR A 44 -5.19 -8.78 -12.49
N GLU A 45 -4.19 -9.32 -13.17
CA GLU A 45 -4.16 -10.75 -13.45
C GLU A 45 -3.50 -11.53 -12.31
N LYS A 46 -4.10 -12.65 -11.94
CA LYS A 46 -3.58 -13.48 -10.86
C LYS A 46 -2.06 -13.66 -10.99
N CYS A 47 -1.39 -13.81 -9.86
CA CYS A 47 0.06 -13.99 -9.85
C CYS A 47 0.48 -14.98 -8.77
N GLU A 48 1.09 -16.09 -9.18
CA GLU A 48 1.54 -17.11 -8.25
C GLU A 48 2.98 -16.87 -7.83
N ARG A 49 3.82 -16.47 -8.79
CA ARG A 49 5.23 -16.21 -8.52
C ARG A 49 5.41 -15.56 -7.15
N SER A 50 4.46 -14.70 -6.79
CA SER A 50 4.52 -14.01 -5.50
C SER A 50 5.61 -12.95 -5.51
N CYS A 51 5.78 -12.28 -6.64
CA CYS A 51 6.80 -11.25 -6.78
C CYS A 51 6.97 -10.48 -5.48
N LYS A 52 8.19 -10.02 -5.23
CA LYS A 52 8.49 -9.26 -4.00
C LYS A 52 8.64 -7.77 -4.31
N ILE A 53 7.81 -6.96 -3.68
CA ILE A 53 7.85 -5.52 -3.88
C ILE A 53 9.07 -4.91 -3.21
N GLN A 54 10.09 -4.61 -4.01
CA GLN A 54 11.32 -4.01 -3.48
C GLN A 54 11.31 -2.50 -3.64
N LYS A 55 11.86 -1.80 -2.66
CA LYS A 55 11.90 -0.34 -2.69
C LYS A 55 12.60 0.16 -3.96
N LYS A 56 13.71 -0.47 -4.30
CA LYS A 56 14.47 -0.09 -5.49
C LYS A 56 13.60 -0.25 -6.75
N ASN A 57 12.98 -1.41 -6.90
CA ASN A 57 12.14 -1.68 -8.05
C ASN A 57 10.76 -2.17 -7.61
N ARG A 58 10.01 -1.29 -6.95
CA ARG A 58 8.67 -1.63 -6.48
C ARG A 58 7.67 -1.67 -7.64
N ASN A 59 7.98 -0.92 -8.69
CA ASN A 59 7.10 -0.87 -9.86
C ASN A 59 7.39 -2.04 -10.80
N LYS A 60 7.11 -3.25 -10.33
CA LYS A 60 7.32 -4.45 -11.12
C LYS A 60 6.01 -5.19 -11.35
N CYS A 61 5.40 -5.68 -10.28
CA CYS A 61 4.14 -6.41 -10.37
C CYS A 61 3.02 -5.64 -9.69
N GLN A 62 1.84 -5.64 -10.31
CA GLN A 62 0.69 -4.94 -9.75
C GLN A 62 -0.09 -5.84 -8.79
N TYR A 63 -0.24 -7.10 -9.18
CA TYR A 63 -0.97 -8.07 -8.36
C TYR A 63 -0.33 -8.19 -6.97
N CYS A 64 0.87 -8.75 -6.94
CA CYS A 64 1.58 -8.94 -5.69
C CYS A 64 1.57 -7.65 -4.86
N ARG A 65 1.60 -6.52 -5.55
CA ARG A 65 1.59 -5.22 -4.87
C ARG A 65 0.32 -5.04 -4.06
N PHE A 66 -0.83 -5.23 -4.72
CA PHE A 66 -2.13 -5.08 -4.05
C PHE A 66 -2.33 -6.18 -3.02
N GLN A 67 -2.01 -7.41 -3.40
CA GLN A 67 -2.17 -8.55 -2.51
C GLN A 67 -1.45 -8.30 -1.18
N LYS A 68 -0.22 -7.83 -1.26
CA LYS A 68 0.57 -7.55 -0.06
C LYS A 68 -0.16 -6.60 0.87
N CYS A 69 -0.73 -5.55 0.30
CA CYS A 69 -1.48 -4.56 1.08
C CYS A 69 -2.59 -5.23 1.88
N LEU A 70 -3.24 -6.21 1.27
CA LEU A 70 -4.33 -6.94 1.93
C LEU A 70 -3.80 -7.80 3.07
N ALA A 71 -2.72 -8.53 2.80
CA ALA A 71 -2.12 -9.39 3.81
C ALA A 71 -1.70 -8.58 5.04
N LEU A 72 -1.44 -7.30 4.84
CA LEU A 72 -1.03 -6.43 5.94
C LEU A 72 -2.21 -6.12 6.85
N GLY A 73 -3.42 -6.38 6.36
CA GLY A 73 -4.61 -6.12 7.14
C GLY A 73 -5.25 -4.78 6.80
N MET A 74 -4.68 -4.09 5.83
CA MET A 74 -5.20 -2.79 5.41
C MET A 74 -6.72 -2.82 5.34
N SER A 75 -7.36 -2.02 6.20
CA SER A 75 -8.81 -1.96 6.25
C SER A 75 -9.35 -1.04 5.14
N HIS A 76 -9.32 -1.52 3.91
CA HIS A 76 -9.80 -0.75 2.77
C HIS A 76 -11.18 -0.17 3.05
N ASN A 77 -12.11 -1.03 3.47
CA ASN A 77 -13.46 -0.59 3.78
C ASN A 77 -13.46 0.77 4.46
N ALA A 78 -12.38 1.08 5.16
CA ALA A 78 -12.25 2.36 5.85
C ALA A 78 -11.81 3.45 4.89
N ILE A 79 -12.39 3.46 3.70
CA ILE A 79 -12.06 4.47 2.69
C ILE A 79 -12.34 5.87 3.21
N ARG A 80 -13.57 6.13 3.62
CA ARG A 80 -13.96 7.43 4.14
C ARG A 80 -14.92 7.28 5.31
N PHE A 81 -15.41 8.41 5.82
CA PHE A 81 -16.33 8.41 6.95
C PHE A 81 -17.71 8.90 6.52
N GLY A 82 -18.75 8.16 6.93
CA GLY A 82 -20.10 8.53 6.58
C GLY A 82 -20.60 7.82 5.34
N SER A 83 -21.54 8.44 4.63
CA SER A 83 -22.10 7.85 3.43
C SER A 83 -21.00 7.28 2.54
N GLY A 84 -21.37 6.31 1.70
CA GLY A 84 -20.41 5.70 0.81
C GLY A 84 -21.06 4.99 -0.36
N PRO A 85 -21.16 5.68 -1.51
CA PRO A 85 -21.76 5.13 -2.72
C PRO A 85 -20.91 4.03 -3.35
N SER A 86 -21.39 2.79 -3.22
CA SER A 86 -20.68 1.64 -3.76
C SER A 86 -21.36 1.14 -5.05
N SER A 87 -20.55 0.63 -5.97
CA SER A 87 -21.07 0.12 -7.23
C SER A 87 -20.17 -0.97 -7.78
N GLY A 88 -20.78 -2.11 -8.10
CA GLY A 88 -20.02 -3.24 -8.63
C GLY A 88 -20.42 -3.58 -10.06
N GLY A 1 30.24 4.14 19.07
CA GLY A 1 29.26 4.87 18.29
C GLY A 1 27.86 4.30 18.45
N SER A 2 26.95 5.11 18.98
CA SER A 2 25.57 4.68 19.19
C SER A 2 24.95 4.19 17.88
N SER A 3 24.76 2.89 17.77
CA SER A 3 24.19 2.29 16.57
C SER A 3 22.67 2.41 16.58
N GLY A 4 22.10 2.94 15.51
CA GLY A 4 20.66 3.09 15.41
C GLY A 4 20.22 3.53 14.03
N SER A 5 19.95 2.56 13.17
CA SER A 5 19.51 2.84 11.80
C SER A 5 18.04 2.45 11.61
N SER A 6 17.69 1.27 12.10
CA SER A 6 16.31 0.78 11.96
C SER A 6 15.34 1.72 12.68
N GLY A 7 14.50 2.37 11.90
CA GLY A 7 13.52 3.29 12.47
C GLY A 7 12.13 3.10 11.89
N MET A 8 11.60 4.16 11.29
CA MET A 8 10.27 4.09 10.68
C MET A 8 10.35 3.76 9.20
N GLU A 9 9.81 2.61 8.83
CA GLU A 9 9.83 2.17 7.44
C GLU A 9 8.44 1.68 7.00
N CYS A 10 8.24 1.59 5.69
CA CYS A 10 6.97 1.15 5.15
C CYS A 10 6.85 -0.37 5.21
N ARG A 11 5.63 -0.87 5.26
CA ARG A 11 5.38 -2.30 5.33
C ARG A 11 5.16 -2.89 3.94
N VAL A 12 4.60 -2.08 3.04
CA VAL A 12 4.35 -2.51 1.67
C VAL A 12 5.65 -2.64 0.89
N CYS A 13 6.26 -1.50 0.57
CA CYS A 13 7.51 -1.48 -0.18
C CYS A 13 8.70 -1.62 0.76
N GLY A 14 8.70 -0.84 1.83
CA GLY A 14 9.80 -0.90 2.79
C GLY A 14 10.41 0.46 3.05
N ASP A 15 10.50 1.28 2.01
CA ASP A 15 11.07 2.61 2.13
C ASP A 15 10.53 3.33 3.37
N LYS A 16 11.31 4.26 3.89
CA LYS A 16 10.91 5.02 5.07
C LYS A 16 9.39 5.23 5.09
N ALA A 17 8.78 5.01 6.25
CA ALA A 17 7.33 5.18 6.40
C ALA A 17 7.00 6.62 6.77
N SER A 18 5.92 7.14 6.19
CA SER A 18 5.48 8.51 6.46
C SER A 18 4.64 8.56 7.73
N GLY A 19 3.67 7.66 7.84
CA GLY A 19 2.81 7.64 9.01
C GLY A 19 2.13 6.30 9.19
N PHE A 20 0.96 6.31 9.81
CA PHE A 20 0.21 5.08 10.05
C PHE A 20 -1.17 5.15 9.41
N HIS A 21 -1.26 4.69 8.16
CA HIS A 21 -2.52 4.71 7.43
C HIS A 21 -3.09 3.30 7.32
N TYR A 22 -4.41 3.19 7.43
CA TYR A 22 -5.08 1.90 7.35
C TYR A 22 -4.60 0.97 8.46
N GLY A 23 -4.28 1.54 9.61
CA GLY A 23 -3.81 0.74 10.74
C GLY A 23 -2.53 0.00 10.42
N VAL A 24 -1.82 0.45 9.40
CA VAL A 24 -0.58 -0.18 8.98
C VAL A 24 0.48 0.86 8.64
N HIS A 25 1.73 0.57 9.00
CA HIS A 25 2.84 1.48 8.72
C HIS A 25 3.19 1.48 7.23
N ALA A 26 2.61 2.40 6.49
CA ALA A 26 2.87 2.50 5.06
C ALA A 26 3.37 3.89 4.69
N CYS A 27 3.91 4.01 3.48
CA CYS A 27 4.43 5.29 3.00
C CYS A 27 3.45 5.95 2.04
N GLU A 28 3.65 7.24 1.79
CA GLU A 28 2.79 7.99 0.88
C GLU A 28 2.68 7.29 -0.46
N GLY A 29 3.83 7.06 -1.09
CA GLY A 29 3.85 6.40 -2.39
C GLY A 29 2.88 5.23 -2.46
N CYS A 30 3.11 4.23 -1.63
CA CYS A 30 2.26 3.04 -1.61
C CYS A 30 0.79 3.43 -1.41
N LYS A 31 0.53 4.21 -0.35
CA LYS A 31 -0.83 4.66 -0.05
C LYS A 31 -1.59 4.97 -1.34
N GLY A 32 -1.11 5.94 -2.09
CA GLY A 32 -1.76 6.32 -3.33
C GLY A 32 -2.12 5.12 -4.18
N PHE A 33 -1.19 4.17 -4.30
CA PHE A 33 -1.42 2.97 -5.10
C PHE A 33 -2.60 2.18 -4.55
N PHE A 34 -2.49 1.75 -3.30
CA PHE A 34 -3.55 0.98 -2.65
C PHE A 34 -4.90 1.67 -2.81
N ARG A 35 -5.03 2.84 -2.18
CA ARG A 35 -6.27 3.61 -2.24
C ARG A 35 -6.77 3.71 -3.69
N ARG A 36 -5.87 4.03 -4.60
CA ARG A 36 -6.22 4.16 -6.01
C ARG A 36 -6.86 2.88 -6.53
N THR A 37 -6.22 1.75 -6.25
CA THR A 37 -6.72 0.45 -6.69
C THR A 37 -8.11 0.18 -6.11
N ILE A 38 -8.41 0.80 -4.97
CA ILE A 38 -9.68 0.62 -4.32
C ILE A 38 -10.73 1.58 -4.87
N ARG A 39 -10.52 2.88 -4.65
CA ARG A 39 -11.44 3.90 -5.13
C ARG A 39 -11.73 3.71 -6.61
N MET A 40 -10.79 3.12 -7.33
CA MET A 40 -10.95 2.89 -8.75
C MET A 40 -11.42 1.46 -9.02
N LYS A 41 -11.27 0.59 -8.02
CA LYS A 41 -11.67 -0.80 -8.13
C LYS A 41 -11.01 -1.46 -9.34
N LEU A 42 -9.69 -1.27 -9.45
CA LEU A 42 -8.93 -1.84 -10.56
C LEU A 42 -8.52 -3.28 -10.24
N GLU A 43 -8.53 -4.13 -11.27
CA GLU A 43 -8.16 -5.53 -11.10
C GLU A 43 -6.78 -5.80 -11.68
N TYR A 44 -6.16 -6.89 -11.25
CA TYR A 44 -4.83 -7.26 -11.72
C TYR A 44 -4.76 -8.76 -12.03
N GLU A 45 -3.97 -9.11 -13.04
CA GLU A 45 -3.80 -10.50 -13.43
C GLU A 45 -3.29 -11.34 -12.27
N LYS A 46 -3.84 -12.54 -12.12
CA LYS A 46 -3.43 -13.44 -11.06
C LYS A 46 -1.98 -13.84 -11.20
N CYS A 47 -1.17 -13.53 -10.19
CA CYS A 47 0.24 -13.85 -10.21
C CYS A 47 0.59 -14.85 -9.11
N GLU A 48 0.88 -16.08 -9.50
CA GLU A 48 1.23 -17.13 -8.54
C GLU A 48 2.64 -16.93 -8.01
N ARG A 49 3.53 -16.43 -8.86
CA ARG A 49 4.92 -16.20 -8.48
C ARG A 49 4.99 -15.46 -7.14
N SER A 50 3.90 -14.78 -6.79
CA SER A 50 3.84 -14.03 -5.53
C SER A 50 5.09 -13.16 -5.36
N CYS A 51 5.44 -12.44 -6.42
CA CYS A 51 6.62 -11.57 -6.39
C CYS A 51 6.78 -10.92 -5.03
N LYS A 52 8.03 -10.74 -4.61
CA LYS A 52 8.33 -10.13 -3.31
C LYS A 52 8.54 -8.63 -3.45
N ILE A 53 7.63 -7.85 -2.87
CA ILE A 53 7.73 -6.39 -2.93
C ILE A 53 8.83 -5.88 -2.01
N GLN A 54 10.01 -5.65 -2.57
CA GLN A 54 11.14 -5.15 -1.80
C GLN A 54 11.45 -3.70 -2.16
N LYS A 55 11.92 -2.94 -1.18
CA LYS A 55 12.26 -1.54 -1.40
C LYS A 55 13.09 -1.36 -2.66
N LYS A 56 14.16 -2.15 -2.78
CA LYS A 56 15.04 -2.08 -3.94
C LYS A 56 14.22 -1.97 -5.23
N ASN A 57 13.32 -2.93 -5.42
CA ASN A 57 12.48 -2.95 -6.61
C ASN A 57 11.02 -3.21 -6.24
N ARG A 58 10.28 -2.14 -5.96
CA ARG A 58 8.88 -2.25 -5.59
C ARG A 58 7.99 -2.21 -6.83
N ASN A 59 8.40 -1.42 -7.82
CA ASN A 59 7.64 -1.28 -9.06
C ASN A 59 7.94 -2.44 -10.01
N LYS A 60 7.56 -3.64 -9.61
CA LYS A 60 7.79 -4.83 -10.43
C LYS A 60 6.47 -5.46 -10.84
N CYS A 61 5.71 -5.95 -9.86
CA CYS A 61 4.42 -6.58 -10.12
C CYS A 61 3.28 -5.75 -9.53
N GLN A 62 2.20 -5.63 -10.29
CA GLN A 62 1.04 -4.87 -9.84
C GLN A 62 0.16 -5.71 -8.92
N TYR A 63 -0.23 -6.89 -9.39
CA TYR A 63 -1.07 -7.78 -8.61
C TYR A 63 -0.49 -8.02 -7.22
N CYS A 64 0.67 -8.67 -7.18
CA CYS A 64 1.34 -8.94 -5.91
C CYS A 64 1.38 -7.71 -5.02
N ARG A 65 1.71 -6.57 -5.63
CA ARG A 65 1.79 -5.31 -4.89
C ARG A 65 0.49 -5.03 -4.16
N PHE A 66 -0.63 -5.16 -4.87
CA PHE A 66 -1.94 -4.91 -4.28
C PHE A 66 -2.25 -5.96 -3.21
N GLN A 67 -2.07 -7.23 -3.55
CA GLN A 67 -2.33 -8.31 -2.62
C GLN A 67 -1.67 -8.05 -1.26
N LYS A 68 -0.40 -7.66 -1.30
CA LYS A 68 0.34 -7.36 -0.08
C LYS A 68 -0.45 -6.43 0.83
N CYS A 69 -0.96 -5.36 0.26
CA CYS A 69 -1.74 -4.38 1.03
C CYS A 69 -2.87 -5.07 1.77
N LEU A 70 -3.63 -5.90 1.05
CA LEU A 70 -4.76 -6.61 1.66
C LEU A 70 -4.28 -7.55 2.76
N ALA A 71 -3.14 -8.19 2.53
CA ALA A 71 -2.57 -9.11 3.50
C ALA A 71 -2.17 -8.38 4.78
N LEU A 72 -1.58 -7.19 4.61
CA LEU A 72 -1.14 -6.39 5.75
C LEU A 72 -2.31 -6.06 6.66
N GLY A 73 -3.51 -6.04 6.09
CA GLY A 73 -4.69 -5.73 6.87
C GLY A 73 -5.21 -4.33 6.62
N MET A 74 -4.86 -3.77 5.46
CA MET A 74 -5.29 -2.42 5.09
C MET A 74 -6.80 -2.38 4.89
N SER A 75 -7.50 -1.76 5.84
CA SER A 75 -8.95 -1.65 5.77
C SER A 75 -9.37 -0.88 4.51
N HIS A 76 -10.14 -1.55 3.65
CA HIS A 76 -10.61 -0.94 2.41
C HIS A 76 -11.84 -0.06 2.67
N ASN A 77 -12.81 -0.63 3.38
CA ASN A 77 -14.04 0.08 3.69
C ASN A 77 -13.73 1.51 4.16
N ALA A 78 -12.79 1.62 5.10
CA ALA A 78 -12.42 2.92 5.63
C ALA A 78 -12.44 3.99 4.54
N ILE A 79 -11.85 3.68 3.39
CA ILE A 79 -11.81 4.61 2.27
C ILE A 79 -13.22 4.96 1.79
N ARG A 80 -13.66 6.18 2.09
CA ARG A 80 -14.98 6.63 1.69
C ARG A 80 -15.24 6.34 0.21
N PHE A 81 -16.49 6.02 -0.11
CA PHE A 81 -16.87 5.70 -1.49
C PHE A 81 -17.44 6.93 -2.19
N GLY A 82 -16.87 7.27 -3.33
CA GLY A 82 -17.34 8.42 -4.09
C GLY A 82 -18.37 8.06 -5.13
N SER A 83 -17.91 7.63 -6.30
CA SER A 83 -18.80 7.24 -7.39
C SER A 83 -20.08 6.60 -6.84
N GLY A 84 -21.21 6.94 -7.45
CA GLY A 84 -22.47 6.39 -7.02
C GLY A 84 -23.66 7.12 -7.60
N PRO A 85 -23.92 8.34 -7.09
CA PRO A 85 -25.03 9.17 -7.55
C PRO A 85 -24.81 9.70 -8.97
N SER A 86 -23.71 9.29 -9.59
CA SER A 86 -23.38 9.72 -10.93
C SER A 86 -24.64 9.90 -11.77
N SER A 87 -24.63 10.90 -12.65
CA SER A 87 -25.77 11.18 -13.51
C SER A 87 -26.38 9.89 -14.03
N GLY A 88 -27.72 9.84 -14.07
CA GLY A 88 -28.40 8.66 -14.54
C GLY A 88 -28.07 8.34 -15.99
N GLY A 1 27.66 5.92 14.74
CA GLY A 1 26.65 5.02 14.22
C GLY A 1 25.25 5.59 14.34
N SER A 2 24.70 5.55 15.55
CA SER A 2 23.35 6.06 15.80
C SER A 2 23.31 7.57 15.60
N SER A 3 22.40 8.02 14.74
CA SER A 3 22.26 9.44 14.46
C SER A 3 20.98 9.99 15.09
N GLY A 4 19.89 9.24 14.94
CA GLY A 4 18.62 9.67 15.51
C GLY A 4 17.84 8.52 16.10
N SER A 5 16.61 8.79 16.53
CA SER A 5 15.76 7.78 17.13
C SER A 5 15.49 6.64 16.14
N SER A 6 15.14 5.47 16.68
CA SER A 6 14.85 4.31 15.86
C SER A 6 14.09 4.71 14.59
N GLY A 7 14.65 4.39 13.43
CA GLY A 7 14.00 4.72 12.18
C GLY A 7 12.81 3.84 11.89
N MET A 8 12.07 4.17 10.84
CA MET A 8 10.89 3.39 10.46
C MET A 8 10.97 2.97 8.98
N GLU A 9 10.14 2.00 8.60
CA GLU A 9 10.12 1.51 7.24
C GLU A 9 8.72 1.06 6.84
N CYS A 10 8.35 1.34 5.59
CA CYS A 10 7.02 0.97 5.09
C CYS A 10 6.89 -0.54 5.00
N ARG A 11 5.73 -1.05 5.40
CA ARG A 11 5.47 -2.49 5.36
C ARG A 11 4.85 -2.90 4.02
N VAL A 12 5.18 -2.16 2.98
CA VAL A 12 4.66 -2.44 1.65
C VAL A 12 5.76 -2.38 0.59
N CYS A 13 6.66 -1.41 0.73
CA CYS A 13 7.76 -1.24 -0.20
C CYS A 13 9.10 -1.23 0.54
N GLY A 14 9.17 -0.45 1.61
CA GLY A 14 10.39 -0.36 2.39
C GLY A 14 10.73 1.07 2.77
N ASP A 15 10.42 2.01 1.88
CA ASP A 15 10.69 3.41 2.13
C ASP A 15 10.16 3.84 3.49
N LYS A 16 10.80 4.83 4.10
CA LYS A 16 10.39 5.34 5.40
C LYS A 16 8.87 5.38 5.51
N ALA A 17 8.35 4.97 6.66
CA ALA A 17 6.91 4.96 6.89
C ALA A 17 6.38 6.38 7.12
N SER A 18 6.13 7.09 6.04
CA SER A 18 5.62 8.46 6.13
C SER A 18 4.70 8.62 7.33
N GLY A 19 3.70 7.74 7.43
CA GLY A 19 2.76 7.80 8.53
C GLY A 19 2.10 6.46 8.81
N PHE A 20 1.03 6.48 9.60
CA PHE A 20 0.31 5.27 9.94
C PHE A 20 -1.10 5.28 9.36
N HIS A 21 -1.24 4.81 8.12
CA HIS A 21 -2.54 4.78 7.46
C HIS A 21 -3.10 3.36 7.44
N TYR A 22 -4.42 3.26 7.33
CA TYR A 22 -5.08 1.96 7.29
C TYR A 22 -4.66 1.10 8.48
N GLY A 23 -4.26 1.76 9.57
CA GLY A 23 -3.85 1.04 10.76
C GLY A 23 -2.60 0.21 10.52
N VAL A 24 -1.88 0.52 9.45
CA VAL A 24 -0.66 -0.21 9.11
C VAL A 24 0.45 0.74 8.71
N HIS A 25 1.64 0.55 9.29
CA HIS A 25 2.78 1.40 8.99
C HIS A 25 3.10 1.37 7.50
N ALA A 26 2.66 2.39 6.78
CA ALA A 26 2.90 2.49 5.36
C ALA A 26 3.38 3.89 4.97
N CYS A 27 3.87 4.01 3.73
CA CYS A 27 4.37 5.29 3.24
C CYS A 27 3.33 5.98 2.37
N GLU A 28 3.60 7.22 2.00
CA GLU A 28 2.70 7.99 1.15
C GLU A 28 2.54 7.33 -0.22
N GLY A 29 3.66 7.03 -0.86
CA GLY A 29 3.63 6.40 -2.16
C GLY A 29 2.64 5.26 -2.23
N CYS A 30 2.96 4.16 -1.56
CA CYS A 30 2.09 2.98 -1.54
C CYS A 30 0.63 3.39 -1.35
N LYS A 31 0.35 4.12 -0.27
CA LYS A 31 -1.00 4.57 0.03
C LYS A 31 -1.75 4.91 -1.26
N GLY A 32 -1.17 5.80 -2.05
CA GLY A 32 -1.80 6.20 -3.30
C GLY A 32 -2.13 5.01 -4.19
N PHE A 33 -1.24 4.03 -4.22
CA PHE A 33 -1.45 2.83 -5.03
C PHE A 33 -2.61 2.00 -4.49
N PHE A 34 -2.58 1.73 -3.19
CA PHE A 34 -3.64 0.94 -2.56
C PHE A 34 -5.00 1.60 -2.75
N ARG A 35 -5.13 2.84 -2.29
CA ARG A 35 -6.38 3.58 -2.41
C ARG A 35 -6.82 3.65 -3.88
N ARG A 36 -5.92 4.12 -4.73
CA ARG A 36 -6.22 4.25 -6.16
C ARG A 36 -6.89 2.99 -6.68
N THR A 37 -6.27 1.84 -6.42
CA THR A 37 -6.80 0.56 -6.88
C THR A 37 -8.21 0.33 -6.35
N ILE A 38 -8.48 0.86 -5.16
CA ILE A 38 -9.79 0.71 -4.54
C ILE A 38 -10.79 1.71 -5.13
N ARG A 39 -10.54 3.00 -4.90
CA ARG A 39 -11.42 4.04 -5.41
C ARG A 39 -11.70 3.85 -6.90
N MET A 40 -10.70 3.35 -7.62
CA MET A 40 -10.84 3.11 -9.05
C MET A 40 -11.37 1.71 -9.32
N LYS A 41 -11.25 0.83 -8.33
CA LYS A 41 -11.72 -0.54 -8.46
C LYS A 41 -11.03 -1.25 -9.62
N LEU A 42 -9.75 -0.96 -9.81
CA LEU A 42 -8.98 -1.57 -10.89
C LEU A 42 -8.69 -3.03 -10.59
N GLU A 43 -8.80 -3.87 -11.61
CA GLU A 43 -8.55 -5.30 -11.47
C GLU A 43 -7.18 -5.67 -12.01
N TYR A 44 -6.69 -6.84 -11.62
CA TYR A 44 -5.39 -7.32 -12.07
C TYR A 44 -5.44 -8.80 -12.43
N GLU A 45 -4.33 -9.32 -12.95
CA GLU A 45 -4.26 -10.71 -13.34
C GLU A 45 -3.51 -11.54 -12.29
N LYS A 46 -4.06 -12.70 -11.96
CA LYS A 46 -3.46 -13.58 -10.96
C LYS A 46 -1.98 -13.81 -11.26
N CYS A 47 -1.12 -13.34 -10.36
CA CYS A 47 0.31 -13.48 -10.53
C CYS A 47 0.87 -14.57 -9.60
N GLU A 48 0.97 -15.79 -10.12
CA GLU A 48 1.48 -16.90 -9.34
C GLU A 48 2.92 -16.65 -8.90
N ARG A 49 3.75 -16.18 -9.83
CA ARG A 49 5.14 -15.89 -9.54
C ARG A 49 5.31 -15.36 -8.12
N SER A 50 4.45 -14.43 -7.74
CA SER A 50 4.50 -13.83 -6.41
C SER A 50 5.69 -12.89 -6.28
N CYS A 51 5.87 -12.03 -7.28
CA CYS A 51 6.96 -11.07 -7.29
C CYS A 51 7.19 -10.49 -5.89
N LYS A 52 8.45 -10.28 -5.55
CA LYS A 52 8.80 -9.73 -4.24
C LYS A 52 8.88 -8.21 -4.29
N ILE A 53 7.93 -7.55 -3.64
CA ILE A 53 7.89 -6.09 -3.61
C ILE A 53 9.06 -5.53 -2.82
N GLN A 54 9.87 -4.70 -3.47
CA GLN A 54 11.03 -4.09 -2.83
C GLN A 54 10.94 -2.57 -2.89
N LYS A 55 11.81 -1.91 -2.13
CA LYS A 55 11.84 -0.45 -2.09
C LYS A 55 12.46 0.12 -3.36
N LYS A 56 13.27 -0.70 -4.03
CA LYS A 56 13.93 -0.28 -5.26
C LYS A 56 12.96 -0.34 -6.44
N ASN A 57 12.29 -1.47 -6.58
CA ASN A 57 11.33 -1.65 -7.67
C ASN A 57 9.96 -2.03 -7.13
N ARG A 58 9.26 -1.06 -6.57
CA ARG A 58 7.93 -1.29 -6.00
C ARG A 58 6.87 -1.28 -7.10
N ASN A 59 7.07 -0.42 -8.10
CA ASN A 59 6.12 -0.32 -9.21
C ASN A 59 6.43 -1.35 -10.28
N LYS A 60 6.68 -2.59 -9.86
CA LYS A 60 7.00 -3.67 -10.78
C LYS A 60 5.74 -4.47 -11.11
N CYS A 61 5.12 -5.04 -10.09
CA CYS A 61 3.91 -5.83 -10.28
C CYS A 61 2.73 -5.21 -9.55
N GLN A 62 1.63 -5.03 -10.26
CA GLN A 62 0.43 -4.44 -9.68
C GLN A 62 -0.31 -5.44 -8.79
N TYR A 63 -0.43 -6.66 -9.28
CA TYR A 63 -1.11 -7.72 -8.53
C TYR A 63 -0.42 -7.96 -7.19
N CYS A 64 0.81 -8.48 -7.26
CA CYS A 64 1.58 -8.77 -6.06
C CYS A 64 1.49 -7.61 -5.06
N ARG A 65 1.90 -6.43 -5.50
CA ARG A 65 1.87 -5.24 -4.65
C ARG A 65 0.59 -5.19 -3.83
N PHE A 66 -0.55 -5.23 -4.51
CA PHE A 66 -1.85 -5.19 -3.85
C PHE A 66 -1.97 -6.32 -2.83
N GLN A 67 -1.74 -7.55 -3.30
CA GLN A 67 -1.83 -8.72 -2.43
C GLN A 67 -1.20 -8.44 -1.08
N LYS A 68 0.03 -7.91 -1.10
CA LYS A 68 0.75 -7.59 0.13
C LYS A 68 -0.13 -6.84 1.10
N CYS A 69 -0.81 -5.81 0.61
CA CYS A 69 -1.70 -5.00 1.44
C CYS A 69 -2.73 -5.87 2.14
N LEU A 70 -3.54 -6.57 1.36
CA LEU A 70 -4.57 -7.44 1.91
C LEU A 70 -4.04 -8.24 3.10
N ALA A 71 -2.78 -8.65 3.01
CA ALA A 71 -2.14 -9.41 4.07
C ALA A 71 -1.82 -8.51 5.26
N LEU A 72 -1.41 -7.27 4.97
CA LEU A 72 -1.05 -6.32 6.02
C LEU A 72 -2.26 -6.05 6.93
N GLY A 73 -3.45 -6.25 6.40
CA GLY A 73 -4.66 -6.02 7.17
C GLY A 73 -5.22 -4.63 6.98
N MET A 74 -4.95 -4.04 5.81
CA MET A 74 -5.43 -2.70 5.51
C MET A 74 -6.95 -2.66 5.48
N SER A 75 -7.51 -1.46 5.38
CA SER A 75 -8.95 -1.28 5.35
C SER A 75 -9.38 -0.48 4.11
N HIS A 76 -9.88 -1.20 3.11
CA HIS A 76 -10.33 -0.55 1.87
C HIS A 76 -11.62 0.23 2.10
N ASN A 77 -12.57 -0.39 2.81
CA ASN A 77 -13.84 0.26 3.10
C ASN A 77 -13.63 1.62 3.74
N ALA A 78 -12.67 1.70 4.67
CA ALA A 78 -12.37 2.95 5.35
C ALA A 78 -12.44 4.13 4.40
N ILE A 79 -11.94 3.93 3.18
CA ILE A 79 -11.94 4.99 2.17
C ILE A 79 -13.30 5.69 2.12
N ARG A 80 -13.31 6.96 2.51
CA ARG A 80 -14.54 7.76 2.51
C ARG A 80 -14.28 9.15 1.94
N PHE A 81 -14.78 9.38 0.73
CA PHE A 81 -14.61 10.68 0.07
C PHE A 81 -15.72 11.64 0.48
N GLY A 82 -16.13 11.56 1.75
CA GLY A 82 -17.19 12.44 2.24
C GLY A 82 -18.52 12.15 1.58
N SER A 83 -19.22 13.21 1.17
CA SER A 83 -20.52 13.07 0.53
C SER A 83 -21.48 12.30 1.43
N GLY A 84 -21.45 12.61 2.73
CA GLY A 84 -22.32 11.95 3.68
C GLY A 84 -23.67 11.61 3.08
N PRO A 85 -23.89 10.31 2.80
CA PRO A 85 -25.14 9.83 2.22
C PRO A 85 -26.31 9.91 3.20
N SER A 86 -26.01 10.26 4.45
CA SER A 86 -27.02 10.38 5.48
C SER A 86 -28.16 11.30 5.03
N SER A 87 -29.35 11.07 5.57
CA SER A 87 -30.51 11.87 5.22
C SER A 87 -31.32 12.23 6.46
N GLY A 88 -32.16 13.25 6.34
CA GLY A 88 -32.99 13.67 7.45
C GLY A 88 -34.41 14.01 7.04
N GLY A 1 26.63 6.18 7.15
CA GLY A 1 25.48 6.11 8.04
C GLY A 1 25.87 5.87 9.48
N SER A 2 26.51 6.86 10.10
CA SER A 2 26.95 6.74 11.49
C SER A 2 25.80 7.09 12.44
N SER A 3 24.61 6.59 12.12
CA SER A 3 23.43 6.85 12.94
C SER A 3 22.36 5.80 12.71
N GLY A 4 21.58 5.51 13.74
CA GLY A 4 20.52 4.51 13.63
C GLY A 4 19.23 5.10 13.09
N SER A 5 18.73 4.52 12.00
CA SER A 5 17.50 4.99 11.39
C SER A 5 16.52 5.50 12.44
N SER A 6 16.25 4.65 13.43
CA SER A 6 15.32 5.01 14.50
C SER A 6 13.99 5.48 13.94
N GLY A 7 13.50 4.77 12.92
CA GLY A 7 12.24 5.14 12.30
C GLY A 7 11.52 3.94 11.72
N MET A 8 10.20 4.08 11.51
CA MET A 8 9.40 3.00 10.96
C MET A 8 9.55 2.94 9.44
N GLU A 9 9.47 1.73 8.89
CA GLU A 9 9.60 1.53 7.45
C GLU A 9 8.30 0.98 6.87
N CYS A 10 7.97 1.42 5.66
CA CYS A 10 6.76 0.97 4.98
C CYS A 10 6.72 -0.55 4.90
N ARG A 11 5.61 -1.14 5.33
CA ARG A 11 5.44 -2.58 5.30
C ARG A 11 4.90 -3.04 3.95
N VAL A 12 5.13 -2.24 2.92
CA VAL A 12 4.67 -2.56 1.57
C VAL A 12 5.82 -2.54 0.58
N CYS A 13 6.63 -1.48 0.63
CA CYS A 13 7.76 -1.34 -0.27
C CYS A 13 9.08 -1.49 0.49
N GLY A 14 9.19 -0.79 1.62
CA GLY A 14 10.41 -0.87 2.42
C GLY A 14 10.91 0.50 2.82
N ASP A 15 10.73 1.49 1.94
CA ASP A 15 11.18 2.84 2.21
C ASP A 15 10.72 3.31 3.59
N LYS A 16 11.13 4.51 3.98
CA LYS A 16 10.75 5.08 5.27
C LYS A 16 9.29 5.50 5.27
N ALA A 17 8.50 4.90 6.15
CA ALA A 17 7.08 5.21 6.26
C ALA A 17 6.87 6.71 6.50
N SER A 18 5.65 7.16 6.30
CA SER A 18 5.31 8.58 6.48
C SER A 18 4.23 8.73 7.55
N GLY A 19 3.18 7.93 7.45
CA GLY A 19 2.09 8.00 8.40
C GLY A 19 1.40 6.66 8.60
N PHE A 20 0.89 6.43 9.80
CA PHE A 20 0.20 5.18 10.10
C PHE A 20 -1.21 5.18 9.51
N HIS A 21 -1.31 4.73 8.27
CA HIS A 21 -2.60 4.67 7.58
C HIS A 21 -3.09 3.23 7.46
N TYR A 22 -4.39 3.06 7.37
CA TYR A 22 -4.99 1.73 7.26
C TYR A 22 -4.47 0.80 8.35
N GLY A 23 -4.17 1.37 9.52
CA GLY A 23 -3.67 0.59 10.62
C GLY A 23 -2.40 -0.16 10.28
N VAL A 24 -1.70 0.32 9.24
CA VAL A 24 -0.46 -0.31 8.81
C VAL A 24 0.60 0.73 8.46
N HIS A 25 1.82 0.50 8.92
CA HIS A 25 2.92 1.42 8.66
C HIS A 25 3.25 1.48 7.17
N ALA A 26 2.64 2.42 6.47
CA ALA A 26 2.87 2.56 5.04
C ALA A 26 3.44 3.94 4.71
N CYS A 27 3.93 4.11 3.49
CA CYS A 27 4.51 5.37 3.06
C CYS A 27 3.52 6.15 2.20
N GLU A 28 3.94 7.35 1.76
CA GLU A 28 3.08 8.19 0.94
C GLU A 28 2.79 7.53 -0.40
N GLY A 29 3.84 7.06 -1.08
CA GLY A 29 3.68 6.40 -2.35
C GLY A 29 2.67 5.27 -2.30
N CYS A 30 3.05 4.16 -1.68
CA CYS A 30 2.18 3.01 -1.57
C CYS A 30 0.74 3.43 -1.27
N LYS A 31 0.57 4.23 -0.23
CA LYS A 31 -0.74 4.72 0.16
C LYS A 31 -1.59 5.05 -1.07
N GLY A 32 -1.09 5.97 -1.90
CA GLY A 32 -1.81 6.35 -3.10
C GLY A 32 -2.20 5.16 -3.95
N PHE A 33 -1.26 4.23 -4.11
CA PHE A 33 -1.50 3.04 -4.93
C PHE A 33 -2.72 2.28 -4.41
N PHE A 34 -2.63 1.79 -3.17
CA PHE A 34 -3.72 1.04 -2.56
C PHE A 34 -5.05 1.75 -2.78
N ARG A 35 -5.20 2.93 -2.18
CA ARG A 35 -6.43 3.70 -2.32
C ARG A 35 -6.87 3.77 -3.77
N ARG A 36 -6.01 4.35 -4.62
CA ARG A 36 -6.32 4.48 -6.04
C ARG A 36 -7.03 3.24 -6.56
N THR A 37 -6.42 2.08 -6.35
CA THR A 37 -6.99 0.82 -6.80
C THR A 37 -8.39 0.63 -6.26
N ILE A 38 -8.62 1.06 -5.03
CA ILE A 38 -9.92 0.94 -4.39
C ILE A 38 -10.93 1.89 -5.02
N ARG A 39 -10.68 3.19 -4.89
CA ARG A 39 -11.56 4.20 -5.46
C ARG A 39 -11.78 3.97 -6.95
N MET A 40 -10.76 3.42 -7.61
CA MET A 40 -10.84 3.15 -9.04
C MET A 40 -11.31 1.72 -9.29
N LYS A 41 -11.19 0.88 -8.28
CA LYS A 41 -11.60 -0.52 -8.39
C LYS A 41 -10.87 -1.22 -9.54
N LEU A 42 -9.56 -1.03 -9.59
CA LEU A 42 -8.74 -1.64 -10.64
C LEU A 42 -8.58 -3.13 -10.40
N GLU A 43 -8.72 -3.92 -11.47
CA GLU A 43 -8.59 -5.36 -11.37
C GLU A 43 -7.21 -5.81 -11.85
N TYR A 44 -6.75 -6.96 -11.34
CA TYR A 44 -5.45 -7.49 -11.71
C TYR A 44 -5.54 -8.99 -11.99
N GLU A 45 -4.41 -9.59 -12.36
CA GLU A 45 -4.36 -11.01 -12.67
C GLU A 45 -3.54 -11.75 -11.62
N LYS A 46 -4.02 -12.93 -11.23
CA LYS A 46 -3.33 -13.75 -10.23
C LYS A 46 -1.88 -14.01 -10.64
N CYS A 47 -0.96 -13.31 -9.99
CA CYS A 47 0.46 -13.47 -10.29
C CYS A 47 1.09 -14.52 -9.38
N GLU A 48 1.21 -15.75 -9.90
CA GLU A 48 1.79 -16.84 -9.14
C GLU A 48 3.26 -16.56 -8.82
N ARG A 49 3.98 -16.03 -9.80
CA ARG A 49 5.40 -15.72 -9.64
C ARG A 49 5.66 -15.14 -8.24
N SER A 50 4.65 -14.50 -7.68
CA SER A 50 4.77 -13.90 -6.35
C SER A 50 5.96 -12.94 -6.31
N CYS A 51 6.08 -12.09 -7.32
CA CYS A 51 7.17 -11.13 -7.39
C CYS A 51 7.41 -10.49 -6.03
N LYS A 52 8.68 -10.16 -5.76
CA LYS A 52 9.05 -9.54 -4.50
C LYS A 52 9.02 -8.02 -4.60
N ILE A 53 8.07 -7.40 -3.91
CA ILE A 53 7.93 -5.95 -3.92
C ILE A 53 9.12 -5.28 -3.25
N GLN A 54 10.18 -5.02 -4.01
CA GLN A 54 11.37 -4.38 -3.49
C GLN A 54 11.23 -2.86 -3.49
N LYS A 55 11.93 -2.21 -2.58
CA LYS A 55 11.88 -0.75 -2.48
C LYS A 55 12.42 -0.09 -3.74
N LYS A 56 13.50 -0.66 -4.28
CA LYS A 56 14.10 -0.14 -5.50
C LYS A 56 13.09 -0.04 -6.63
N ASN A 57 12.41 -1.15 -6.89
CA ASN A 57 11.40 -1.18 -7.96
C ASN A 57 10.03 -1.55 -7.38
N ARG A 58 9.29 -0.52 -6.96
CA ARG A 58 7.96 -0.73 -6.39
C ARG A 58 6.92 -0.94 -7.50
N ASN A 59 7.05 -0.17 -8.57
CA ASN A 59 6.12 -0.26 -9.69
C ASN A 59 6.51 -1.41 -10.63
N LYS A 60 6.85 -2.55 -10.04
CA LYS A 60 7.24 -3.73 -10.80
C LYS A 60 6.03 -4.59 -11.14
N CYS A 61 5.32 -5.03 -10.11
CA CYS A 61 4.14 -5.86 -10.29
C CYS A 61 2.90 -5.17 -9.73
N GLN A 62 1.77 -5.35 -10.43
CA GLN A 62 0.51 -4.73 -10.01
C GLN A 62 -0.21 -5.62 -9.01
N TYR A 63 -0.31 -6.91 -9.33
CA TYR A 63 -0.98 -7.86 -8.46
C TYR A 63 -0.23 -8.05 -7.15
N CYS A 64 0.96 -8.64 -7.23
CA CYS A 64 1.79 -8.88 -6.06
C CYS A 64 1.78 -7.66 -5.14
N ARG A 65 1.88 -6.47 -5.73
CA ARG A 65 1.89 -5.23 -4.97
C ARG A 65 0.63 -5.11 -4.11
N PHE A 66 -0.52 -5.05 -4.76
CA PHE A 66 -1.79 -4.93 -4.06
C PHE A 66 -1.96 -6.06 -3.06
N GLN A 67 -1.65 -7.28 -3.50
CA GLN A 67 -1.78 -8.45 -2.64
C GLN A 67 -1.13 -8.20 -1.28
N LYS A 68 0.14 -7.81 -1.30
CA LYS A 68 0.88 -7.53 -0.06
C LYS A 68 0.05 -6.68 0.88
N CYS A 69 -0.52 -5.59 0.35
CA CYS A 69 -1.34 -4.68 1.14
C CYS A 69 -2.43 -5.44 1.88
N LEU A 70 -3.26 -6.16 1.13
CA LEU A 70 -4.35 -6.93 1.72
C LEU A 70 -3.86 -7.75 2.90
N ALA A 71 -2.72 -8.41 2.72
CA ALA A 71 -2.14 -9.24 3.77
C ALA A 71 -1.93 -8.43 5.05
N LEU A 72 -1.39 -7.22 4.90
CA LEU A 72 -1.14 -6.35 6.04
C LEU A 72 -2.44 -6.03 6.78
N GLY A 73 -3.54 -6.00 6.03
CA GLY A 73 -4.83 -5.70 6.63
C GLY A 73 -5.24 -4.25 6.41
N MET A 74 -4.90 -3.70 5.25
CA MET A 74 -5.24 -2.33 4.93
C MET A 74 -6.74 -2.17 4.78
N SER A 75 -7.39 -1.67 5.83
CA SER A 75 -8.83 -1.46 5.81
C SER A 75 -9.28 -0.82 4.50
N HIS A 76 -9.92 -1.60 3.64
CA HIS A 76 -10.40 -1.11 2.36
C HIS A 76 -11.59 -0.18 2.54
N ASN A 77 -12.50 -0.56 3.45
CA ASN A 77 -13.69 0.23 3.71
C ASN A 77 -13.31 1.64 4.15
N ALA A 78 -12.26 1.74 4.97
CA ALA A 78 -11.80 3.03 5.47
C ALA A 78 -11.93 4.11 4.40
N ILE A 79 -11.45 3.81 3.20
CA ILE A 79 -11.51 4.75 2.09
C ILE A 79 -12.78 5.60 2.16
N ARG A 80 -12.61 6.89 2.46
CA ARG A 80 -13.73 7.81 2.56
C ARG A 80 -14.36 8.04 1.20
N PHE A 81 -15.57 7.54 1.00
CA PHE A 81 -16.28 7.69 -0.26
C PHE A 81 -16.39 9.16 -0.64
N GLY A 82 -16.95 9.96 0.25
CA GLY A 82 -17.10 11.38 -0.02
C GLY A 82 -18.54 11.78 -0.27
N SER A 83 -19.32 11.89 0.80
CA SER A 83 -20.73 12.26 0.69
C SER A 83 -20.88 13.73 0.31
N GLY A 84 -22.00 14.06 -0.32
CA GLY A 84 -22.24 15.42 -0.73
C GLY A 84 -21.87 15.68 -2.17
N PRO A 85 -21.28 16.85 -2.45
CA PRO A 85 -20.86 17.23 -3.80
C PRO A 85 -19.68 16.41 -4.30
N SER A 86 -19.98 15.27 -4.94
CA SER A 86 -18.95 14.39 -5.45
C SER A 86 -18.65 14.71 -6.92
N SER A 87 -17.53 14.20 -7.42
CA SER A 87 -17.13 14.44 -8.80
C SER A 87 -17.52 13.26 -9.68
N GLY A 88 -18.47 13.48 -10.58
CA GLY A 88 -18.92 12.43 -11.47
C GLY A 88 -19.30 12.95 -12.83
N GLY A 1 27.70 -0.57 17.48
CA GLY A 1 26.33 -0.33 17.05
C GLY A 1 25.95 -1.15 15.84
N SER A 2 24.65 -1.29 15.60
CA SER A 2 24.15 -2.06 14.47
C SER A 2 22.90 -1.42 13.88
N SER A 3 22.42 -1.98 12.78
CA SER A 3 21.24 -1.45 12.10
C SER A 3 20.05 -2.40 12.28
N GLY A 4 18.96 -1.89 12.82
CA GLY A 4 17.79 -2.71 13.03
C GLY A 4 16.50 -2.00 12.65
N SER A 5 15.53 -2.01 13.56
CA SER A 5 14.24 -1.35 13.30
C SER A 5 14.18 0.01 13.99
N SER A 6 15.30 0.74 13.92
CA SER A 6 15.38 2.06 14.54
C SER A 6 14.36 3.01 13.91
N GLY A 7 14.45 3.17 12.60
CA GLY A 7 13.52 4.06 11.90
C GLY A 7 12.31 3.33 11.38
N MET A 8 11.26 4.08 11.06
CA MET A 8 10.03 3.51 10.54
C MET A 8 10.23 2.98 9.12
N GLU A 9 9.38 2.03 8.71
CA GLU A 9 9.48 1.46 7.38
C GLU A 9 8.11 1.01 6.89
N CYS A 10 7.87 1.15 5.58
CA CYS A 10 6.60 0.76 4.98
C CYS A 10 6.46 -0.75 4.93
N ARG A 11 5.56 -1.30 5.75
CA ARG A 11 5.33 -2.73 5.80
C ARG A 11 5.14 -3.30 4.39
N VAL A 12 4.50 -2.51 3.53
CA VAL A 12 4.27 -2.93 2.15
C VAL A 12 5.57 -3.17 1.41
N CYS A 13 6.28 -2.09 1.09
CA CYS A 13 7.55 -2.18 0.38
C CYS A 13 8.72 -2.10 1.35
N GLY A 14 8.65 -1.14 2.28
CA GLY A 14 9.71 -0.97 3.25
C GLY A 14 10.26 0.44 3.27
N ASP A 15 10.26 1.09 2.11
CA ASP A 15 10.75 2.45 2.00
C ASP A 15 10.25 3.32 3.16
N LYS A 16 10.94 4.42 3.40
CA LYS A 16 10.57 5.33 4.48
C LYS A 16 9.06 5.53 4.52
N ALA A 17 8.47 5.34 5.69
CA ALA A 17 7.02 5.50 5.85
C ALA A 17 6.64 6.97 5.88
N SER A 18 5.41 7.27 5.48
CA SER A 18 4.93 8.65 5.46
C SER A 18 3.96 8.90 6.61
N GLY A 19 3.06 7.95 6.84
CA GLY A 19 2.10 8.09 7.91
C GLY A 19 1.40 6.79 8.24
N PHE A 20 0.65 6.77 9.33
CA PHE A 20 -0.07 5.58 9.75
C PHE A 20 -1.45 5.52 9.10
N HIS A 21 -1.52 4.91 7.92
CA HIS A 21 -2.77 4.78 7.20
C HIS A 21 -3.24 3.33 7.16
N TYR A 22 -4.52 3.12 7.48
CA TYR A 22 -5.09 1.79 7.49
C TYR A 22 -4.53 0.96 8.65
N GLY A 23 -4.17 1.66 9.73
CA GLY A 23 -3.63 0.98 10.90
C GLY A 23 -2.30 0.29 10.60
N VAL A 24 -1.71 0.62 9.45
CA VAL A 24 -0.44 0.03 9.05
C VAL A 24 0.51 1.10 8.53
N HIS A 25 1.79 0.97 8.89
CA HIS A 25 2.81 1.93 8.45
C HIS A 25 3.10 1.76 6.97
N ALA A 26 2.52 2.63 6.15
CA ALA A 26 2.73 2.58 4.71
C ALA A 26 3.34 3.88 4.19
N CYS A 27 3.92 3.83 3.00
CA CYS A 27 4.54 4.99 2.40
C CYS A 27 3.63 5.61 1.34
N GLU A 28 3.81 6.90 1.08
CA GLU A 28 3.01 7.61 0.09
C GLU A 28 2.91 6.82 -1.20
N GLY A 29 4.06 6.30 -1.66
CA GLY A 29 4.08 5.53 -2.89
C GLY A 29 3.09 4.38 -2.86
N CYS A 30 3.01 3.68 -1.74
CA CYS A 30 2.10 2.56 -1.60
C CYS A 30 0.68 3.05 -1.33
N LYS A 31 0.51 3.82 -0.27
CA LYS A 31 -0.80 4.36 0.09
C LYS A 31 -1.58 4.79 -1.15
N GLY A 32 -0.96 5.64 -1.96
CA GLY A 32 -1.60 6.11 -3.17
C GLY A 32 -2.02 4.98 -4.09
N PHE A 33 -1.19 3.95 -4.17
CA PHE A 33 -1.48 2.79 -5.02
C PHE A 33 -2.71 2.05 -4.52
N PHE A 34 -2.63 1.51 -3.31
CA PHE A 34 -3.74 0.77 -2.72
C PHE A 34 -5.04 1.57 -2.84
N ARG A 35 -5.04 2.78 -2.30
CA ARG A 35 -6.21 3.64 -2.34
C ARG A 35 -6.72 3.79 -3.77
N ARG A 36 -5.84 4.21 -4.66
CA ARG A 36 -6.19 4.40 -6.06
C ARG A 36 -6.89 3.17 -6.62
N THR A 37 -6.35 2.00 -6.34
CA THR A 37 -6.93 0.74 -6.81
C THR A 37 -8.32 0.54 -6.24
N ILE A 38 -8.56 1.08 -5.06
CA ILE A 38 -9.86 0.96 -4.40
C ILE A 38 -10.87 1.95 -4.99
N ARG A 39 -10.57 3.24 -4.83
CA ARG A 39 -11.44 4.28 -5.34
C ARG A 39 -11.72 4.08 -6.83
N MET A 40 -10.81 3.41 -7.50
CA MET A 40 -10.94 3.15 -8.94
C MET A 40 -11.40 1.71 -9.19
N LYS A 41 -11.41 0.91 -8.13
CA LYS A 41 -11.82 -0.48 -8.24
C LYS A 41 -11.15 -1.16 -9.43
N LEU A 42 -9.85 -0.94 -9.58
CA LEU A 42 -9.09 -1.52 -10.67
C LEU A 42 -8.72 -2.98 -10.36
N GLU A 43 -8.09 -3.63 -11.32
CA GLU A 43 -7.68 -5.02 -11.15
C GLU A 43 -6.37 -5.31 -11.89
N TYR A 44 -5.65 -6.32 -11.42
CA TYR A 44 -4.38 -6.69 -12.03
C TYR A 44 -4.30 -8.19 -12.25
N GLU A 45 -3.84 -8.58 -13.44
CA GLU A 45 -3.71 -9.99 -13.80
C GLU A 45 -3.03 -10.76 -12.67
N LYS A 46 -3.62 -11.90 -12.30
CA LYS A 46 -3.07 -12.73 -11.24
C LYS A 46 -1.60 -13.05 -11.51
N CYS A 47 -0.73 -12.57 -10.63
CA CYS A 47 0.71 -12.79 -10.76
C CYS A 47 1.14 -14.01 -9.94
N GLU A 48 1.24 -15.16 -10.61
CA GLU A 48 1.64 -16.39 -9.95
C GLU A 48 3.06 -16.27 -9.40
N ARG A 49 3.89 -15.48 -10.07
CA ARG A 49 5.27 -15.29 -9.65
C ARG A 49 5.33 -14.84 -8.19
N SER A 50 4.23 -14.29 -7.70
CA SER A 50 4.16 -13.82 -6.32
C SER A 50 5.40 -12.99 -5.96
N CYS A 51 5.74 -12.07 -6.84
CA CYS A 51 6.91 -11.20 -6.63
C CYS A 51 6.96 -10.74 -5.17
N LYS A 52 8.16 -10.37 -4.72
CA LYS A 52 8.36 -9.90 -3.36
C LYS A 52 8.51 -8.37 -3.32
N ILE A 53 7.54 -7.71 -2.72
CA ILE A 53 7.56 -6.25 -2.62
C ILE A 53 8.75 -5.78 -1.78
N GLN A 54 9.86 -5.48 -2.45
CA GLN A 54 11.06 -5.01 -1.77
C GLN A 54 11.21 -3.50 -1.89
N LYS A 55 11.73 -2.88 -0.84
CA LYS A 55 11.93 -1.43 -0.82
C LYS A 55 12.74 -0.98 -2.02
N LYS A 56 13.79 -1.73 -2.33
CA LYS A 56 14.66 -1.41 -3.45
C LYS A 56 13.87 -1.37 -4.75
N ASN A 57 12.92 -2.29 -4.89
CA ASN A 57 12.09 -2.37 -6.08
C ASN A 57 10.94 -3.35 -5.88
N ARG A 58 9.71 -2.84 -6.03
CA ARG A 58 8.52 -3.67 -5.86
C ARG A 58 8.36 -4.63 -7.05
N ASN A 59 9.32 -4.59 -7.97
CA ASN A 59 9.28 -5.45 -9.14
C ASN A 59 8.24 -4.97 -10.14
N LYS A 60 8.09 -3.66 -10.25
CA LYS A 60 7.14 -3.07 -11.18
C LYS A 60 5.87 -3.92 -11.27
N CYS A 61 5.47 -4.49 -10.15
CA CYS A 61 4.28 -5.34 -10.11
C CYS A 61 3.15 -4.64 -9.35
N GLN A 62 1.98 -4.55 -9.98
CA GLN A 62 0.83 -3.92 -9.36
C GLN A 62 0.05 -4.90 -8.51
N TYR A 63 -0.14 -6.11 -9.03
CA TYR A 63 -0.88 -7.14 -8.32
C TYR A 63 -0.21 -7.46 -6.99
N CYS A 64 0.99 -8.03 -7.05
CA CYS A 64 1.73 -8.39 -5.86
C CYS A 64 1.66 -7.26 -4.82
N ARG A 65 1.61 -6.03 -5.30
CA ARG A 65 1.54 -4.87 -4.42
C ARG A 65 0.21 -4.85 -3.65
N PHE A 66 -0.88 -5.13 -4.35
CA PHE A 66 -2.20 -5.14 -3.73
C PHE A 66 -2.34 -6.31 -2.77
N GLN A 67 -1.87 -7.49 -3.20
CA GLN A 67 -1.95 -8.68 -2.39
C GLN A 67 -1.38 -8.43 -1.00
N LYS A 68 -0.14 -7.96 -0.94
CA LYS A 68 0.51 -7.68 0.32
C LYS A 68 -0.35 -6.76 1.20
N CYS A 69 -0.70 -5.60 0.66
CA CYS A 69 -1.53 -4.65 1.38
C CYS A 69 -2.67 -5.36 2.11
N LEU A 70 -3.30 -6.31 1.42
CA LEU A 70 -4.41 -7.06 2.01
C LEU A 70 -3.93 -7.95 3.15
N ALA A 71 -2.79 -8.61 2.94
CA ALA A 71 -2.23 -9.48 3.96
C ALA A 71 -1.81 -8.69 5.20
N LEU A 72 -1.32 -7.48 4.99
CA LEU A 72 -0.89 -6.62 6.09
C LEU A 72 -2.05 -6.32 7.03
N GLY A 73 -3.27 -6.35 6.49
CA GLY A 73 -4.44 -6.09 7.30
C GLY A 73 -5.08 -4.75 6.97
N MET A 74 -4.59 -4.10 5.92
CA MET A 74 -5.12 -2.82 5.50
C MET A 74 -6.63 -2.89 5.30
N SER A 75 -7.37 -2.15 6.12
CA SER A 75 -8.82 -2.14 6.03
C SER A 75 -9.29 -1.29 4.86
N HIS A 76 -10.04 -1.91 3.95
CA HIS A 76 -10.54 -1.20 2.78
C HIS A 76 -11.61 -0.19 3.18
N ASN A 77 -12.56 -0.62 4.01
CA ASN A 77 -13.63 0.27 4.46
C ASN A 77 -13.09 1.63 4.86
N ALA A 78 -11.90 1.64 5.47
CA ALA A 78 -11.27 2.88 5.89
C ALA A 78 -11.37 3.95 4.81
N ILE A 79 -11.11 3.54 3.57
CA ILE A 79 -11.17 4.46 2.44
C ILE A 79 -12.25 5.52 2.65
N ARG A 80 -11.81 6.76 2.90
CA ARG A 80 -12.73 7.86 3.12
C ARG A 80 -12.32 9.09 2.30
N PHE A 81 -13.15 10.12 2.35
CA PHE A 81 -12.87 11.35 1.62
C PHE A 81 -12.55 11.05 0.16
N GLY A 82 -13.34 10.17 -0.44
CA GLY A 82 -13.13 9.81 -1.83
C GLY A 82 -13.26 10.99 -2.77
N SER A 83 -14.45 11.57 -2.82
CA SER A 83 -14.72 12.71 -3.69
C SER A 83 -15.85 13.57 -3.12
N GLY A 84 -15.77 14.87 -3.36
CA GLY A 84 -16.80 15.78 -2.88
C GLY A 84 -16.27 17.17 -2.62
N PRO A 85 -16.43 18.07 -3.61
CA PRO A 85 -15.96 19.45 -3.52
C PRO A 85 -16.78 20.27 -2.52
N SER A 86 -16.21 21.38 -2.08
CA SER A 86 -16.89 22.25 -1.12
C SER A 86 -16.41 23.69 -1.26
N SER A 87 -17.35 24.63 -1.31
CA SER A 87 -17.01 26.04 -1.44
C SER A 87 -16.44 26.59 -0.14
N GLY A 88 -15.32 27.28 -0.23
CA GLY A 88 -14.69 27.85 0.95
C GLY A 88 -13.22 27.49 1.06
N GLY A 1 26.93 8.11 18.81
CA GLY A 1 25.89 8.62 19.67
C GLY A 1 24.70 9.16 18.90
N SER A 2 24.21 8.37 17.95
CA SER A 2 23.08 8.78 17.12
C SER A 2 21.92 9.24 18.00
N SER A 3 21.68 10.55 18.02
CA SER A 3 20.60 11.11 18.82
C SER A 3 19.31 11.23 17.99
N GLY A 4 19.03 10.19 17.22
CA GLY A 4 17.83 10.19 16.39
C GLY A 4 17.97 9.29 15.18
N SER A 5 17.22 8.19 15.18
CA SER A 5 17.27 7.24 14.07
C SER A 5 15.86 6.82 13.65
N SER A 6 15.47 7.22 12.44
CA SER A 6 14.15 6.90 11.92
C SER A 6 13.81 5.43 12.18
N GLY A 7 12.73 5.20 12.92
CA GLY A 7 12.32 3.84 13.22
C GLY A 7 11.17 3.37 12.36
N MET A 8 10.07 4.13 12.37
CA MET A 8 8.90 3.78 11.58
C MET A 8 9.26 3.66 10.10
N GLU A 9 8.95 2.50 9.51
CA GLU A 9 9.24 2.27 8.10
C GLU A 9 8.06 1.62 7.40
N CYS A 10 7.94 1.86 6.11
CA CYS A 10 6.85 1.30 5.32
C CYS A 10 6.86 -0.24 5.39
N ARG A 11 5.68 -0.83 5.25
CA ARG A 11 5.56 -2.29 5.31
C ARG A 11 5.44 -2.87 3.90
N VAL A 12 4.87 -2.08 2.99
CA VAL A 12 4.69 -2.52 1.60
C VAL A 12 6.03 -2.57 0.87
N CYS A 13 6.68 -1.41 0.74
CA CYS A 13 7.96 -1.33 0.06
C CYS A 13 9.11 -1.33 1.06
N GLY A 14 8.93 -0.61 2.17
CA GLY A 14 9.96 -0.56 3.19
C GLY A 14 10.41 0.86 3.47
N ASP A 15 10.58 1.65 2.41
CA ASP A 15 11.01 3.03 2.55
C ASP A 15 10.40 3.68 3.79
N LYS A 16 11.10 4.66 4.35
CA LYS A 16 10.62 5.35 5.54
C LYS A 16 9.11 5.47 5.53
N ALA A 17 8.49 5.32 6.70
CA ALA A 17 7.04 5.42 6.82
C ALA A 17 6.60 6.84 7.14
N SER A 18 5.76 7.40 6.29
CA SER A 18 5.27 8.75 6.48
C SER A 18 4.25 8.81 7.62
N GLY A 19 3.35 7.85 7.63
CA GLY A 19 2.32 7.80 8.66
C GLY A 19 1.73 6.42 8.84
N PHE A 20 0.59 6.34 9.53
CA PHE A 20 -0.06 5.07 9.77
C PHE A 20 -1.46 5.05 9.13
N HIS A 21 -1.52 4.61 7.88
CA HIS A 21 -2.78 4.54 7.15
C HIS A 21 -3.25 3.09 7.00
N TYR A 22 -4.55 2.89 7.07
CA TYR A 22 -5.13 1.55 6.94
C TYR A 22 -4.63 0.63 8.05
N GLY A 23 -4.34 1.23 9.21
CA GLY A 23 -3.85 0.45 10.33
C GLY A 23 -2.57 -0.28 10.01
N VAL A 24 -1.86 0.17 8.99
CA VAL A 24 -0.61 -0.46 8.58
C VAL A 24 0.42 0.60 8.18
N HIS A 25 1.63 0.48 8.75
CA HIS A 25 2.70 1.41 8.46
C HIS A 25 3.01 1.43 6.96
N ALA A 26 2.54 2.46 6.27
CA ALA A 26 2.76 2.59 4.84
C ALA A 26 3.26 3.99 4.49
N CYS A 27 4.01 4.10 3.39
CA CYS A 27 4.54 5.38 2.95
C CYS A 27 3.59 6.05 1.96
N GLU A 28 3.90 7.29 1.60
CA GLU A 28 3.08 8.04 0.66
C GLU A 28 3.02 7.34 -0.69
N GLY A 29 4.19 7.02 -1.24
CA GLY A 29 4.24 6.35 -2.53
C GLY A 29 3.27 5.19 -2.63
N CYS A 30 3.56 4.12 -1.87
CA CYS A 30 2.71 2.94 -1.88
C CYS A 30 1.23 3.33 -1.73
N LYS A 31 0.94 4.07 -0.67
CA LYS A 31 -0.43 4.51 -0.40
C LYS A 31 -1.16 4.85 -1.70
N GLY A 32 -0.60 5.81 -2.44
CA GLY A 32 -1.21 6.22 -3.70
C GLY A 32 -1.65 5.03 -4.54
N PHE A 33 -0.78 4.03 -4.64
CA PHE A 33 -1.08 2.84 -5.42
C PHE A 33 -2.31 2.11 -4.86
N PHE A 34 -2.17 1.57 -3.66
CA PHE A 34 -3.27 0.86 -3.02
C PHE A 34 -4.57 1.67 -3.10
N ARG A 35 -4.56 2.86 -2.49
CA ARG A 35 -5.73 3.72 -2.49
C ARG A 35 -6.38 3.76 -3.87
N ARG A 36 -5.62 4.18 -4.88
CA ARG A 36 -6.11 4.26 -6.24
C ARG A 36 -6.86 2.99 -6.62
N THR A 37 -6.31 1.84 -6.23
CA THR A 37 -6.92 0.55 -6.54
C THR A 37 -8.24 0.38 -5.78
N ILE A 38 -8.36 1.08 -4.66
CA ILE A 38 -9.58 1.00 -3.85
C ILE A 38 -10.65 1.93 -4.38
N ARG A 39 -10.35 3.23 -4.40
CA ARG A 39 -11.29 4.23 -4.88
C ARG A 39 -11.85 3.83 -6.25
N MET A 40 -10.97 3.34 -7.12
CA MET A 40 -11.38 2.93 -8.46
C MET A 40 -11.56 1.41 -8.52
N LYS A 41 -11.55 0.77 -7.36
CA LYS A 41 -11.70 -0.68 -7.29
C LYS A 41 -11.06 -1.36 -8.50
N LEU A 42 -9.85 -0.92 -8.84
CA LEU A 42 -9.12 -1.49 -9.97
C LEU A 42 -8.80 -2.96 -9.74
N GLU A 43 -9.19 -3.82 -10.67
CA GLU A 43 -8.94 -5.24 -10.56
C GLU A 43 -7.73 -5.65 -11.40
N TYR A 44 -7.13 -6.78 -11.05
CA TYR A 44 -5.97 -7.28 -11.78
C TYR A 44 -6.02 -8.79 -11.92
N GLU A 45 -5.06 -9.35 -12.65
CA GLU A 45 -4.99 -10.79 -12.86
C GLU A 45 -4.03 -11.44 -11.87
N LYS A 46 -4.49 -12.51 -11.23
CA LYS A 46 -3.67 -13.24 -10.26
C LYS A 46 -2.27 -13.48 -10.81
N CYS A 47 -1.26 -13.20 -9.99
CA CYS A 47 0.12 -13.39 -10.40
C CYS A 47 0.77 -14.52 -9.58
N GLU A 48 0.91 -15.68 -10.22
CA GLU A 48 1.51 -16.84 -9.55
C GLU A 48 2.97 -16.57 -9.20
N ARG A 49 3.69 -15.98 -10.15
CA ARG A 49 5.11 -15.66 -9.94
C ARG A 49 5.37 -15.26 -8.49
N SER A 50 4.40 -14.58 -7.89
CA SER A 50 4.53 -14.13 -6.50
C SER A 50 5.69 -13.15 -6.35
N CYS A 51 5.78 -12.20 -7.27
CA CYS A 51 6.84 -11.20 -7.24
C CYS A 51 7.01 -10.63 -5.84
N LYS A 52 8.18 -10.05 -5.58
CA LYS A 52 8.46 -9.46 -4.27
C LYS A 52 8.61 -7.95 -4.38
N ILE A 53 7.72 -7.22 -3.72
CA ILE A 53 7.76 -5.75 -3.75
C ILE A 53 8.89 -5.23 -2.88
N GLN A 54 9.84 -4.53 -3.51
CA GLN A 54 10.97 -3.97 -2.79
C GLN A 54 11.06 -2.46 -3.02
N LYS A 55 11.76 -1.77 -2.12
CA LYS A 55 11.92 -0.33 -2.21
C LYS A 55 12.54 0.06 -3.56
N LYS A 56 13.65 -0.59 -3.91
CA LYS A 56 14.33 -0.32 -5.16
C LYS A 56 13.34 -0.29 -6.32
N ASN A 57 12.58 -1.37 -6.48
CA ASN A 57 11.60 -1.46 -7.56
C ASN A 57 10.21 -1.76 -6.99
N ARG A 58 9.46 -0.70 -6.70
CA ARG A 58 8.12 -0.83 -6.16
C ARG A 58 7.11 -1.12 -7.27
N ASN A 59 7.22 -0.38 -8.37
CA ASN A 59 6.33 -0.55 -9.50
C ASN A 59 6.75 -1.75 -10.36
N LYS A 60 6.92 -2.89 -9.72
CA LYS A 60 7.33 -4.10 -10.42
C LYS A 60 6.10 -4.88 -10.90
N CYS A 61 5.26 -5.29 -9.96
CA CYS A 61 4.05 -6.04 -10.30
C CYS A 61 2.80 -5.26 -9.90
N GLN A 62 1.73 -5.46 -10.66
CA GLN A 62 0.46 -4.78 -10.39
C GLN A 62 -0.39 -5.57 -9.40
N TYR A 63 -0.40 -6.89 -9.57
CA TYR A 63 -1.18 -7.75 -8.69
C TYR A 63 -0.47 -7.95 -7.35
N CYS A 64 0.63 -8.68 -7.37
CA CYS A 64 1.41 -8.95 -6.17
C CYS A 64 1.40 -7.73 -5.24
N ARG A 65 1.61 -6.55 -5.83
CA ARG A 65 1.63 -5.31 -5.05
C ARG A 65 0.38 -5.19 -4.19
N PHE A 66 -0.78 -5.22 -4.84
CA PHE A 66 -2.05 -5.11 -4.14
C PHE A 66 -2.20 -6.21 -3.10
N GLN A 67 -1.90 -7.44 -3.50
CA GLN A 67 -1.99 -8.58 -2.60
C GLN A 67 -1.28 -8.30 -1.28
N LYS A 68 -0.01 -7.95 -1.37
CA LYS A 68 0.79 -7.64 -0.18
C LYS A 68 -0.02 -6.83 0.82
N CYS A 69 -0.56 -5.70 0.36
CA CYS A 69 -1.35 -4.83 1.22
C CYS A 69 -2.37 -5.64 2.02
N LEU A 70 -3.24 -6.35 1.32
CA LEU A 70 -4.26 -7.16 1.97
C LEU A 70 -3.65 -8.05 3.04
N ALA A 71 -2.53 -8.68 2.73
CA ALA A 71 -1.84 -9.55 3.67
C ALA A 71 -1.25 -8.75 4.83
N LEU A 72 -0.84 -7.52 4.54
CA LEU A 72 -0.26 -6.65 5.55
C LEU A 72 -1.29 -6.29 6.61
N GLY A 73 -2.57 -6.28 6.22
CA GLY A 73 -3.63 -5.95 7.15
C GLY A 73 -4.37 -4.68 6.76
N MET A 74 -4.31 -4.35 5.48
CA MET A 74 -4.98 -3.15 4.98
C MET A 74 -6.49 -3.39 4.86
N SER A 75 -7.21 -2.35 4.47
CA SER A 75 -8.66 -2.43 4.33
C SER A 75 -9.18 -1.37 3.37
N HIS A 76 -10.46 -1.47 3.03
CA HIS A 76 -11.08 -0.51 2.10
C HIS A 76 -12.20 0.26 2.80
N ASN A 77 -12.91 1.08 2.03
CA ASN A 77 -14.00 1.88 2.57
C ASN A 77 -13.55 2.67 3.80
N ALA A 78 -12.30 3.09 3.79
CA ALA A 78 -11.74 3.85 4.91
C ALA A 78 -11.18 5.19 4.43
N ILE A 79 -10.60 5.19 3.24
CA ILE A 79 -10.02 6.40 2.66
C ILE A 79 -10.94 7.60 2.88
N ARG A 80 -10.41 8.64 3.52
CA ARG A 80 -11.18 9.85 3.79
C ARG A 80 -10.99 10.87 2.68
N PHE A 81 -12.10 11.41 2.19
CA PHE A 81 -12.06 12.41 1.12
C PHE A 81 -13.22 13.38 1.24
N GLY A 82 -12.95 14.65 0.94
CA GLY A 82 -13.98 15.67 1.03
C GLY A 82 -15.28 15.24 0.37
N SER A 83 -15.26 15.15 -0.95
CA SER A 83 -16.45 14.75 -1.70
C SER A 83 -16.47 13.23 -1.91
N GLY A 84 -17.67 12.70 -2.17
CA GLY A 84 -17.80 11.27 -2.40
C GLY A 84 -17.96 10.93 -3.86
N PRO A 85 -19.14 11.24 -4.41
CA PRO A 85 -19.45 10.97 -5.82
C PRO A 85 -18.66 11.86 -6.78
N SER A 86 -17.57 12.44 -6.27
CA SER A 86 -16.73 13.31 -7.07
C SER A 86 -15.87 12.50 -8.04
N SER A 87 -16.53 11.68 -8.86
CA SER A 87 -15.82 10.86 -9.82
C SER A 87 -16.81 10.09 -10.71
N GLY A 88 -16.83 10.42 -12.00
CA GLY A 88 -17.73 9.75 -12.91
C GLY A 88 -17.19 9.71 -14.33
N GLY A 1 25.46 7.98 16.22
CA GLY A 1 24.95 8.36 17.52
C GLY A 1 23.89 7.40 18.03
N SER A 2 22.87 7.15 17.22
CA SER A 2 21.79 6.25 17.60
C SER A 2 21.99 4.86 16.99
N SER A 3 21.87 3.84 17.82
CA SER A 3 22.04 2.47 17.36
C SER A 3 20.97 2.08 16.34
N GLY A 4 21.39 1.89 15.10
CA GLY A 4 20.46 1.53 14.05
C GLY A 4 19.23 2.41 14.05
N SER A 5 19.34 3.59 13.44
CA SER A 5 18.22 4.52 13.38
C SER A 5 17.22 4.11 12.29
N SER A 6 16.88 2.82 12.27
CA SER A 6 15.95 2.30 11.29
C SER A 6 14.60 3.01 11.37
N GLY A 7 14.12 3.20 12.60
CA GLY A 7 12.85 3.88 12.80
C GLY A 7 11.67 3.04 12.32
N MET A 8 10.79 3.67 11.54
CA MET A 8 9.62 2.99 11.02
C MET A 8 9.62 2.98 9.49
N GLU A 9 9.67 1.78 8.91
CA GLU A 9 9.70 1.64 7.46
C GLU A 9 8.33 1.21 6.94
N CYS A 10 8.16 1.26 5.62
CA CYS A 10 6.91 0.87 5.00
C CYS A 10 6.79 -0.64 4.89
N ARG A 11 5.66 -1.18 5.33
CA ARG A 11 5.44 -2.62 5.28
C ARG A 11 4.89 -3.04 3.92
N VAL A 12 5.23 -2.27 2.89
CA VAL A 12 4.77 -2.56 1.53
C VAL A 12 5.93 -2.50 0.55
N CYS A 13 6.76 -1.47 0.67
CA CYS A 13 7.91 -1.30 -0.20
C CYS A 13 9.21 -1.38 0.58
N GLY A 14 9.27 -0.65 1.70
CA GLY A 14 10.47 -0.65 2.52
C GLY A 14 10.92 0.75 2.89
N ASP A 15 10.77 1.69 1.95
CA ASP A 15 11.17 3.07 2.18
C ASP A 15 10.63 3.57 3.51
N LYS A 16 11.32 4.56 4.08
CA LYS A 16 10.91 5.13 5.37
C LYS A 16 9.41 5.38 5.39
N ALA A 17 8.75 4.87 6.43
CA ALA A 17 7.32 5.03 6.59
C ALA A 17 6.96 6.50 6.89
N SER A 18 6.06 7.06 6.09
CA SER A 18 5.64 8.44 6.28
C SER A 18 4.71 8.57 7.47
N GLY A 19 3.69 7.72 7.51
CA GLY A 19 2.74 7.76 8.61
C GLY A 19 2.13 6.40 8.90
N PHE A 20 0.92 6.40 9.47
CA PHE A 20 0.23 5.17 9.79
C PHE A 20 -1.17 5.16 9.21
N HIS A 21 -1.31 4.61 8.01
CA HIS A 21 -2.60 4.54 7.34
C HIS A 21 -3.10 3.10 7.25
N TYR A 22 -4.41 2.93 7.13
CA TYR A 22 -5.01 1.60 7.04
C TYR A 22 -4.51 0.72 8.17
N GLY A 23 -4.15 1.33 9.29
CA GLY A 23 -3.66 0.58 10.43
C GLY A 23 -2.42 -0.24 10.10
N VAL A 24 -1.66 0.23 9.12
CA VAL A 24 -0.44 -0.46 8.72
C VAL A 24 0.66 0.53 8.34
N HIS A 25 1.81 0.41 9.01
CA HIS A 25 2.93 1.30 8.75
C HIS A 25 3.27 1.33 7.26
N ALA A 26 2.64 2.26 6.53
CA ALA A 26 2.88 2.39 5.10
C ALA A 26 3.41 3.78 4.76
N CYS A 27 3.87 3.95 3.53
CA CYS A 27 4.40 5.23 3.08
C CYS A 27 3.42 5.94 2.16
N GLU A 28 3.73 7.19 1.81
CA GLU A 28 2.86 7.97 0.94
C GLU A 28 2.69 7.29 -0.42
N GLY A 29 3.81 6.96 -1.06
CA GLY A 29 3.77 6.31 -2.34
C GLY A 29 2.75 5.20 -2.40
N CYS A 30 2.95 4.16 -1.59
CA CYS A 30 2.04 3.03 -1.55
C CYS A 30 0.63 3.47 -1.19
N LYS A 31 0.50 4.20 -0.08
CA LYS A 31 -0.80 4.70 0.37
C LYS A 31 -1.67 5.07 -0.81
N GLY A 32 -1.18 6.00 -1.64
CA GLY A 32 -1.94 6.44 -2.80
C GLY A 32 -2.29 5.29 -3.72
N PHE A 33 -1.33 4.39 -3.94
CA PHE A 33 -1.55 3.24 -4.82
C PHE A 33 -2.75 2.43 -4.35
N PHE A 34 -2.71 1.97 -3.11
CA PHE A 34 -3.79 1.18 -2.55
C PHE A 34 -5.15 1.86 -2.77
N ARG A 35 -5.30 3.06 -2.22
CA ARG A 35 -6.54 3.81 -2.38
C ARG A 35 -6.93 3.94 -3.85
N ARG A 36 -5.98 4.39 -4.67
CA ARG A 36 -6.22 4.55 -6.09
C ARG A 36 -6.83 3.29 -6.70
N THR A 37 -6.31 2.14 -6.30
CA THR A 37 -6.79 0.85 -6.80
C THR A 37 -8.23 0.61 -6.36
N ILE A 38 -8.57 1.07 -5.16
CA ILE A 38 -9.91 0.90 -4.63
C ILE A 38 -10.90 1.85 -5.30
N ARG A 39 -10.70 3.15 -5.07
CA ARG A 39 -11.57 4.17 -5.65
C ARG A 39 -11.91 3.81 -7.10
N MET A 40 -10.94 3.28 -7.82
CA MET A 40 -11.14 2.91 -9.22
C MET A 40 -11.58 1.46 -9.33
N LYS A 41 -11.31 0.67 -8.30
CA LYS A 41 -11.68 -0.73 -8.27
C LYS A 41 -10.98 -1.50 -9.40
N LEU A 42 -9.68 -1.30 -9.52
CA LEU A 42 -8.89 -1.96 -10.56
C LEU A 42 -8.65 -3.42 -10.20
N GLU A 43 -8.60 -4.28 -11.21
CA GLU A 43 -8.37 -5.70 -11.00
C GLU A 43 -7.11 -6.16 -11.72
N TYR A 44 -6.45 -7.18 -11.17
CA TYR A 44 -5.23 -7.72 -11.76
C TYR A 44 -5.23 -9.23 -11.72
N GLU A 45 -4.44 -9.84 -12.59
CA GLU A 45 -4.34 -11.30 -12.66
C GLU A 45 -3.63 -11.85 -11.43
N LYS A 46 -3.71 -13.17 -11.25
CA LYS A 46 -3.07 -13.83 -10.11
C LYS A 46 -1.59 -14.08 -10.39
N CYS A 47 -0.72 -13.38 -9.68
CA CYS A 47 0.72 -13.54 -9.85
C CYS A 47 1.29 -14.48 -8.80
N GLU A 48 1.38 -15.76 -9.14
CA GLU A 48 1.91 -16.76 -8.22
C GLU A 48 3.36 -16.46 -7.87
N ARG A 49 4.12 -15.99 -8.85
CA ARG A 49 5.52 -15.66 -8.64
C ARG A 49 5.73 -15.02 -7.27
N SER A 50 4.75 -14.24 -6.83
CA SER A 50 4.83 -13.56 -5.54
C SER A 50 6.00 -12.59 -5.51
N CYS A 51 6.15 -11.80 -6.58
CA CYS A 51 7.24 -10.84 -6.66
C CYS A 51 7.47 -10.15 -5.32
N LYS A 52 8.72 -9.82 -5.06
CA LYS A 52 9.08 -9.16 -3.80
C LYS A 52 9.15 -7.64 -3.98
N ILE A 53 8.10 -6.95 -3.56
CA ILE A 53 8.05 -5.50 -3.68
C ILE A 53 9.14 -4.83 -2.85
N GLN A 54 10.23 -4.48 -3.51
CA GLN A 54 11.36 -3.84 -2.83
C GLN A 54 11.34 -2.33 -3.05
N LYS A 55 12.32 -1.64 -2.50
CA LYS A 55 12.42 -0.19 -2.63
C LYS A 55 12.94 0.19 -4.01
N LYS A 56 13.94 -0.54 -4.49
CA LYS A 56 14.53 -0.29 -5.79
C LYS A 56 13.50 -0.48 -6.90
N ASN A 57 12.86 -1.64 -6.91
CA ASN A 57 11.84 -1.95 -7.91
C ASN A 57 10.44 -1.88 -7.32
N ARG A 58 10.10 -0.71 -6.77
CA ARG A 58 8.78 -0.52 -6.17
C ARG A 58 7.68 -0.85 -7.16
N ASN A 59 7.72 -0.22 -8.33
CA ASN A 59 6.72 -0.46 -9.37
C ASN A 59 7.10 -1.64 -10.23
N LYS A 60 7.37 -2.78 -9.59
CA LYS A 60 7.75 -3.99 -10.30
C LYS A 60 6.51 -4.75 -10.77
N CYS A 61 5.69 -5.19 -9.82
CA CYS A 61 4.47 -5.93 -10.14
C CYS A 61 3.24 -5.15 -9.69
N GLN A 62 2.12 -5.39 -10.36
CA GLN A 62 0.87 -4.71 -10.03
C GLN A 62 0.11 -5.48 -8.97
N TYR A 63 -0.31 -6.71 -9.30
CA TYR A 63 -1.05 -7.55 -8.38
C TYR A 63 -0.29 -7.72 -7.06
N CYS A 64 0.85 -8.39 -7.12
CA CYS A 64 1.66 -8.63 -5.93
C CYS A 64 1.67 -7.39 -5.04
N ARG A 65 1.82 -6.22 -5.64
CA ARG A 65 1.83 -4.97 -4.89
C ARG A 65 0.51 -4.76 -4.15
N PHE A 66 -0.59 -4.98 -4.85
CA PHE A 66 -1.91 -4.81 -4.26
C PHE A 66 -2.17 -5.86 -3.19
N GLN A 67 -1.80 -7.10 -3.48
CA GLN A 67 -1.98 -8.19 -2.53
C GLN A 67 -1.32 -7.88 -1.20
N LYS A 68 -0.06 -7.46 -1.25
CA LYS A 68 0.69 -7.13 -0.04
C LYS A 68 -0.14 -6.23 0.87
N CYS A 69 -0.74 -5.20 0.29
CA CYS A 69 -1.57 -4.27 1.06
C CYS A 69 -2.69 -4.99 1.79
N LEU A 70 -3.39 -5.87 1.07
CA LEU A 70 -4.49 -6.62 1.66
C LEU A 70 -4.00 -7.52 2.79
N ALA A 71 -2.92 -8.27 2.52
CA ALA A 71 -2.35 -9.16 3.51
C ALA A 71 -1.95 -8.40 4.76
N LEU A 72 -1.36 -7.22 4.57
CA LEU A 72 -0.93 -6.40 5.70
C LEU A 72 -2.10 -6.08 6.63
N GLY A 73 -3.29 -6.02 6.06
CA GLY A 73 -4.47 -5.72 6.86
C GLY A 73 -5.07 -4.36 6.54
N MET A 74 -4.93 -3.93 5.29
CA MET A 74 -5.45 -2.64 4.87
C MET A 74 -6.96 -2.69 4.72
N SER A 75 -7.66 -1.81 5.43
CA SER A 75 -9.12 -1.75 5.38
C SER A 75 -9.59 -0.85 4.23
N HIS A 76 -10.51 -1.37 3.42
CA HIS A 76 -11.04 -0.62 2.29
C HIS A 76 -12.15 0.31 2.75
N ASN A 77 -13.06 -0.21 3.57
CA ASN A 77 -14.17 0.59 4.07
C ASN A 77 -13.68 1.71 4.98
N ALA A 78 -12.52 1.50 5.60
CA ALA A 78 -11.94 2.49 6.49
C ALA A 78 -11.19 3.56 5.71
N ILE A 79 -11.73 3.94 4.56
CA ILE A 79 -11.11 4.95 3.71
C ILE A 79 -11.99 6.20 3.61
N ARG A 80 -11.91 7.06 4.61
CA ARG A 80 -12.69 8.29 4.63
C ARG A 80 -11.78 9.51 4.67
N PHE A 81 -10.77 9.47 5.54
CA PHE A 81 -9.83 10.57 5.68
C PHE A 81 -9.11 10.84 4.36
N GLY A 82 -9.20 12.08 3.88
CA GLY A 82 -8.55 12.45 2.64
C GLY A 82 -8.87 13.87 2.22
N SER A 83 -7.87 14.74 2.27
CA SER A 83 -8.04 16.14 1.90
C SER A 83 -7.36 16.44 0.56
N GLY A 84 -8.09 16.24 -0.53
CA GLY A 84 -7.53 16.49 -1.84
C GLY A 84 -8.61 16.56 -2.91
N PRO A 85 -8.99 17.80 -3.29
CA PRO A 85 -10.02 18.02 -4.31
C PRO A 85 -9.53 17.64 -5.71
N SER A 86 -9.70 16.37 -6.07
CA SER A 86 -9.28 15.88 -7.37
C SER A 86 -10.48 15.52 -8.23
N SER A 87 -10.45 15.95 -9.49
CA SER A 87 -11.55 15.70 -10.41
C SER A 87 -11.02 15.37 -11.81
N GLY A 88 -11.81 14.63 -12.58
CA GLY A 88 -11.39 14.28 -13.93
C GLY A 88 -10.58 12.99 -13.96
N GLY A 1 25.55 -5.64 11.43
CA GLY A 1 26.61 -5.59 12.43
C GLY A 1 26.24 -4.74 13.62
N SER A 2 26.35 -3.43 13.48
CA SER A 2 26.04 -2.50 14.57
C SER A 2 24.75 -1.75 14.27
N SER A 3 24.63 -1.25 13.06
CA SER A 3 23.44 -0.50 12.65
C SER A 3 22.38 -1.43 12.06
N GLY A 4 21.18 -0.91 11.90
CA GLY A 4 20.10 -1.71 11.35
C GLY A 4 18.95 -1.88 12.33
N SER A 5 18.55 -0.79 12.98
CA SER A 5 17.46 -0.83 13.94
C SER A 5 16.14 -0.42 13.30
N SER A 6 15.42 -1.40 12.77
CA SER A 6 14.14 -1.14 12.11
C SER A 6 13.09 -0.71 13.13
N GLY A 7 12.23 0.23 12.74
CA GLY A 7 11.19 0.71 13.62
C GLY A 7 10.09 1.45 12.88
N MET A 8 10.48 2.34 11.99
CA MET A 8 9.53 3.12 11.21
C MET A 8 9.87 3.07 9.72
N GLU A 9 9.39 2.03 9.05
CA GLU A 9 9.64 1.86 7.63
C GLU A 9 8.46 1.17 6.94
N CYS A 10 8.05 1.72 5.81
CA CYS A 10 6.92 1.17 5.05
C CYS A 10 7.02 -0.35 5.00
N ARG A 11 5.88 -1.01 5.20
CA ARG A 11 5.82 -2.47 5.18
C ARG A 11 5.47 -2.97 3.78
N VAL A 12 5.44 -2.06 2.82
CA VAL A 12 5.11 -2.41 1.44
C VAL A 12 6.35 -2.32 0.55
N CYS A 13 6.92 -1.12 0.47
CA CYS A 13 8.10 -0.89 -0.36
C CYS A 13 9.37 -1.00 0.48
N GLY A 14 9.34 -0.43 1.68
CA GLY A 14 10.49 -0.46 2.56
C GLY A 14 10.91 0.92 3.02
N ASP A 15 10.85 1.89 2.12
CA ASP A 15 11.24 3.26 2.42
C ASP A 15 10.61 3.70 3.75
N LYS A 16 11.21 4.72 4.36
CA LYS A 16 10.71 5.24 5.64
C LYS A 16 9.19 5.31 5.63
N ALA A 17 8.57 4.93 6.75
CA ALA A 17 7.12 4.96 6.87
C ALA A 17 6.64 6.36 7.22
N SER A 18 6.01 7.02 6.24
CA SER A 18 5.50 8.37 6.43
C SER A 18 4.59 8.43 7.66
N GLY A 19 3.54 7.62 7.66
CA GLY A 19 2.62 7.59 8.78
C GLY A 19 1.99 6.23 8.99
N PHE A 20 0.81 6.21 9.58
CA PHE A 20 0.09 4.96 9.83
C PHE A 20 -1.28 4.96 9.18
N HIS A 21 -1.34 4.53 7.93
CA HIS A 21 -2.59 4.48 7.18
C HIS A 21 -3.11 3.05 7.08
N TYR A 22 -4.42 2.92 6.98
CA TYR A 22 -5.05 1.60 6.87
C TYR A 22 -4.54 0.67 7.97
N GLY A 23 -4.22 1.25 9.12
CA GLY A 23 -3.73 0.46 10.24
C GLY A 23 -2.49 -0.33 9.89
N VAL A 24 -1.72 0.17 8.92
CA VAL A 24 -0.50 -0.50 8.49
C VAL A 24 0.60 0.51 8.18
N HIS A 25 1.75 0.34 8.83
CA HIS A 25 2.88 1.23 8.62
C HIS A 25 3.25 1.32 7.14
N ALA A 26 2.67 2.31 6.45
CA ALA A 26 2.93 2.50 5.03
C ALA A 26 3.43 3.91 4.76
N CYS A 27 3.95 4.13 3.54
CA CYS A 27 4.46 5.44 3.16
C CYS A 27 3.44 6.18 2.29
N GLU A 28 3.76 7.42 1.94
CA GLU A 28 2.88 8.23 1.12
C GLU A 28 2.72 7.63 -0.27
N GLY A 29 3.83 7.20 -0.87
CA GLY A 29 3.78 6.61 -2.18
C GLY A 29 2.80 5.47 -2.27
N CYS A 30 3.14 4.34 -1.67
CA CYS A 30 2.28 3.16 -1.67
C CYS A 30 0.82 3.55 -1.41
N LYS A 31 0.60 4.30 -0.33
CA LYS A 31 -0.74 4.74 0.04
C LYS A 31 -1.55 5.09 -1.20
N GLY A 32 -1.01 5.97 -2.04
CA GLY A 32 -1.70 6.37 -3.25
C GLY A 32 -2.07 5.19 -4.12
N PHE A 33 -1.16 4.23 -4.22
CA PHE A 33 -1.40 3.03 -5.04
C PHE A 33 -2.64 2.29 -4.56
N PHE A 34 -2.67 1.93 -3.29
CA PHE A 34 -3.80 1.21 -2.71
C PHE A 34 -5.10 1.95 -2.98
N ARG A 35 -5.20 3.17 -2.47
CA ARG A 35 -6.39 3.99 -2.66
C ARG A 35 -6.81 4.03 -4.12
N ARG A 36 -5.91 4.50 -4.98
CA ARG A 36 -6.18 4.59 -6.42
C ARG A 36 -6.88 3.31 -6.90
N THR A 37 -6.29 2.17 -6.61
CA THR A 37 -6.85 0.89 -7.02
C THR A 37 -8.27 0.71 -6.49
N ILE A 38 -8.52 1.23 -5.29
CA ILE A 38 -9.83 1.13 -4.67
C ILE A 38 -10.82 2.09 -5.32
N ARG A 39 -10.57 3.39 -5.19
CA ARG A 39 -11.43 4.40 -5.77
C ARG A 39 -11.68 4.12 -7.25
N MET A 40 -10.71 3.50 -7.90
CA MET A 40 -10.82 3.17 -9.33
C MET A 40 -11.37 1.76 -9.51
N LYS A 41 -11.37 0.99 -8.44
CA LYS A 41 -11.87 -0.39 -8.49
C LYS A 41 -11.16 -1.18 -9.58
N LEU A 42 -9.84 -1.05 -9.65
CA LEU A 42 -9.04 -1.76 -10.64
C LEU A 42 -8.81 -3.21 -10.22
N GLU A 43 -8.87 -4.12 -11.19
CA GLU A 43 -8.67 -5.53 -10.92
C GLU A 43 -7.37 -6.03 -11.54
N TYR A 44 -6.96 -7.24 -11.18
CA TYR A 44 -5.74 -7.82 -11.70
C TYR A 44 -5.83 -9.34 -11.73
N GLU A 45 -4.90 -9.97 -12.45
CA GLU A 45 -4.88 -11.42 -12.55
C GLU A 45 -3.99 -12.03 -11.47
N LYS A 46 -4.46 -13.13 -10.88
CA LYS A 46 -3.71 -13.81 -9.83
C LYS A 46 -2.28 -14.10 -10.28
N CYS A 47 -1.32 -13.40 -9.68
CA CYS A 47 0.09 -13.58 -10.02
C CYS A 47 0.75 -14.57 -9.06
N GLU A 48 0.81 -15.82 -9.48
CA GLU A 48 1.42 -16.87 -8.66
C GLU A 48 2.83 -16.47 -8.23
N ARG A 49 3.63 -16.02 -9.18
CA ARG A 49 5.00 -15.60 -8.90
C ARG A 49 5.10 -14.95 -7.53
N SER A 50 4.06 -14.22 -7.15
CA SER A 50 4.03 -13.54 -5.85
C SER A 50 5.22 -12.59 -5.71
N CYS A 51 5.51 -11.86 -6.77
CA CYS A 51 6.62 -10.91 -6.76
C CYS A 51 6.78 -10.26 -5.39
N LYS A 52 8.00 -9.87 -5.07
CA LYS A 52 8.29 -9.23 -3.78
C LYS A 52 8.61 -7.75 -3.97
N ILE A 53 7.68 -6.89 -3.55
CA ILE A 53 7.87 -5.46 -3.66
C ILE A 53 9.08 -4.99 -2.85
N GLN A 54 10.07 -4.45 -3.55
CA GLN A 54 11.28 -3.96 -2.90
C GLN A 54 11.56 -2.51 -3.27
N LYS A 55 12.34 -1.83 -2.44
CA LYS A 55 12.68 -0.43 -2.68
C LYS A 55 13.29 -0.25 -4.07
N LYS A 56 14.31 -1.04 -4.38
CA LYS A 56 14.98 -0.98 -5.67
C LYS A 56 13.96 -0.91 -6.80
N ASN A 57 12.97 -1.81 -6.75
CA ASN A 57 11.93 -1.84 -7.78
C ASN A 57 10.55 -1.77 -7.15
N ARG A 58 10.11 -0.55 -6.83
CA ARG A 58 8.81 -0.35 -6.22
C ARG A 58 7.69 -0.72 -7.19
N ASN A 59 7.72 -0.13 -8.38
CA ASN A 59 6.71 -0.40 -9.39
C ASN A 59 7.11 -1.59 -10.26
N LYS A 60 6.74 -2.78 -9.83
CA LYS A 60 7.06 -4.01 -10.57
C LYS A 60 5.80 -4.79 -10.92
N CYS A 61 5.10 -5.25 -9.90
CA CYS A 61 3.87 -6.01 -10.10
C CYS A 61 2.67 -5.26 -9.53
N GLN A 62 1.55 -5.32 -10.24
CA GLN A 62 0.34 -4.64 -9.81
C GLN A 62 -0.46 -5.52 -8.83
N TYR A 63 -0.62 -6.79 -9.19
CA TYR A 63 -1.36 -7.74 -8.36
C TYR A 63 -0.70 -7.88 -6.99
N CYS A 64 0.56 -8.32 -7.00
CA CYS A 64 1.31 -8.51 -5.76
C CYS A 64 1.26 -7.26 -4.89
N ARG A 65 1.72 -6.14 -5.46
CA ARG A 65 1.73 -4.87 -4.75
C ARG A 65 0.46 -4.70 -3.91
N PHE A 66 -0.69 -4.95 -4.55
CA PHE A 66 -1.97 -4.82 -3.87
C PHE A 66 -2.15 -5.92 -2.83
N GLN A 67 -2.03 -7.17 -3.27
CA GLN A 67 -2.18 -8.31 -2.37
C GLN A 67 -1.42 -8.08 -1.07
N LYS A 68 -0.14 -7.75 -1.20
CA LYS A 68 0.71 -7.51 -0.03
C LYS A 68 -0.02 -6.66 1.00
N CYS A 69 -0.56 -5.54 0.56
CA CYS A 69 -1.29 -4.63 1.45
C CYS A 69 -2.35 -5.39 2.24
N LEU A 70 -3.20 -6.13 1.53
CA LEU A 70 -4.26 -6.90 2.16
C LEU A 70 -3.72 -7.74 3.30
N ALA A 71 -2.64 -8.48 3.03
CA ALA A 71 -2.02 -9.33 4.03
C ALA A 71 -1.50 -8.50 5.20
N LEU A 72 -0.96 -7.33 4.90
CA LEU A 72 -0.43 -6.44 5.93
C LEU A 72 -1.51 -6.07 6.94
N GLY A 73 -2.76 -6.03 6.47
CA GLY A 73 -3.86 -5.68 7.35
C GLY A 73 -4.58 -4.42 6.90
N MET A 74 -4.57 -4.17 5.59
CA MET A 74 -5.22 -2.98 5.04
C MET A 74 -6.72 -3.22 4.90
N SER A 75 -7.44 -2.18 4.47
CA SER A 75 -8.88 -2.26 4.30
C SER A 75 -9.38 -1.22 3.31
N HIS A 76 -10.42 -1.56 2.57
CA HIS A 76 -11.00 -0.65 1.58
C HIS A 76 -12.17 0.12 2.17
N ASN A 77 -12.94 -0.54 3.03
CA ASN A 77 -14.09 0.09 3.67
C ASN A 77 -13.68 0.86 4.91
N ALA A 78 -12.52 1.52 4.83
CA ALA A 78 -12.02 2.30 5.96
C ALA A 78 -11.69 3.73 5.53
N ILE A 79 -11.04 3.87 4.38
CA ILE A 79 -10.69 5.18 3.84
C ILE A 79 -11.73 6.23 4.24
N ARG A 80 -11.32 7.14 5.11
CA ARG A 80 -12.21 8.21 5.57
C ARG A 80 -12.15 9.41 4.63
N PHE A 81 -10.93 9.84 4.32
CA PHE A 81 -10.72 10.98 3.43
C PHE A 81 -10.75 10.55 1.97
N GLY A 82 -11.58 11.21 1.17
CA GLY A 82 -11.69 10.88 -0.24
C GLY A 82 -12.89 11.53 -0.89
N SER A 83 -12.79 12.82 -1.18
CA SER A 83 -13.88 13.55 -1.81
C SER A 83 -13.69 13.61 -3.31
N GLY A 84 -14.73 13.24 -4.05
CA GLY A 84 -14.67 13.26 -5.50
C GLY A 84 -15.31 14.51 -6.10
N PRO A 85 -14.50 15.31 -6.80
CA PRO A 85 -14.97 16.55 -7.43
C PRO A 85 -15.89 16.28 -8.61
N SER A 86 -16.57 17.32 -9.08
CA SER A 86 -17.48 17.19 -10.21
C SER A 86 -16.88 17.80 -11.47
N SER A 87 -15.58 17.55 -11.68
CA SER A 87 -14.87 18.07 -12.85
C SER A 87 -14.58 16.96 -13.85
N GLY A 88 -15.57 16.09 -14.07
CA GLY A 88 -15.39 14.99 -15.00
C GLY A 88 -14.16 14.17 -14.70
#